data_5EF5
#
_entry.id   5EF5
#
_cell.length_a   183.830
_cell.length_b   183.830
_cell.length_c   272.900
_cell.angle_alpha   90.00
_cell.angle_beta   90.00
_cell.angle_gamma   90.00
#
_symmetry.space_group_name_H-M   'P 41 21 2'
#
_entity_poly.entity_id   1
_entity_poly.type   'polypeptide(L)'
_entity_poly.pdbx_seq_one_letter_code
;(UNK)(UNK)(UNK)(UNK)(UNK)(UNK)(UNK)(UNK)(UNK)(UNK)(UNK)(UNK)(UNK)(UNK)(UNK)(UNK)
(UNK)(UNK)(UNK)(UNK)(UNK)(UNK)(UNK)(UNK)(UNK)(UNK)(UNK)(UNK)(UNK)(UNK)(UNK)(UNK)
(UNK)(UNK)(UNK)(UNK)(UNK)(UNK)(UNK)(UNK)(UNK)(UNK)(UNK)(UNK)(UNK)(UNK)(UNK)(UNK)
(UNK)(UNK)(UNK)(UNK)(UNK)(UNK)(UNK)(UNK)(UNK)(UNK)(UNK)(UNK)(UNK)(UNK)(UNK)(UNK)
(UNK)(UNK)(UNK)(UNK)(UNK)(UNK)(UNK)(UNK)(UNK)(UNK)(UNK)(UNK)(UNK)(UNK)(UNK)(UNK)
(UNK)(UNK)(UNK)(UNK)(UNK)(UNK)(UNK)(UNK)(UNK)(UNK)(UNK)(UNK)(UNK)(UNK)(UNK)(UNK)
(UNK)(UNK)(UNK)(UNK)(UNK)(UNK)(UNK)(UNK)(UNK)(UNK)(UNK)(UNK)(UNK)(UNK)(UNK)(UNK)
(UNK)(UNK)(UNK)(UNK)(UNK)(UNK)(UNK)(UNK)(UNK)(UNK)(UNK)(UNK)(UNK)(UNK)(UNK)(UNK)
(UNK)(UNK)(UNK)(UNK)(UNK)(UNK)(UNK)(UNK)(UNK)(UNK)(UNK)(UNK)(UNK)(UNK)(UNK)(UNK)
(UNK)(UNK)(UNK)(UNK)(UNK)(UNK)(UNK)(UNK)(UNK)(UNK)(UNK)(UNK)(UNK)(UNK)(UNK)(UNK)
(UNK)(UNK)(UNK)(UNK)(UNK)(UNK)(UNK)(UNK)(UNK)(UNK)(UNK)(UNK)(UNK)(UNK)(UNK)(UNK)
(UNK)(UNK)(UNK)(UNK)(UNK)(UNK)(UNK)(UNK)(UNK)(UNK)(UNK)(UNK)(UNK)(UNK)(UNK)(UNK)
(UNK)(UNK)(UNK)(UNK)(UNK)(UNK)(UNK)(UNK)(UNK)(UNK)(UNK)(UNK)(UNK)(UNK)(UNK)(UNK)
(UNK)(UNK)(UNK)(UNK)(UNK)(UNK)(UNK)(UNK)(UNK)(UNK)(UNK)(UNK)(UNK)(UNK)(UNK)(UNK)
(UNK)(UNK)(UNK)(UNK)(UNK)(UNK)(UNK)(UNK)(UNK)(UNK)(UNK)(UNK)(UNK)(UNK)(UNK)(UNK)
(UNK)(UNK)(UNK)(UNK)(UNK)(UNK)(UNK)(UNK)(UNK)(UNK)(UNK)(UNK)(UNK)(UNK)(UNK)(UNK)
(UNK)(UNK)(UNK)(UNK)(UNK)(UNK)(UNK)(UNK)(UNK)(UNK)(UNK)(UNK)(UNK)(UNK)(UNK)(UNK)
(UNK)(UNK)(UNK)(UNK)(UNK)(UNK)(UNK)(UNK)(UNK)(UNK)(UNK)(UNK)(UNK)(UNK)(UNK)(UNK)
(UNK)(UNK)(UNK)(UNK)(UNK)(UNK)(UNK)(UNK)(UNK)(UNK)(UNK)(UNK)(UNK)(UNK)(UNK)(UNK)
(UNK)(UNK)(UNK)(UNK)(UNK)(UNK)(UNK)(UNK)(UNK)(UNK)(UNK)(UNK)(UNK)(UNK)(UNK)(UNK)
(UNK)(UNK)(UNK)(UNK)(UNK)(UNK)(UNK)(UNK)(UNK)(UNK)(UNK)(UNK)(UNK)(UNK)(UNK)(UNK)
(UNK)(UNK)(UNK)(UNK)(UNK)(UNK)(UNK)(UNK)(UNK)(UNK)(UNK)(UNK)(UNK)(UNK)(UNK)(UNK)
(UNK)(UNK)(UNK)(UNK)(UNK)(UNK)(UNK)(UNK)(UNK)(UNK)(UNK)(UNK)(UNK)(UNK)(UNK)(UNK)
(UNK)(UNK)(UNK)(UNK)(UNK)(UNK)(UNK)(UNK)(UNK)(UNK)(UNK)(UNK)(UNK)(UNK)(UNK)(UNK)
(UNK)(UNK)(UNK)(UNK)(UNK)(UNK)(UNK)(UNK)(UNK)(UNK)(UNK)(UNK)(UNK)(UNK)(UNK)(UNK)
(UNK)(UNK)(UNK)(UNK)(UNK)(UNK)(UNK)(UNK)(UNK)(UNK)(UNK)(UNK)(UNK)(UNK)(UNK)(UNK)
(UNK)(UNK)(UNK)(UNK)(UNK)(UNK)(UNK)(UNK)(UNK)(UNK)(UNK)(UNK)(UNK)(UNK)(UNK)(UNK)
(UNK)(UNK)(UNK)(UNK)(UNK)(UNK)(UNK)(UNK)(UNK)(UNK)(UNK)(UNK)(UNK)(UNK)(UNK)(UNK)
(UNK)(UNK)(UNK)(UNK)(UNK)(UNK)(UNK)(UNK)(UNK)(UNK)(UNK)(UNK)(UNK)(UNK)(UNK)(UNK)
(UNK)(UNK)(UNK)(UNK)(UNK)(UNK)(UNK)(UNK)(UNK)(UNK)(UNK)(UNK)(UNK)(UNK)(UNK)(UNK)
(UNK)(UNK)(UNK)(UNK)(UNK)(UNK)(UNK)(UNK)(UNK)(UNK)(UNK)(UNK)(UNK)(UNK)(UNK)(UNK)
(UNK)(UNK)(UNK)(UNK)(UNK)(UNK)(UNK)(UNK)(UNK)(UNK)(UNK)(UNK)(UNK)(UNK)(UNK)(UNK)
(UNK)(UNK)(UNK)(UNK)(UNK)(UNK)(UNK)(UNK)(UNK)(UNK)(UNK)(UNK)(UNK)(UNK)(UNK)(UNK)
(UNK)(UNK)(UNK)(UNK)(UNK)(UNK)(UNK)(UNK)(UNK)(UNK)(UNK)(UNK)(UNK)(UNK)(UNK)(UNK)
(UNK)(UNK)(UNK)(UNK)(UNK)(UNK)(UNK)(UNK)(UNK)(UNK)(UNK)(UNK)(UNK)(UNK)(UNK)(UNK)
(UNK)(UNK)(UNK)(UNK)(UNK)(UNK)(UNK)(UNK)(UNK)(UNK)(UNK)(UNK)(UNK)(UNK)(UNK)(UNK)
(UNK)(UNK)(UNK)(UNK)(UNK)(UNK)(UNK)(UNK)(UNK)(UNK)(UNK)(UNK)(UNK)(UNK)(UNK)(UNK)
(UNK)(UNK)(UNK)(UNK)(UNK)(UNK)(UNK)(UNK)(UNK)(UNK)(UNK)(UNK)(UNK)(UNK)(UNK)(UNK)
(UNK)(UNK)(UNK)(UNK)(UNK)(UNK)(UNK)(UNK)(UNK)(UNK)(UNK)(UNK)(UNK)(UNK)(UNK)(UNK)
(UNK)(UNK)(UNK)(UNK)(UNK)(UNK)(UNK)(UNK)(UNK)(UNK)(UNK)(UNK)(UNK)(UNK)(UNK)(UNK)
(UNK)(UNK)(UNK)(UNK)(UNK)(UNK)(UNK)(UNK)(UNK)(UNK)(UNK)(UNK)(UNK)(UNK)(UNK)(UNK)
(UNK)(UNK)(UNK)(UNK)(UNK)(UNK)(UNK)(UNK)(UNK)(UNK)(UNK)(UNK)(UNK)(UNK)(UNK)(UNK)
(UNK)(UNK)(UNK)(UNK)(UNK)(UNK)(UNK)(UNK)(UNK)(UNK)(UNK)(UNK)(UNK)(UNK)(UNK)(UNK)
(UNK)(UNK)(UNK)(UNK)(UNK)(UNK)(UNK)(UNK)(UNK)(UNK)(UNK)(UNK)(UNK)(UNK)(UNK)(UNK)
(UNK)(UNK)(UNK)(UNK)(UNK)(UNK)(UNK)(UNK)(UNK)(UNK)(UNK)(UNK)(UNK)(UNK)(UNK)(UNK)
(UNK)(UNK)(UNK)(UNK)(UNK)(UNK)(UNK)(UNK)(UNK)(UNK)(UNK)(UNK)(UNK)(UNK)(UNK)(UNK)
(UNK)(UNK)(UNK)(UNK)(UNK)(UNK)(UNK)(UNK)(UNK)(UNK)(UNK)(UNK)(UNK)(UNK)(UNK)(UNK)
(UNK)(UNK)(UNK)(UNK)(UNK)(UNK)(UNK)(UNK)(UNK)(UNK)(UNK)(UNK)(UNK)(UNK)(UNK)(UNK)
(UNK)(UNK)(UNK)(UNK)(UNK)(UNK)(UNK)(UNK)(UNK)(UNK)(UNK)(UNK)(UNK)(UNK)(UNK)(UNK)
(UNK)(UNK)(UNK)(UNK)(UNK)(UNK)(UNK)(UNK)(UNK)(UNK)(UNK)(UNK)(UNK)(UNK)(UNK)(UNK)
(UNK)(UNK)(UNK)(UNK)(UNK)(UNK)(UNK)(UNK)(UNK)(UNK)(UNK)(UNK)(UNK)(UNK)(UNK)(UNK)
(UNK)(UNK)(UNK)(UNK)(UNK)(UNK)(UNK)(UNK)(UNK)(UNK)(UNK)(UNK)(UNK)(UNK)(UNK)(UNK)
(UNK)(UNK)(UNK)(UNK)(UNK)(UNK)(UNK)(UNK)(UNK)(UNK)(UNK)(UNK)(UNK)(UNK)(UNK)(UNK)
(UNK)(UNK)(UNK)(UNK)(UNK)(UNK)(UNK)(UNK)(UNK)(UNK)(UNK)(UNK)(UNK)(UNK)(UNK)(UNK)
(UNK)(UNK)(UNK)(UNK)(UNK)(UNK)(UNK)(UNK)(UNK)(UNK)(UNK)(UNK)(UNK)(UNK)(UNK)(UNK)
(UNK)(UNK)(UNK)(UNK)(UNK)(UNK)(UNK)(UNK)(UNK)(UNK)(UNK)(UNK)(UNK)(UNK)(UNK)(UNK)
(UNK)(UNK)(UNK)(UNK)(UNK)(UNK)(UNK)(UNK)(UNK)(UNK)(UNK)(UNK)(UNK)(UNK)(UNK)(UNK)
(UNK)(UNK)(UNK)(UNK)(UNK)(UNK)(UNK)(UNK)(UNK)(UNK)(UNK)(UNK)(UNK)(UNK)(UNK)(UNK)
(UNK)(UNK)(UNK)(UNK)(UNK)(UNK)(UNK)(UNK)(UNK)(UNK)(UNK)(UNK)(UNK)(UNK)(UNK)(UNK)
(UNK)(UNK)(UNK)(UNK)(UNK)(UNK)(UNK)(UNK)(UNK)(UNK)(UNK)(UNK)(UNK)(UNK)(UNK)(UNK)
(UNK)(UNK)(UNK)(UNK)(UNK)(UNK)(UNK)(UNK)(UNK)(UNK)(UNK)(UNK)(UNK)(UNK)(UNK)(UNK)
(UNK)(UNK)(UNK)(UNK)(UNK)(UNK)(UNK)(UNK)(UNK)(UNK)(UNK)(UNK)(UNK)(UNK)(UNK)(UNK)
(UNK)(UNK)(UNK)(UNK)(UNK)(UNK)(UNK)(UNK)(UNK)(UNK)(UNK)(UNK)(UNK)(UNK)(UNK)(UNK)
(UNK)(UNK)(UNK)(UNK)(UNK)(UNK)(UNK)(UNK)(UNK)(UNK)(UNK)(UNK)(UNK)(UNK)(UNK)(UNK)
(UNK)(UNK)(UNK)(UNK)(UNK)
;
_entity_poly.pdbx_strand_id   E,A
#
# COMPACT_ATOMS: atom_id res chain seq x y z
N UNK A 1 -13.35 34.62 -25.01
CA UNK A 1 -12.65 34.36 -23.75
C UNK A 1 -11.17 34.17 -23.98
N UNK A 2 -10.36 34.59 -23.01
CA UNK A 2 -8.91 34.50 -23.13
C UNK A 2 -8.49 33.05 -22.97
N UNK A 3 -7.64 32.56 -23.88
CA UNK A 3 -7.38 31.14 -23.95
C UNK A 3 -6.12 30.70 -23.20
N UNK A 4 -5.30 31.64 -22.77
CA UNK A 4 -4.06 31.28 -22.07
C UNK A 4 -4.20 31.34 -20.55
N UNK A 5 -5.43 31.57 -20.09
CA UNK A 5 -5.66 31.71 -18.65
C UNK A 5 -6.63 30.68 -18.12
N UNK A 6 -6.09 29.78 -17.30
CA UNK A 6 -6.87 28.73 -16.65
C UNK A 6 -6.12 28.31 -15.40
N UNK A 7 -6.75 27.54 -14.53
CA UNK A 7 -6.08 27.11 -13.31
C UNK A 7 -4.80 26.34 -13.60
N UNK A 8 -4.83 25.49 -14.62
CA UNK A 8 -3.64 24.75 -15.01
C UNK A 8 -2.58 25.71 -15.51
N UNK A 9 -3.03 26.78 -16.16
CA UNK A 9 -2.12 27.74 -16.78
C UNK A 9 -1.27 28.48 -15.76
N UNK A 10 -1.90 28.98 -14.70
CA UNK A 10 -1.19 29.73 -13.67
C UNK A 10 -0.25 28.88 -12.81
N UNK A 11 -0.79 27.81 -12.25
CA UNK A 11 -0.13 27.02 -11.24
C UNK A 11 -0.24 25.55 -11.60
N UNK A 12 0.89 24.86 -11.70
CA UNK A 12 0.80 23.42 -11.92
C UNK A 12 1.07 22.63 -10.64
N UNK A 13 1.34 23.33 -9.55
CA UNK A 13 1.63 22.67 -8.28
C UNK A 13 0.71 23.18 -7.18
N UNK A 14 0.03 22.27 -6.51
CA UNK A 14 -0.83 22.65 -5.39
C UNK A 14 0.00 23.27 -4.27
N UNK A 15 -0.61 24.16 -3.50
CA UNK A 15 0.08 24.81 -2.40
C UNK A 15 -0.07 23.99 -1.11
N UNK A 16 -2.37 23.09 4.08
CA UNK A 16 -2.36 21.65 3.77
C UNK A 16 -3.71 20.90 3.74
N UNK A 17 -4.76 21.30 4.48
CA UNK A 17 -4.77 22.31 5.52
C UNK A 17 -5.21 21.67 6.83
N UNK A 18 -4.78 22.24 7.94
CA UNK A 18 -5.11 21.69 9.25
C UNK A 18 -6.61 21.73 9.46
N UNK A 19 -7.18 20.58 9.79
CA UNK A 19 -8.61 20.49 10.04
C UNK A 19 -8.90 20.60 11.52
N UNK A 20 -7.85 20.75 12.33
CA UNK A 20 -7.98 20.73 13.79
C UNK A 20 -8.57 19.39 14.23
N UNK A 21 -9.53 19.44 15.14
CA UNK A 21 -10.20 18.22 15.57
C UNK A 21 -11.72 18.35 15.39
N UNK A 22 -12.27 17.53 14.51
CA UNK A 22 -13.69 17.59 14.18
C UNK A 22 -14.46 16.56 15.01
N UNK A 23 -13.71 15.78 15.77
CA UNK A 23 -14.26 14.72 16.59
C UNK A 23 -14.33 15.14 18.05
N UNK A 24 -15.33 14.66 18.78
CA UNK A 24 -15.34 14.88 20.23
C UNK A 24 -14.22 14.02 20.81
N UNK A 25 -13.40 14.60 21.68
CA UNK A 25 -12.22 13.91 22.17
C UNK A 25 -12.46 12.89 23.27
N UNK A 26 -13.33 13.22 24.23
CA UNK A 26 -13.52 12.32 25.36
C UNK A 26 -14.96 11.86 25.49
N UNK A 27 -15.22 10.60 25.13
CA UNK A 27 -16.57 10.10 25.21
C UNK A 27 -16.79 9.51 26.60
N UNK A 28 -17.59 10.22 27.39
CA UNK A 28 -17.91 9.78 28.75
C UNK A 28 -19.33 10.20 29.07
N UNK A 29 -20.07 9.36 29.77
CA UNK A 29 -21.47 9.66 30.08
C UNK A 29 -21.82 9.37 31.53
N UNK A 30 -22.64 10.21 32.13
CA UNK A 30 -23.09 9.93 33.48
C UNK A 30 -23.97 8.70 33.38
N UNK A 31 -23.66 7.69 34.19
CA UNK A 31 -24.29 6.38 34.03
C UNK A 31 -25.29 6.11 35.13
N UNK A 32 -24.79 5.97 36.34
CA UNK A 32 -25.68 5.71 37.47
C UNK A 32 -25.77 6.96 38.33
N UNK A 33 -27.01 7.37 38.60
CA UNK A 33 -27.27 8.52 39.43
C UNK A 33 -28.12 8.11 40.62
N UNK A 34 -27.76 8.57 41.80
CA UNK A 34 -28.51 8.25 43.00
C UNK A 34 -29.27 9.46 43.52
N UNK A 35 -30.56 9.28 43.80
CA UNK A 35 -31.36 10.40 44.29
C UNK A 35 -31.80 10.17 45.72
N UNK A 36 -31.36 11.04 46.62
CA UNK A 36 -31.69 10.95 48.04
C UNK A 36 -32.42 12.19 48.53
N UNK A 37 -33.68 12.04 48.92
CA UNK A 37 -34.43 13.18 49.43
C UNK A 37 -34.92 13.01 50.87
N UNK A 38 -34.30 13.73 51.79
CA UNK A 38 -34.73 13.78 53.19
C UNK A 38 -35.21 15.22 53.48
N UNK A 39 -36.49 15.51 53.76
CA UNK A 39 -37.66 14.62 53.89
C UNK A 39 -37.59 13.64 55.05
N UNK A 40 -36.99 14.10 56.15
CA UNK A 40 -36.98 13.36 57.42
C UNK A 40 -36.42 11.95 57.27
N UNK A 41 -52.23 9.02 51.99
CA UNK A 41 -51.12 8.67 52.87
C UNK A 41 -49.88 9.50 52.55
N UNK A 42 -49.34 10.16 53.57
CA UNK A 42 -48.16 11.00 53.41
C UNK A 42 -46.94 10.21 52.92
N UNK A 43 -46.77 9.00 53.46
CA UNK A 43 -45.67 8.12 53.07
C UNK A 43 -45.82 7.76 51.60
N UNK A 44 -47.05 7.46 51.19
CA UNK A 44 -47.37 7.13 49.81
C UNK A 44 -47.03 8.33 48.95
N UNK A 45 -47.30 9.52 49.46
CA UNK A 45 -46.98 10.76 48.75
C UNK A 45 -45.48 10.89 48.54
N UNK A 46 -44.70 10.56 49.57
CA UNK A 46 -43.25 10.62 49.47
C UNK A 46 -42.75 9.63 48.42
N UNK A 47 -43.35 8.45 48.43
CA UNK A 47 -43.00 7.42 47.46
C UNK A 47 -43.32 7.91 46.05
N UNK A 48 -44.44 8.62 45.93
CA UNK A 48 -44.86 9.20 44.66
C UNK A 48 -43.84 10.22 44.21
N UNK A 49 -43.31 10.98 45.17
CA UNK A 49 -42.26 11.95 44.87
C UNK A 49 -41.02 11.23 44.33
N UNK A 50 -40.69 10.10 44.94
CA UNK A 50 -39.52 9.33 44.52
C UNK A 50 -39.67 8.77 43.10
N UNK A 51 -40.81 8.12 42.86
CA UNK A 51 -41.09 7.54 41.55
C UNK A 51 -41.11 8.62 40.49
N UNK A 52 -41.72 9.75 40.83
CA UNK A 52 -41.76 10.90 39.95
C UNK A 52 -40.35 11.33 39.59
N UNK A 53 -39.48 11.41 40.60
CA UNK A 53 -38.10 11.79 40.37
C UNK A 53 -37.40 10.80 39.44
N UNK A 54 -37.67 9.51 39.61
CA UNK A 54 -37.05 8.48 38.79
C UNK A 54 -37.48 8.61 37.34
N UNK A 55 -38.78 8.77 37.13
CA UNK A 55 -39.34 8.93 35.80
C UNK A 55 -38.80 10.20 35.17
N UNK A 56 -38.65 11.23 35.99
CA UNK A 56 -38.18 12.53 35.52
C UNK A 56 -36.74 12.43 35.05
N UNK A 57 -35.92 11.68 35.78
CA UNK A 57 -34.52 11.54 35.42
C UNK A 57 -34.37 10.70 34.16
N UNK A 58 -35.10 9.60 34.08
CA UNK A 58 -35.04 8.75 32.90
C UNK A 58 -35.52 9.54 31.67
N UNK A 59 -36.47 10.44 31.88
CA UNK A 59 -37.00 11.27 30.80
C UNK A 59 -35.91 12.12 30.17
N UNK A 60 -34.99 12.62 30.99
CA UNK A 60 -33.91 13.46 30.51
C UNK A 60 -32.97 12.68 29.60
N UNK A 61 -32.54 11.52 30.08
CA UNK A 61 -31.66 10.65 29.30
C UNK A 61 -32.00 9.19 29.57
N UNK A 62 -32.08 8.40 28.51
CA UNK A 62 -32.33 6.96 28.67
C UNK A 62 -31.13 6.25 29.29
N UNK A 63 -29.93 6.66 28.89
CA UNK A 63 -28.70 6.02 29.35
C UNK A 63 -28.47 6.14 30.85
N UNK A 64 -28.76 7.31 31.40
CA UNK A 64 -28.54 7.54 32.82
C UNK A 64 -29.44 6.65 33.65
N UNK A 65 -28.87 6.05 34.69
CA UNK A 65 -29.63 5.15 35.55
C UNK A 65 -29.91 5.84 36.88
N UNK A 66 -31.18 5.98 37.22
CA UNK A 66 -31.59 6.71 38.42
C UNK A 66 -31.89 5.75 39.56
N UNK A 67 -31.28 6.00 40.71
CA UNK A 67 -31.59 5.24 41.92
C UNK A 67 -32.21 6.16 42.97
N UNK A 68 -33.26 5.67 43.63
CA UNK A 68 -33.98 6.46 44.61
C UNK A 68 -33.74 5.95 46.02
N UNK A 69 -33.27 6.87 46.87
CA UNK A 69 -33.07 6.59 48.29
C UNK A 69 -33.89 7.59 49.08
N UNK A 70 -34.73 7.11 50.00
CA UNK A 70 -35.62 8.02 50.71
C UNK A 70 -35.25 8.16 52.20
N UNK A 71 -34.89 9.40 52.58
CA UNK A 71 -34.52 9.71 53.96
C UNK A 71 -33.41 8.79 54.46
N UNK A 72 -32.39 8.58 53.63
CA UNK A 72 -31.37 7.59 53.91
C UNK A 72 -30.54 7.89 55.15
N UNK A 73 -30.15 6.84 55.86
CA UNK A 73 -29.32 6.96 57.05
C UNK A 73 -27.90 7.34 56.63
N UNK A 74 -27.15 7.94 57.55
CA UNK A 74 -25.79 8.36 57.25
C UNK A 74 -24.97 7.15 56.80
N UNK A 75 -25.13 6.04 57.51
CA UNK A 75 -24.50 4.80 57.12
C UNK A 75 -25.05 4.35 55.77
N UNK A 76 -26.37 4.49 55.62
CA UNK A 76 -27.04 4.13 54.37
C UNK A 76 -26.60 5.01 53.22
N UNK A 77 -26.44 6.31 53.50
CA UNK A 77 -26.01 7.25 52.47
C UNK A 77 -24.58 6.95 52.02
N UNK A 78 -23.71 6.70 52.99
CA UNK A 78 -22.32 6.35 52.71
C UNK A 78 -22.28 5.07 51.90
N UNK A 79 -23.17 4.14 52.23
CA UNK A 79 -23.27 2.87 51.52
C UNK A 79 -23.72 3.11 50.08
N UNK A 80 -24.61 4.07 49.88
CA UNK A 80 -25.08 4.43 48.55
C UNK A 80 -23.94 5.01 47.72
N UNK A 81 -23.18 5.93 48.32
CA UNK A 81 -22.05 6.56 47.65
C UNK A 81 -21.00 5.51 47.31
N UNK A 82 -20.83 4.56 48.23
CA UNK A 82 -19.90 3.47 48.03
C UNK A 82 -20.36 2.62 46.85
N UNK A 83 -21.66 2.33 46.81
CA UNK A 83 -22.24 1.55 45.73
C UNK A 83 -21.99 2.25 44.40
N UNK A 84 -22.04 3.58 44.44
CA UNK A 84 -21.83 4.38 43.25
C UNK A 84 -20.39 4.24 42.79
N UNK A 85 -19.45 4.30 43.74
CA UNK A 85 -18.05 4.15 43.41
C UNK A 85 -17.77 2.76 42.85
N UNK A 86 -18.46 1.76 43.38
CA UNK A 86 -18.38 0.39 42.90
C UNK A 86 -18.85 0.31 41.45
N UNK A 87 -19.93 1.03 41.15
CA UNK A 87 -20.52 1.02 39.81
C UNK A 87 -19.53 1.37 38.70
N UNK A 88 -18.57 2.23 38.98
CA UNK A 88 -17.54 2.54 37.99
C UNK A 88 -16.22 2.95 38.65
N UNK A 89 -18.95 8.67 35.28
CA UNK A 89 -19.55 9.84 35.92
C UNK A 89 -20.84 9.45 36.65
N UNK A 90 -21.10 10.13 37.76
CA UNK A 90 -22.26 9.83 38.60
C UNK A 90 -22.90 11.12 39.11
N UNK A 91 -24.23 11.14 39.16
CA UNK A 91 -24.95 12.34 39.56
C UNK A 91 -25.67 12.14 40.89
N UNK A 92 -25.49 13.09 41.81
CA UNK A 92 -26.10 13.03 43.13
C UNK A 92 -27.01 14.24 43.38
N UNK A 93 -28.21 13.96 43.88
CA UNK A 93 -29.19 15.00 44.18
C UNK A 93 -29.51 15.04 45.66
N UNK A 94 -29.42 16.23 46.26
CA UNK A 94 -29.71 16.40 47.67
C UNK A 94 -30.92 17.31 47.85
N UNK A 95 -31.71 17.06 48.89
CA UNK A 95 -32.97 17.76 49.08
C UNK A 95 -32.85 18.81 50.16
N UNK A 96 -33.32 20.02 49.85
CA UNK A 96 -33.14 21.16 50.75
C UNK A 96 -33.91 21.07 52.05
N UNK A 97 -35.22 20.87 51.97
CA UNK A 97 -36.04 21.00 53.16
C UNK A 97 -36.35 19.68 53.84
N UNK A 98 -35.69 19.47 54.98
CA UNK A 98 -35.97 18.32 55.84
C UNK A 98 -37.18 18.52 56.81
N UNK A 99 -37.33 19.68 57.47
CA UNK A 99 -36.56 20.91 57.25
C UNK A 99 -35.33 21.01 58.14
N UNK A 100 -34.16 20.93 57.51
CA UNK A 100 -32.90 21.17 58.20
C UNK A 100 -31.95 21.89 57.25
N UNK A 101 -31.42 23.03 57.71
CA UNK A 101 -30.48 23.81 56.90
C UNK A 101 -29.14 23.10 56.70
N UNK A 102 -28.57 23.24 55.51
CA UNK A 102 -27.25 22.67 55.27
C UNK A 102 -26.28 23.59 55.98
N UNK A 103 -25.48 23.05 56.90
CA UNK A 103 -24.56 23.89 57.65
C UNK A 103 -23.46 24.46 56.76
N UNK A 104 -23.03 25.68 57.04
CA UNK A 104 -21.92 26.22 56.29
C UNK A 104 -20.67 25.54 56.83
N UNK A 105 -20.03 24.77 55.97
CA UNK A 105 -18.88 23.94 56.31
C UNK A 105 -18.63 23.08 55.10
N UNK A 106 -17.63 22.22 55.18
CA UNK A 106 -17.51 21.17 54.19
C UNK A 106 -18.63 20.17 54.54
N UNK A 107 -19.09 20.28 55.79
CA UNK A 107 -20.16 19.46 56.34
C UNK A 107 -21.51 19.69 55.69
N UNK A 108 -22.40 18.71 55.89
CA UNK A 108 -23.75 18.74 55.35
C UNK A 108 -24.66 18.00 56.32
N UNK A 109 -25.97 18.21 56.22
CA UNK A 109 -26.91 17.45 57.04
C UNK A 109 -27.55 16.31 56.27
N UNK A 110 -27.59 15.14 56.91
CA UNK A 110 -28.18 13.95 56.32
C UNK A 110 -29.12 13.28 57.32
N UNK A 111 -30.02 12.43 56.82
CA UNK A 111 -30.95 11.73 57.67
C UNK A 111 -30.28 10.53 58.35
N UNK A 112 -30.53 11.82 65.27
CA UNK A 112 -30.98 13.09 64.70
C UNK A 112 -30.15 13.43 63.46
N UNK A 113 -29.64 14.66 63.41
CA UNK A 113 -28.84 15.10 62.27
C UNK A 113 -27.35 15.07 62.62
N UNK A 114 -26.53 14.74 61.63
CA UNK A 114 -25.09 14.66 61.83
C UNK A 114 -24.33 15.33 60.68
N UNK A 115 -23.22 15.98 61.02
CA UNK A 115 -22.39 16.64 60.03
C UNK A 115 -21.47 15.63 59.36
N UNK A 116 -21.28 15.77 58.05
CA UNK A 116 -20.44 14.85 57.29
C UNK A 116 -19.12 15.51 56.89
N UNK A 117 -18.21 14.72 56.34
CA UNK A 117 -16.89 15.24 55.97
C UNK A 117 -16.35 14.57 54.73
N UNK A 118 -15.45 15.26 54.02
CA UNK A 118 -14.84 14.72 52.82
C UNK A 118 -13.58 13.93 53.15
N UNK A 119 -14.78 11.26 39.64
CA UNK A 119 -15.66 10.95 38.53
C UNK A 119 -17.12 11.10 38.94
N UNK A 120 -17.50 12.29 39.39
CA UNK A 120 -18.86 12.53 39.88
C UNK A 120 -19.40 13.89 39.47
N UNK A 121 -20.71 13.98 39.35
CA UNK A 121 -21.39 15.25 39.09
C UNK A 121 -22.33 15.52 40.26
N UNK A 122 -22.28 16.72 40.80
CA UNK A 122 -23.05 17.02 42.01
C UNK A 122 -24.17 17.99 41.73
N UNK A 123 -25.39 17.60 42.11
CA UNK A 123 -26.54 18.48 42.02
C UNK A 123 -27.03 18.83 43.42
N UNK A 124 -27.05 20.11 43.74
CA UNK A 124 -27.41 20.52 45.10
C UNK A 124 -28.64 21.42 45.07
N UNK A 125 -29.74 20.95 45.65
CA UNK A 125 -30.94 21.76 45.76
C UNK A 125 -31.01 22.39 47.14
N UNK A 126 -29.99 22.14 47.94
CA UNK A 126 -29.87 22.71 49.28
C UNK A 126 -29.43 24.17 49.20
N UNK A 127 -29.79 24.93 50.23
CA UNK A 127 -29.41 26.33 50.33
C UNK A 127 -27.93 26.53 50.65
N UNK A 128 -27.43 27.73 50.35
CA UNK A 128 -26.08 28.14 50.70
C UNK A 128 -24.99 27.20 50.22
N UNK A 129 -25.22 26.56 49.09
CA UNK A 129 -24.31 25.55 48.55
C UNK A 129 -22.92 26.09 48.20
N UNK A 130 -22.85 27.36 47.80
CA UNK A 130 -21.58 27.91 47.32
C UNK A 130 -20.50 27.82 48.39
N UNK A 131 -20.92 27.95 49.65
CA UNK A 131 -20.01 27.77 50.77
C UNK A 131 -19.47 26.35 50.72
N UNK A 132 -20.36 25.41 50.44
CA UNK A 132 -20.00 24.00 50.33
C UNK A 132 -18.97 23.81 49.23
N UNK A 133 -19.10 24.56 48.14
CA UNK A 133 -18.14 24.44 47.03
C UNK A 133 -16.78 25.00 47.41
N UNK A 134 -16.78 26.22 47.92
CA UNK A 134 -15.54 26.91 48.28
C UNK A 134 -14.77 26.09 49.31
N UNK A 135 -15.50 25.52 50.26
CA UNK A 135 -14.88 24.63 51.23
C UNK A 135 -14.44 23.31 50.57
N UNK A 136 -15.23 22.82 49.62
CA UNK A 136 -14.98 21.53 48.98
C UNK A 136 -13.65 21.52 48.25
N UNK A 137 -13.29 22.67 47.68
CA UNK A 137 -12.02 22.79 46.97
C UNK A 137 -10.85 22.38 47.86
N UNK A 138 -10.89 22.80 49.12
CA UNK A 138 -9.81 22.52 50.06
C UNK A 138 -9.71 21.04 50.43
N UNK A 139 -10.82 20.46 50.89
CA UNK A 139 -10.82 19.06 51.28
C UNK A 139 -10.44 18.17 50.10
N UNK A 140 -10.93 18.53 48.92
CA UNK A 140 -10.57 17.84 47.68
C UNK A 140 -9.06 17.87 47.53
N UNK A 141 -8.51 19.08 47.59
CA UNK A 141 -7.07 19.28 47.38
C UNK A 141 -6.25 18.44 48.38
N UNK A 142 -6.70 18.40 49.63
CA UNK A 142 -6.00 17.67 50.69
C UNK A 142 -6.04 16.16 50.47
N UNK A 143 -7.22 15.63 50.13
CA UNK A 143 -7.34 14.19 49.86
C UNK A 143 -6.48 13.84 48.66
N UNK A 144 -6.47 14.74 47.69
CA UNK A 144 -5.67 14.60 46.48
C UNK A 144 -4.20 14.50 46.84
N UNK A 145 -3.77 15.38 47.74
CA UNK A 145 -2.39 15.39 48.21
C UNK A 145 -2.08 14.07 48.89
N UNK A 146 -3.06 13.60 49.68
CA UNK A 146 -2.99 12.34 50.39
C UNK A 146 -2.73 11.19 49.42
N UNK A 147 -3.47 11.18 48.32
CA UNK A 147 -3.26 10.18 47.28
C UNK A 147 -1.89 10.32 46.63
N UNK A 148 -1.47 11.56 46.40
CA UNK A 148 -0.16 11.84 45.80
C UNK A 148 0.98 11.29 46.66
N UNK A 149 0.78 11.26 47.97
CA UNK A 149 1.79 10.77 48.91
C UNK A 149 2.21 9.33 48.60
N UNK A 150 1.22 8.48 48.33
CA UNK A 150 1.50 7.09 47.96
C UNK A 150 2.12 7.00 46.57
N UNK A 151 -8.77 11.77 40.76
CA UNK A 151 -10.01 12.38 41.24
C UNK A 151 -10.16 13.80 40.70
N UNK A 152 -9.69 14.00 39.48
CA UNK A 152 -9.65 15.34 38.88
C UNK A 152 -10.99 15.80 38.34
N UNK A 153 -11.82 14.87 37.90
CA UNK A 153 -13.07 15.21 37.24
C UNK A 153 -14.24 15.25 38.22
N UNK A 154 -14.71 16.45 38.52
CA UNK A 154 -15.88 16.63 39.39
C UNK A 154 -16.73 17.82 38.93
N UNK A 155 -18.04 17.66 38.94
CA UNK A 155 -18.95 18.73 38.53
C UNK A 155 -19.95 19.10 39.63
N UNK A 156 -20.07 20.38 39.95
CA UNK A 156 -21.04 20.84 40.94
C UNK A 156 -22.00 21.89 40.36
N UNK A 157 -23.30 21.64 40.51
CA UNK A 157 -24.33 22.56 40.04
C UNK A 157 -25.33 22.85 41.16
N UNK A 158 -25.52 24.12 41.48
CA UNK A 158 -26.36 24.50 42.61
C UNK A 158 -27.25 25.72 42.36
N UNK A 159 -28.39 25.72 43.03
CA UNK A 159 -29.42 26.75 42.88
C UNK A 159 -29.17 28.07 43.62
N UNK A 160 -28.37 28.04 44.68
CA UNK A 160 -28.18 29.24 45.50
C UNK A 160 -26.75 29.39 45.98
N UNK A 161 -26.34 30.64 46.17
CA UNK A 161 -24.98 30.92 46.63
C UNK A 161 -24.95 30.84 48.15
N UNK A 162 -25.68 31.76 48.78
CA UNK A 162 -25.77 31.82 50.24
C UNK A 162 -26.76 32.89 50.68
N UNK A 163 -27.23 32.77 51.91
CA UNK A 163 -28.09 33.75 52.56
C UNK A 163 -29.40 33.99 51.79
N UNK A 164 -29.76 33.05 50.94
CA UNK A 164 -30.99 33.19 50.15
C UNK A 164 -32.09 32.29 50.68
N UNK A 165 -31.74 31.48 51.67
CA UNK A 165 -32.67 30.53 52.28
C UNK A 165 -33.37 29.72 51.20
N UNK A 166 -34.69 29.88 51.14
CA UNK A 166 -35.50 29.26 50.11
C UNK A 166 -36.76 30.10 49.92
N UNK A 167 -37.45 29.91 48.79
CA UNK A 167 -38.67 30.67 48.54
C UNK A 167 -39.77 30.23 49.50
N UNK A 168 -40.33 31.20 50.22
CA UNK A 168 -41.37 30.91 51.20
C UNK A 168 -42.76 31.13 50.63
N UNK A 169 -42.83 31.47 49.35
CA UNK A 169 -44.10 31.77 48.71
C UNK A 169 -44.83 30.47 48.34
N UNK A 170 -46.16 30.50 48.44
CA UNK A 170 -47.00 29.35 48.12
C UNK A 170 -47.07 29.06 46.62
N UNK A 171 -46.67 30.01 45.80
CA UNK A 171 -46.80 29.86 44.35
C UNK A 171 -45.75 28.91 43.75
N UNK A 172 -44.73 28.58 44.53
CA UNK A 172 -43.63 27.76 44.03
C UNK A 172 -43.90 26.25 44.21
N UNK A 173 -42.98 25.44 43.73
CA UNK A 173 -43.01 24.00 43.99
C UNK A 173 -42.09 23.73 45.16
N UNK A 174 -41.87 22.46 45.49
CA UNK A 174 -41.08 22.12 46.66
C UNK A 174 -39.70 22.76 46.52
N UNK A 175 -38.89 22.23 45.63
CA UNK A 175 -37.63 22.88 45.28
C UNK A 175 -37.74 23.46 43.88
N UNK A 176 -37.86 24.78 43.77
CA UNK A 176 -38.17 25.42 42.49
C UNK A 176 -37.14 25.11 41.40
N UNK A 177 -35.85 25.21 41.76
CA UNK A 177 -34.78 24.99 40.79
C UNK A 177 -34.68 23.51 40.45
N UNK A 178 -34.74 22.68 41.48
CA UNK A 178 -34.72 21.24 41.31
C UNK A 178 -35.91 20.84 40.45
N UNK A 179 -37.03 21.53 40.66
CA UNK A 179 -38.23 21.31 39.84
C UNK A 179 -37.95 21.68 38.39
N UNK A 180 -37.18 22.74 38.18
CA UNK A 180 -36.84 23.19 36.83
C UNK A 180 -36.02 22.13 36.09
N UNK A 181 -34.95 21.69 36.76
CA UNK A 181 -34.04 20.71 36.17
C UNK A 181 -34.77 19.39 35.94
N UNK A 182 -35.71 19.07 36.82
CA UNK A 182 -36.39 17.79 36.72
C UNK A 182 -37.37 17.83 35.56
N UNK A 183 -38.19 18.87 35.52
CA UNK A 183 -39.02 19.07 34.34
C UNK A 183 -38.86 20.49 33.87
N UNK A 184 -38.13 20.63 32.77
CA UNK A 184 -37.81 21.93 32.20
C UNK A 184 -39.04 22.49 31.52
N UNK A 185 -39.73 21.65 30.76
CA UNK A 185 -40.90 22.11 30.01
C UNK A 185 -41.99 22.58 30.97
N UNK A 186 -42.26 21.77 31.99
CA UNK A 186 -43.30 22.08 32.96
C UNK A 186 -42.92 23.34 33.73
N UNK A 187 -41.65 23.41 34.14
CA UNK A 187 -41.16 24.56 34.87
C UNK A 187 -41.35 25.81 34.03
N UNK A 188 -40.96 25.73 32.77
CA UNK A 188 -41.15 26.82 31.81
C UNK A 188 -42.60 27.26 31.70
N UNK A 189 -43.53 26.30 31.69
CA UNK A 189 -44.95 26.64 31.60
C UNK A 189 -45.39 27.44 32.82
N UNK A 190 -45.06 26.92 34.00
CA UNK A 190 -45.36 27.62 35.24
C UNK A 190 -44.76 29.02 35.24
N UNK A 191 -43.48 29.10 34.87
CA UNK A 191 -42.75 30.36 34.82
C UNK A 191 -43.43 31.34 33.88
N UNK A 192 -44.00 30.82 32.80
CA UNK A 192 -44.75 31.63 31.87
C UNK A 192 -46.01 32.17 32.53
N UNK A 193 -46.68 31.33 33.32
CA UNK A 193 -47.90 31.77 34.00
C UNK A 193 -47.59 32.85 35.04
N UNK A 194 -46.57 32.62 35.85
CA UNK A 194 -46.17 33.55 36.90
C UNK A 194 -45.60 34.85 36.35
N UNK A 195 -44.86 34.76 35.24
CA UNK A 195 -44.26 35.94 34.64
C UNK A 195 -45.35 36.83 34.08
N UNK A 196 -46.30 36.23 33.38
CA UNK A 196 -47.43 36.99 32.88
C UNK A 196 -48.78 36.29 33.11
N UNK A 197 -49.59 36.87 33.97
CA UNK A 197 -50.97 36.42 34.16
C UNK A 197 -51.81 37.08 33.10
N UNK A 198 -51.27 38.17 32.56
CA UNK A 198 -51.91 38.93 31.50
C UNK A 198 -52.18 38.03 30.30
N UNK A 199 -51.21 37.17 29.99
CA UNK A 199 -51.30 36.30 28.84
C UNK A 199 -52.50 35.38 28.97
N UNK A 200 -52.64 34.76 30.14
CA UNK A 200 -53.77 33.89 30.39
C UNK A 200 -54.06 33.82 31.88
N UNK A 201 -55.31 33.54 32.22
CA UNK A 201 -55.72 33.35 33.60
C UNK A 201 -55.65 31.87 33.93
N UNK A 202 -55.14 31.10 32.98
CA UNK A 202 -54.92 29.67 33.15
C UNK A 202 -54.12 29.37 34.41
N UNK A 203 -54.53 28.32 35.11
CA UNK A 203 -53.85 27.88 36.32
C UNK A 203 -52.45 27.35 36.01
N UNK A 204 -51.49 27.75 36.84
CA UNK A 204 -50.11 27.32 36.71
C UNK A 204 -50.04 25.80 36.67
N UNK A 205 -50.84 25.14 37.52
CA UNK A 205 -50.92 23.69 37.51
C UNK A 205 -51.50 23.21 36.19
N UNK A 206 -52.54 23.90 35.71
CA UNK A 206 -53.16 23.58 34.43
C UNK A 206 -52.19 23.87 33.30
N UNK A 207 -51.42 24.94 33.47
CA UNK A 207 -50.41 25.36 32.50
C UNK A 207 -49.32 24.28 32.37
N UNK A 208 -48.96 23.70 33.50
CA UNK A 208 -47.92 22.67 33.55
C UNK A 208 -48.30 21.47 32.69
N UNK A 209 -49.60 21.21 32.56
CA UNK A 209 -50.03 20.03 31.84
C UNK A 209 -50.23 20.34 30.36
N UNK A 210 -49.31 19.82 29.56
CA UNK A 210 -49.39 19.87 28.10
C UNK A 210 -49.81 18.48 27.68
N UNK A 211 -50.89 18.37 26.91
CA UNK A 211 -51.46 17.05 26.68
C UNK A 211 -50.82 16.36 25.47
N UNK A 212 -49.84 17.03 24.86
CA UNK A 212 -48.99 16.40 23.87
C UNK A 212 -47.84 15.62 24.51
N UNK A 213 -47.35 14.59 23.82
CA UNK A 213 -46.20 13.80 24.27
C UNK A 213 -44.88 14.52 24.02
N UNK A 214 -44.07 14.66 25.06
CA UNK A 214 -42.77 15.30 24.92
C UNK A 214 -41.80 14.40 24.18
N UNK A 215 -40.85 15.03 23.48
CA UNK A 215 -39.75 14.36 22.78
C UNK A 215 -40.22 13.65 21.52
N UNK A 216 -41.53 13.67 21.26
CA UNK A 216 -42.05 13.08 20.04
C UNK A 216 -42.84 14.08 19.19
N UNK A 217 -42.28 14.48 18.06
CA UNK A 217 -42.95 15.37 17.11
C UNK A 217 -44.08 14.57 16.46
N UNK A 218 -45.10 15.21 15.90
CA UNK A 218 -45.27 16.66 15.75
C UNK A 218 -46.09 17.26 16.90
N UNK A 219 -46.40 16.45 17.91
CA UNK A 219 -47.17 16.90 19.07
C UNK A 219 -46.54 18.11 19.76
N UNK A 220 -47.42 18.94 20.32
CA UNK A 220 -47.09 20.29 20.79
C UNK A 220 -46.00 20.35 21.84
N UNK A 221 -46.13 19.57 22.90
CA UNK A 221 -45.18 19.60 24.00
C UNK A 221 -43.78 19.29 23.49
N UNK A 222 -43.70 18.34 22.57
CA UNK A 222 -42.41 17.95 22.00
C UNK A 222 -41.82 19.07 21.15
N UNK A 223 -42.66 19.78 20.40
CA UNK A 223 -42.21 20.90 19.61
C UNK A 223 -41.62 21.94 20.55
N UNK A 224 -42.32 22.14 21.66
CA UNK A 224 -41.86 23.03 22.70
C UNK A 224 -40.50 22.57 23.20
N UNK A 225 -40.33 21.26 23.30
CA UNK A 225 -39.08 20.69 23.81
C UNK A 225 -37.94 20.96 22.83
N UNK A 226 -38.19 20.79 21.54
CA UNK A 226 -37.17 21.06 20.53
C UNK A 226 -36.82 22.54 20.48
N UNK A 227 -37.83 23.40 20.55
CA UNK A 227 -37.61 24.84 20.52
C UNK A 227 -36.79 25.24 21.74
N UNK A 228 -37.11 24.63 22.87
CA UNK A 228 -36.42 24.91 24.13
C UNK A 228 -34.96 24.48 24.02
N UNK A 229 -34.75 23.25 23.56
CA UNK A 229 -33.42 22.70 23.43
C UNK A 229 -32.59 23.62 22.52
N UNK A 230 -33.20 24.02 21.42
CA UNK A 230 -32.52 24.88 20.45
C UNK A 230 -32.16 26.23 21.05
N UNK A 231 -33.12 26.85 21.71
CA UNK A 231 -32.93 28.18 22.28
C UNK A 231 -31.84 28.15 23.34
N UNK A 232 -31.85 27.09 24.15
CA UNK A 232 -30.87 26.92 25.21
C UNK A 232 -29.48 26.74 24.61
N UNK A 233 -29.39 25.83 23.65
CA UNK A 233 -28.10 25.51 23.03
C UNK A 233 -27.51 26.74 22.36
N UNK A 234 -28.36 27.49 21.67
CA UNK A 234 -27.93 28.71 20.99
C UNK A 234 -27.47 29.72 22.03
N UNK A 235 -28.25 29.84 23.11
CA UNK A 235 -27.95 30.77 24.18
C UNK A 235 -26.57 30.47 24.78
N UNK A 236 -26.28 29.17 24.89
CA UNK A 236 -24.98 28.73 25.39
C UNK A 236 -23.88 29.10 24.40
N UNK A 237 -24.14 28.83 23.13
CA UNK A 237 -23.17 29.10 22.07
C UNK A 237 -22.83 30.58 22.01
N UNK A 238 -23.78 31.41 22.41
CA UNK A 238 -23.52 32.84 22.51
C UNK A 238 -22.72 33.08 23.77
N UNK A 239 -23.11 32.42 24.86
CA UNK A 239 -22.61 32.74 26.19
C UNK A 239 -21.24 32.13 26.48
N UNK A 240 -20.89 31.05 25.80
CA UNK A 240 -19.67 30.35 26.12
C UNK A 240 -18.71 30.34 24.95
N UNK A 241 -17.42 30.21 25.23
CA UNK A 241 -16.41 30.08 24.19
C UNK A 241 -16.59 28.74 23.49
N UNK A 242 -16.10 28.65 22.26
CA UNK A 242 -16.30 27.45 21.44
C UNK A 242 -15.78 26.22 22.19
N UNK A 243 -14.62 26.37 22.81
CA UNK A 243 -14.02 25.29 23.57
C UNK A 243 -14.94 24.93 24.74
N UNK A 244 -15.34 25.94 25.49
CA UNK A 244 -16.20 25.74 26.64
C UNK A 244 -17.55 25.17 26.23
N UNK A 245 -18.10 25.68 25.14
CA UNK A 245 -19.41 25.26 24.65
C UNK A 245 -19.36 23.78 24.31
N UNK A 246 -18.36 23.41 23.52
CA UNK A 246 -18.18 22.03 23.13
C UNK A 246 -17.97 21.17 24.36
N UNK A 247 -17.29 21.73 25.35
CA UNK A 247 -16.94 20.98 26.55
C UNK A 247 -18.19 20.59 27.34
N UNK A 248 -19.02 21.58 27.65
CA UNK A 248 -20.17 21.32 28.52
C UNK A 248 -21.34 20.71 27.77
N UNK A 249 -21.61 21.21 26.57
CA UNK A 249 -22.81 20.80 25.86
C UNK A 249 -22.71 19.48 25.09
N UNK A 250 -21.52 19.08 24.67
CA UNK A 250 -21.39 17.86 23.87
C UNK A 250 -21.03 16.54 24.60
N UNK A 251 -20.65 16.59 25.86
CA UNK A 251 -19.97 15.43 26.44
C UNK A 251 -20.89 14.24 26.80
N UNK A 252 -21.94 14.49 27.58
CA UNK A 252 -22.78 13.40 28.07
C UNK A 252 -24.25 13.75 27.96
N UNK A 253 -25.07 12.79 27.55
CA UNK A 253 -26.49 13.06 27.30
C UNK A 253 -27.19 13.64 28.52
N UNK A 254 -26.90 13.09 29.69
CA UNK A 254 -27.51 13.57 30.93
C UNK A 254 -26.90 14.91 31.29
N UNK A 255 -25.58 14.99 31.17
CA UNK A 255 -24.85 16.22 31.47
C UNK A 255 -25.27 17.34 30.52
N UNK A 256 -25.35 17.03 29.24
CA UNK A 256 -25.70 18.03 28.24
C UNK A 256 -27.09 18.58 28.47
N UNK A 257 -28.06 17.69 28.66
CA UNK A 257 -29.43 18.10 28.89
C UNK A 257 -29.49 18.93 30.17
N UNK A 258 -28.75 18.47 31.18
CA UNK A 258 -28.75 19.13 32.47
C UNK A 258 -28.24 20.55 32.36
N UNK A 259 -27.11 20.72 31.68
CA UNK A 259 -26.51 22.04 31.53
C UNK A 259 -27.43 22.93 30.69
N UNK A 260 -28.01 22.35 29.66
CA UNK A 260 -28.93 23.08 28.79
C UNK A 260 -30.05 23.64 29.66
N UNK A 261 -30.55 22.82 30.58
CA UNK A 261 -31.57 23.26 31.52
C UNK A 261 -31.02 24.31 32.49
N UNK A 262 -29.74 24.17 32.83
CA UNK A 262 -29.11 25.01 33.85
C UNK A 262 -29.14 26.47 33.46
N UNK A 263 -29.07 26.75 32.17
CA UNK A 263 -29.17 28.11 31.68
C UNK A 263 -30.51 28.69 32.14
N UNK A 264 -31.57 27.92 31.89
CA UNK A 264 -32.92 28.32 32.30
C UNK A 264 -32.97 28.47 33.81
N UNK A 265 -32.21 27.62 34.49
CA UNK A 265 -32.13 27.67 35.94
C UNK A 265 -31.56 29.02 36.37
N UNK A 266 -30.54 29.48 35.64
CA UNK A 266 -29.92 30.76 35.89
C UNK A 266 -30.94 31.86 35.67
N UNK A 267 -31.74 31.70 34.63
CA UNK A 267 -32.75 32.69 34.28
C UNK A 267 -33.82 32.83 35.37
N UNK A 268 -34.38 31.71 35.82
CA UNK A 268 -35.49 31.75 36.77
C UNK A 268 -35.07 31.97 38.22
N UNK A 269 -33.92 31.43 38.61
CA UNK A 269 -33.47 31.53 40.00
C UNK A 269 -33.19 32.97 40.38
N UNK A 270 -32.58 33.72 39.47
CA UNK A 270 -32.29 35.13 39.73
C UNK A 270 -33.59 35.90 39.92
N UNK A 271 -34.61 35.57 39.11
CA UNK A 271 -35.88 36.28 39.18
C UNK A 271 -36.62 36.02 40.48
N UNK A 272 -36.73 34.75 40.88
CA UNK A 272 -37.47 34.44 42.10
C UNK A 272 -36.59 34.30 43.35
N UNK A 273 -35.28 34.45 43.20
CA UNK A 273 -34.34 34.28 44.30
C UNK A 273 -32.98 34.87 43.98
N UNK A 274 -31.98 34.51 44.79
CA UNK A 274 -30.61 34.91 44.53
C UNK A 274 -30.08 34.17 43.31
N UNK A 275 -28.99 34.67 42.75
CA UNK A 275 -28.43 34.14 41.51
C UNK A 275 -27.62 32.87 41.73
N UNK A 276 -28.02 31.79 41.06
CA UNK A 276 -27.39 30.49 41.19
C UNK A 276 -25.95 30.46 40.67
N UNK A 277 -25.05 29.95 41.49
CA UNK A 277 -23.67 29.71 41.06
C UNK A 277 -23.46 28.25 40.69
N UNK A 278 -22.71 28.01 39.63
CA UNK A 278 -22.46 26.66 39.11
C UNK A 278 -20.99 26.42 38.82
N UNK A 279 -20.50 25.23 39.15
CA UNK A 279 -19.11 24.86 38.89
C UNK A 279 -19.08 23.85 37.75
N UNK A 280 -18.37 24.17 36.67
CA UNK A 280 -17.54 25.37 36.59
C UNK A 280 -18.38 26.58 36.22
N UNK A 281 -17.94 27.74 36.72
CA UNK A 281 -18.61 29.00 36.48
C UNK A 281 -18.85 29.30 35.00
N UNK A 282 -20.13 29.46 34.70
CA UNK A 282 -20.63 29.90 33.40
C UNK A 282 -21.23 31.30 33.59
N UNK A 283 -21.23 32.12 32.55
CA UNK A 283 -21.78 33.48 32.67
C UNK A 283 -23.28 33.42 32.98
N UNK A 284 -23.80 34.50 33.54
CA UNK A 284 -25.18 34.53 34.04
C UNK A 284 -26.19 34.13 32.97
N UNK A 285 -26.12 34.81 31.82
CA UNK A 285 -26.94 34.48 30.66
C UNK A 285 -28.44 34.56 30.94
N UNK A 286 -28.80 35.25 32.01
CA UNK A 286 -30.20 35.39 32.41
C UNK A 286 -30.93 36.38 31.50
N UNK A 287 -30.21 37.39 31.04
CA UNK A 287 -30.83 38.52 30.34
C UNK A 287 -30.81 38.36 28.82
N UNK A 288 -30.36 37.21 28.34
CA UNK A 288 -30.31 36.95 26.89
C UNK A 288 -31.70 37.06 26.26
N UNK A 289 -31.76 37.74 25.13
CA UNK A 289 -33.03 38.05 24.46
C UNK A 289 -33.82 36.80 24.08
N UNK A 290 -33.11 35.73 23.75
CA UNK A 290 -33.74 34.52 23.24
C UNK A 290 -34.83 34.00 24.17
N UNK A 291 -34.60 34.13 25.48
CA UNK A 291 -35.54 33.62 26.47
C UNK A 291 -36.92 34.26 26.28
N UNK A 292 -36.92 35.55 25.98
CA UNK A 292 -38.16 36.29 25.75
C UNK A 292 -38.89 35.71 24.56
N UNK A 293 -38.11 35.33 23.55
CA UNK A 293 -38.69 34.71 22.36
C UNK A 293 -39.40 33.44 22.75
N UNK A 294 -38.80 32.66 23.64
CA UNK A 294 -39.44 31.45 24.09
C UNK A 294 -40.73 31.86 24.77
N UNK A 295 -40.64 32.91 25.57
CA UNK A 295 -41.79 33.44 26.26
C UNK A 295 -42.80 33.87 25.20
N UNK A 296 -42.32 34.56 24.18
CA UNK A 296 -43.20 35.00 23.11
C UNK A 296 -43.80 33.75 22.49
N UNK A 297 -42.94 32.77 22.23
CA UNK A 297 -43.39 31.52 21.62
C UNK A 297 -44.44 30.86 22.51
N UNK A 298 -44.23 30.94 23.82
CA UNK A 298 -45.15 30.32 24.76
C UNK A 298 -46.53 30.87 24.53
N UNK A 299 -46.62 32.18 24.27
CA UNK A 299 -47.91 32.81 24.06
C UNK A 299 -48.61 32.11 22.91
N UNK A 300 -47.90 31.99 21.79
CA UNK A 300 -48.46 31.34 20.62
C UNK A 300 -48.83 29.92 21.01
N UNK A 301 -47.94 29.31 21.78
CA UNK A 301 -48.15 27.97 22.27
C UNK A 301 -49.36 27.92 23.21
N UNK A 302 -49.47 28.91 24.10
CA UNK A 302 -50.49 28.88 25.13
C UNK A 302 -51.90 28.98 24.56
N UNK A 303 -52.09 29.90 23.63
CA UNK A 303 -53.40 30.14 23.04
C UNK A 303 -53.84 28.94 22.21
N UNK A 304 -52.87 28.28 21.59
CA UNK A 304 -53.12 27.15 20.72
C UNK A 304 -53.97 26.05 21.38
N UNK A 305 -53.84 25.90 22.69
CA UNK A 305 -54.65 24.90 23.39
C UNK A 305 -56.13 25.25 23.28
N UNK A 306 -56.91 24.31 22.77
CA UNK A 306 -58.34 24.50 22.62
C UNK A 306 -59.03 24.38 23.97
N UNK A 307 -58.84 20.57 15.38
CA UNK A 307 -58.01 21.74 15.57
C UNK A 307 -56.59 21.50 15.03
N UNK A 308 -55.94 22.58 14.63
CA UNK A 308 -54.55 22.52 14.19
C UNK A 308 -53.61 22.98 15.29
N UNK A 309 -52.45 22.32 15.40
CA UNK A 309 -51.44 22.68 16.39
C UNK A 309 -50.75 23.98 16.01
N UNK A 310 -50.48 24.13 14.71
CA UNK A 310 -49.80 25.32 14.18
C UNK A 310 -48.50 25.56 14.92
N UNK A 311 -47.48 24.78 14.57
CA UNK A 311 -46.18 24.85 15.26
C UNK A 311 -45.60 26.24 15.15
N UNK A 312 -44.94 26.68 16.21
CA UNK A 312 -44.38 28.04 16.25
C UNK A 312 -43.42 28.25 15.09
N UNK A 313 -43.35 29.48 14.62
CA UNK A 313 -42.55 29.81 13.46
C UNK A 313 -41.15 30.23 13.90
N UNK A 314 -40.90 30.11 15.21
CA UNK A 314 -39.66 30.58 15.80
C UNK A 314 -38.43 29.92 15.16
N UNK A 315 -38.49 28.60 14.99
CA UNK A 315 -37.37 27.90 14.39
C UNK A 315 -37.14 28.37 12.96
N UNK A 316 -38.22 28.40 12.16
CA UNK A 316 -38.11 28.79 10.77
C UNK A 316 -37.64 30.24 10.66
N UNK A 317 -38.06 31.05 11.63
CA UNK A 317 -37.69 32.45 11.67
C UNK A 317 -36.18 32.54 11.87
N UNK A 318 -35.67 31.81 12.84
CA UNK A 318 -34.24 31.82 13.13
C UNK A 318 -33.44 31.35 11.92
N UNK A 319 -33.95 30.33 11.25
CA UNK A 319 -33.29 29.82 10.05
C UNK A 319 -33.22 30.92 8.99
N UNK A 320 -34.32 31.65 8.81
CA UNK A 320 -34.36 32.76 7.87
C UNK A 320 -33.36 33.84 8.28
N UNK A 321 -33.19 34.01 9.58
CA UNK A 321 -32.22 34.96 10.10
C UNK A 321 -30.82 34.54 9.69
N UNK A 322 -30.56 33.24 9.73
CA UNK A 322 -29.29 32.72 9.25
C UNK A 322 -29.13 32.98 7.75
N UNK A 323 -30.24 32.83 7.01
CA UNK A 323 -30.21 33.10 5.58
C UNK A 323 -29.76 34.52 5.35
N UNK A 324 -30.26 35.42 6.19
CA UNK A 324 -29.84 36.81 6.14
C UNK A 324 -28.37 36.90 6.49
N UNK A 325 -27.94 36.07 7.44
CA UNK A 325 -26.57 36.06 7.92
C UNK A 325 -25.63 35.68 6.79
N UNK A 326 -26.15 34.98 5.78
CA UNK A 326 -25.33 34.59 4.64
C UNK A 326 -25.05 35.80 3.77
N UNK A 327 -26.07 36.57 3.42
CA UNK A 327 -25.86 37.74 2.57
C UNK A 327 -26.50 39.00 3.15
N UNK A 328 -25.70 40.06 3.30
CA UNK A 328 -24.25 39.96 3.23
C UNK A 328 -23.77 39.40 4.55
N UNK A 329 -22.76 38.54 4.49
CA UNK A 329 -22.23 37.95 5.72
C UNK A 329 -21.20 38.78 6.45
N UNK A 330 -21.33 38.81 7.77
CA UNK A 330 -20.27 39.30 8.64
C UNK A 330 -19.24 38.18 8.68
N UNK A 331 -19.69 37.03 8.19
CA UNK A 331 -18.87 35.84 8.03
C UNK A 331 -17.99 35.96 6.80
N UNK A 332 -18.22 37.01 6.02
CA UNK A 332 -17.44 37.24 4.81
C UNK A 332 -15.95 37.27 5.13
N UNK A 333 -15.61 37.63 6.37
CA UNK A 333 -14.22 37.58 6.78
C UNK A 333 -14.05 36.45 7.79
N UNK A 334 -14.40 36.72 9.05
CA UNK A 334 -14.49 35.66 10.04
C UNK A 334 -15.66 35.90 10.98
N UNK A 335 -16.65 35.02 10.95
CA UNK A 335 -17.71 35.10 11.95
C UNK A 335 -18.40 33.76 12.14
N UNK A 336 -18.81 33.49 13.37
CA UNK A 336 -19.54 32.26 13.64
C UNK A 336 -21.01 32.59 13.44
N UNK A 337 -21.72 31.78 12.68
CA UNK A 337 -23.13 32.04 12.49
C UNK A 337 -23.86 31.70 13.78
N UNK A 338 -24.60 32.66 14.33
CA UNK A 338 -25.24 32.46 15.61
C UNK A 338 -26.38 31.48 15.46
N UNK A 339 -27.08 31.56 14.34
CA UNK A 339 -28.23 30.71 14.12
C UNK A 339 -27.83 29.29 13.73
N UNK A 340 -26.52 29.09 13.53
CA UNK A 340 -26.00 27.84 12.99
C UNK A 340 -26.50 26.63 13.76
N UNK A 341 -26.37 26.71 15.09
CA UNK A 341 -26.75 25.60 15.94
C UNK A 341 -28.21 25.22 15.70
N UNK A 342 -29.04 26.25 15.53
CA UNK A 342 -30.46 26.03 15.34
C UNK A 342 -30.66 25.18 14.10
N UNK A 343 -29.93 25.51 13.04
CA UNK A 343 -30.08 24.80 11.78
C UNK A 343 -29.86 23.32 12.01
N UNK A 344 -28.90 23.00 12.87
CA UNK A 344 -28.55 21.61 13.10
C UNK A 344 -29.76 20.85 13.62
N UNK A 345 -30.46 21.43 14.59
CA UNK A 345 -31.63 20.75 15.14
C UNK A 345 -32.65 20.68 14.04
N UNK A 346 -32.77 21.78 13.30
CA UNK A 346 -33.73 21.88 12.22
C UNK A 346 -33.48 20.79 11.18
N UNK A 347 -32.21 20.37 11.04
CA UNK A 347 -31.86 19.36 10.05
C UNK A 347 -32.69 18.11 10.26
N UNK A 348 -33.03 17.85 11.52
CA UNK A 348 -33.86 16.70 11.86
C UNK A 348 -35.28 16.86 11.33
N UNK A 349 -35.82 18.07 11.42
CA UNK A 349 -37.21 18.33 11.06
C UNK A 349 -37.48 18.11 9.57
N UNK A 350 -38.58 17.43 9.27
CA UNK A 350 -38.89 17.05 7.90
C UNK A 350 -39.29 18.24 7.03
N UNK A 351 -40.13 19.12 7.58
CA UNK A 351 -40.63 20.27 6.83
C UNK A 351 -39.51 21.23 6.45
N UNK A 352 -38.60 21.46 7.38
CA UNK A 352 -37.54 22.44 7.17
C UNK A 352 -36.27 21.79 6.64
N UNK A 353 -36.34 20.48 6.37
CA UNK A 353 -35.16 19.73 6.02
C UNK A 353 -34.47 20.28 4.77
N UNK A 354 -35.20 20.42 3.68
CA UNK A 354 -34.61 20.79 2.39
C UNK A 354 -33.95 22.16 2.50
N UNK A 355 -34.69 23.11 3.09
CA UNK A 355 -34.17 24.46 3.24
C UNK A 355 -32.93 24.43 4.10
N UNK A 356 -33.00 23.69 5.20
CA UNK A 356 -31.88 23.58 6.12
C UNK A 356 -30.65 23.08 5.39
N UNK A 357 -30.80 21.98 4.68
CA UNK A 357 -29.70 21.36 3.96
C UNK A 357 -29.13 22.30 2.92
N UNK A 358 -30.00 23.03 2.21
CA UNK A 358 -29.56 23.94 1.16
C UNK A 358 -28.73 25.08 1.75
N UNK A 359 -29.24 25.68 2.82
CA UNK A 359 -28.55 26.78 3.46
C UNK A 359 -27.21 26.30 4.03
N UNK A 360 -27.26 25.13 4.67
CA UNK A 360 -26.08 24.53 5.26
C UNK A 360 -25.06 24.28 4.16
N UNK A 361 -25.56 23.92 2.98
CA UNK A 361 -24.70 23.73 1.83
C UNK A 361 -24.02 25.05 1.57
N UNK A 362 -24.78 26.14 1.60
CA UNK A 362 -24.20 27.44 1.33
C UNK A 362 -23.07 27.73 2.31
N UNK A 363 -23.29 27.39 3.58
CA UNK A 363 -22.26 27.62 4.60
C UNK A 363 -21.02 26.77 4.36
N UNK A 364 -21.23 25.51 3.99
CA UNK A 364 -20.12 24.60 3.77
C UNK A 364 -19.25 25.09 2.61
N UNK A 365 -19.88 25.77 1.66
CA UNK A 365 -19.23 26.28 0.46
C UNK A 365 -18.55 27.62 0.72
N UNK A 366 -18.55 28.05 1.98
CA UNK A 366 -18.09 29.40 2.33
C UNK A 366 -16.71 29.85 1.84
N UNK A 367 -15.58 29.16 2.06
CA UNK A 367 -15.34 27.89 2.74
C UNK A 367 -13.84 28.01 3.03
N UNK A 368 -13.19 27.10 3.76
CA UNK A 368 -13.74 25.99 4.53
C UNK A 368 -13.90 26.36 6.00
N UNK A 369 -13.62 27.60 6.37
CA UNK A 369 -13.67 28.02 7.76
C UNK A 369 -15.04 27.70 8.34
N UNK A 370 -16.09 28.00 7.58
CA UNK A 370 -17.42 27.65 8.03
C UNK A 370 -17.55 26.13 8.03
N UNK A 371 -16.95 25.46 7.04
CA UNK A 371 -16.96 24.00 7.01
C UNK A 371 -16.29 23.43 8.27
N UNK A 372 -15.22 24.08 8.72
CA UNK A 372 -14.54 23.66 9.94
C UNK A 372 -15.40 23.87 11.17
N UNK A 373 -16.12 24.98 11.19
CA UNK A 373 -17.01 25.29 12.31
C UNK A 373 -18.13 24.25 12.37
N UNK A 374 -18.70 23.97 11.21
CA UNK A 374 -19.77 22.98 11.09
C UNK A 374 -19.23 21.63 11.54
N UNK A 375 -17.97 21.36 11.21
CA UNK A 375 -17.33 20.13 11.64
C UNK A 375 -17.20 20.09 13.16
N UNK A 376 -17.08 21.28 13.76
CA UNK A 376 -17.00 21.38 15.21
C UNK A 376 -18.38 21.28 15.89
N UNK A 377 -19.41 21.67 15.15
CA UNK A 377 -20.73 21.94 15.75
C UNK A 377 -21.44 20.78 16.47
N UNK A 378 -21.56 19.58 15.90
CA UNK A 378 -21.04 19.18 14.60
C UNK A 378 -22.12 18.54 13.75
N UNK A 379 -22.15 18.88 12.46
CA UNK A 379 -23.16 18.35 11.57
C UNK A 379 -22.94 16.87 11.30
N UNK A 380 -21.75 16.39 11.65
CA UNK A 380 -21.23 15.12 11.16
C UNK A 380 -22.18 13.95 11.42
N UNK A 381 -22.80 13.92 12.59
CA UNK A 381 -23.70 12.82 12.91
C UNK A 381 -24.93 12.88 12.00
N UNK A 382 -25.49 14.08 11.89
CA UNK A 382 -26.71 14.31 11.12
C UNK A 382 -26.50 14.09 9.62
N UNK A 383 -25.43 14.66 9.08
CA UNK A 383 -25.17 14.55 7.64
C UNK A 383 -25.01 13.08 7.27
N UNK A 384 -24.30 12.35 8.10
CA UNK A 384 -24.12 10.92 7.89
C UNK A 384 -25.46 10.21 7.99
N UNK A 385 -26.24 10.58 9.00
CA UNK A 385 -27.51 9.91 9.28
C UNK A 385 -28.52 10.08 8.14
N UNK A 386 -28.57 11.27 7.54
CA UNK A 386 -29.51 11.52 6.45
C UNK A 386 -29.23 10.59 5.28
N UNK A 387 -27.98 10.20 5.12
CA UNK A 387 -27.59 9.27 4.06
C UNK A 387 -28.35 7.95 4.19
N UNK A 388 -28.74 7.63 5.43
CA UNK A 388 -29.50 6.40 5.66
C UNK A 388 -30.93 6.63 5.21
N UNK A 389 -31.39 7.87 5.38
CA UNK A 389 -32.74 8.24 5.03
C UNK A 389 -32.90 8.28 3.53
N UNK A 390 -34.02 7.77 3.04
CA UNK A 390 -34.27 7.74 1.61
C UNK A 390 -35.15 8.92 1.23
N UNK A 391 -34.58 9.88 0.52
CA UNK A 391 -35.35 11.02 0.03
C UNK A 391 -34.80 11.46 -1.32
N UNK A 392 -35.68 11.69 -2.28
CA UNK A 392 -35.24 11.99 -3.63
C UNK A 392 -34.68 13.41 -3.77
N UNK A 393 -35.35 14.36 -3.13
CA UNK A 393 -34.97 15.76 -3.27
C UNK A 393 -33.70 16.07 -2.48
N UNK A 394 -33.49 15.30 -1.42
CA UNK A 394 -32.40 15.56 -0.51
C UNK A 394 -31.05 15.15 -1.09
N UNK A 395 -31.07 14.16 -1.97
CA UNK A 395 -29.84 13.60 -2.53
C UNK A 395 -28.95 14.65 -3.19
N UNK A 396 -29.53 15.54 -3.98
CA UNK A 396 -28.74 16.51 -4.71
C UNK A 396 -27.92 17.40 -3.76
N UNK A 397 -28.58 17.94 -2.74
CA UNK A 397 -27.92 18.84 -1.80
C UNK A 397 -26.88 18.08 -0.99
N UNK A 398 -27.25 16.87 -0.58
CA UNK A 398 -26.40 16.03 0.24
C UNK A 398 -25.10 15.72 -0.49
N UNK A 399 -25.20 15.51 -1.80
CA UNK A 399 -24.02 15.26 -2.60
C UNK A 399 -23.01 16.38 -2.42
N UNK A 400 -23.49 17.61 -2.44
CA UNK A 400 -22.63 18.78 -2.27
C UNK A 400 -22.05 18.88 -0.86
N UNK A 401 -22.94 18.76 0.13
CA UNK A 401 -22.51 18.98 1.51
C UNK A 401 -21.47 17.95 1.89
N UNK A 402 -21.76 16.69 1.58
CA UNK A 402 -20.82 15.62 1.89
C UNK A 402 -19.57 15.77 1.03
N UNK A 403 -19.71 16.32 -0.17
CA UNK A 403 -18.55 16.54 -1.03
C UNK A 403 -17.54 17.45 -0.34
N UNK A 404 -18.03 18.56 0.21
CA UNK A 404 -17.13 19.51 0.89
C UNK A 404 -16.64 18.92 2.22
N UNK A 405 -17.52 18.19 2.90
CA UNK A 405 -17.18 17.62 4.19
C UNK A 405 -16.02 16.64 4.01
N UNK A 406 -16.14 15.77 3.02
CA UNK A 406 -15.11 14.79 2.74
C UNK A 406 -13.87 15.52 2.26
N UNK A 407 -14.07 16.62 1.55
CA UNK A 407 -12.94 17.39 1.06
C UNK A 407 -12.09 17.90 2.21
N UNK A 408 -12.73 18.30 3.30
CA UNK A 408 -11.96 18.85 4.42
C UNK A 408 -11.21 17.76 5.20
N UNK A 409 -11.95 16.87 5.85
CA UNK A 409 -11.35 15.86 6.70
C UNK A 409 -11.34 14.52 6.02
N UNK A 410 -10.17 14.04 5.63
CA UNK A 410 -10.05 12.81 4.88
C UNK A 410 -10.39 11.60 5.75
N UNK A 411 -10.45 11.84 7.05
CA UNK A 411 -10.80 10.79 8.00
C UNK A 411 -12.26 10.40 7.87
N UNK A 412 -13.07 11.34 7.38
CA UNK A 412 -14.49 11.12 7.22
C UNK A 412 -14.75 9.85 6.43
N UNK A 413 -13.81 9.51 5.56
CA UNK A 413 -13.91 8.33 4.71
C UNK A 413 -14.32 7.11 5.52
N UNK A 414 -13.67 6.94 6.67
CA UNK A 414 -13.91 5.75 7.48
C UNK A 414 -15.34 5.75 7.99
N UNK A 415 -15.78 6.91 8.49
CA UNK A 415 -17.13 7.05 8.98
C UNK A 415 -18.08 6.73 7.83
N UNK A 416 -17.70 7.16 6.63
CA UNK A 416 -18.52 6.96 5.44
C UNK A 416 -18.60 5.46 5.14
N UNK A 417 -17.51 4.76 5.35
CA UNK A 417 -17.48 3.33 5.11
C UNK A 417 -18.32 2.54 6.12
N UNK A 418 -18.38 3.00 7.37
CA UNK A 418 -19.03 2.22 8.42
C UNK A 418 -20.53 2.04 8.16
N UNK A 419 -21.25 3.15 8.00
CA UNK A 419 -22.61 3.11 7.48
C UNK A 419 -22.44 2.89 5.99
N UNK A 420 -23.49 2.44 5.30
CA UNK A 420 -23.28 2.22 3.88
C UNK A 420 -23.59 3.49 3.13
N UNK A 421 -22.53 4.18 2.72
CA UNK A 421 -22.60 5.34 1.84
C UNK A 421 -22.62 4.88 0.39
N UNK A 422 -21.81 3.86 0.14
CA UNK A 422 -21.50 3.39 -1.21
C UNK A 422 -22.77 3.18 -2.01
N UNK A 423 -23.79 2.64 -1.37
CA UNK A 423 -25.06 2.39 -2.04
C UNK A 423 -25.66 3.69 -2.54
N UNK A 424 -25.70 4.70 -1.68
CA UNK A 424 -26.29 5.98 -2.01
C UNK A 424 -25.51 6.68 -3.12
N UNK A 425 -24.19 6.73 -2.94
CA UNK A 425 -23.34 7.44 -3.90
C UNK A 425 -23.40 6.78 -5.27
N UNK A 426 -23.23 5.46 -5.32
CA UNK A 426 -23.26 4.73 -6.59
C UNK A 426 -24.63 4.89 -7.24
N UNK A 427 -25.67 4.89 -6.41
CA UNK A 427 -27.03 5.05 -6.92
C UNK A 427 -27.15 6.39 -7.64
N UNK A 428 -26.57 7.42 -7.04
CA UNK A 428 -26.56 8.75 -7.67
C UNK A 428 -25.74 8.70 -8.96
N UNK A 429 -24.65 7.94 -8.94
CA UNK A 429 -23.71 7.89 -10.05
C UNK A 429 -24.18 7.03 -11.22
N UNK A 430 -25.23 6.24 -11.01
CA UNK A 430 -25.69 5.28 -12.02
C UNK A 430 -25.94 5.94 -13.38
N UNK A 431 -25.46 5.29 -14.44
CA UNK A 431 -25.51 5.86 -15.79
C UNK A 431 -26.93 6.06 -16.33
N UNK A 432 -27.70 4.99 -16.40
CA UNK A 432 -29.08 5.08 -16.90
C UNK A 432 -29.98 5.84 -15.93
N UNK A 433 -29.52 6.03 -14.70
CA UNK A 433 -30.29 6.77 -13.71
C UNK A 433 -29.98 8.25 -13.81
N UNK A 434 -31.01 9.06 -13.63
CA UNK A 434 -30.86 10.52 -13.68
C UNK A 434 -31.40 11.11 -12.40
N UNK A 435 -30.81 12.21 -11.95
CA UNK A 435 -31.23 12.80 -10.69
C UNK A 435 -31.99 14.09 -10.96
N UNK A 436 -33.17 14.19 -10.35
CA UNK A 436 -34.00 15.38 -10.50
C UNK A 436 -33.27 16.61 -9.98
N UNK A 437 -33.54 17.76 -10.59
CA UNK A 437 -32.86 18.97 -10.19
C UNK A 437 -33.62 19.60 -9.04
N UNK A 438 -32.90 19.92 -7.98
CA UNK A 438 -33.50 20.48 -6.78
C UNK A 438 -33.24 21.97 -6.72
N UNK A 439 -34.30 22.76 -6.92
CA UNK A 439 -34.22 24.21 -6.88
C UNK A 439 -33.18 24.69 -7.88
N UNK A 440 -32.35 25.63 -7.47
CA UNK A 440 -31.27 26.11 -8.33
C UNK A 440 -29.90 25.77 -7.76
N UNK A 441 -29.14 24.96 -8.50
CA UNK A 441 -27.75 24.68 -8.17
C UNK A 441 -26.89 25.24 -9.28
N UNK A 442 -25.82 25.94 -8.92
CA UNK A 442 -24.91 26.46 -9.92
C UNK A 442 -24.08 25.33 -10.53
N UNK A 443 -24.11 24.17 -9.90
CA UNK A 443 -23.33 23.05 -10.38
C UNK A 443 -24.15 22.19 -11.35
N UNK A 444 -23.80 22.26 -12.63
CA UNK A 444 -24.40 21.40 -13.63
C UNK A 444 -23.68 20.06 -13.64
N UNK A 445 -22.54 20.00 -12.96
CA UNK A 445 -21.73 18.80 -12.95
C UNK A 445 -22.43 17.64 -12.25
N UNK A 446 -23.32 17.97 -11.32
CA UNK A 446 -24.07 16.95 -10.59
C UNK A 446 -23.17 15.82 -10.09
N UNK A 447 -23.40 14.65 -10.66
CA UNK A 447 -22.71 13.39 -10.34
C UNK A 447 -21.19 13.51 -10.40
N UNK A 448 -20.71 14.43 -11.23
CA UNK A 448 -19.28 14.64 -11.32
C UNK A 448 -18.73 14.92 -9.93
N UNK A 449 -19.43 15.78 -9.18
CA UNK A 449 -19.00 16.10 -7.83
C UNK A 449 -19.04 14.83 -6.98
N UNK A 450 -20.08 14.04 -7.20
CA UNK A 450 -20.22 12.75 -6.52
C UNK A 450 -18.99 11.89 -6.79
N UNK A 451 -18.52 11.94 -8.02
CA UNK A 451 -17.34 11.17 -8.41
C UNK A 451 -16.16 11.53 -7.51
N UNK A 452 -15.99 12.82 -7.24
CA UNK A 452 -14.87 13.26 -6.42
C UNK A 452 -14.95 12.58 -5.07
N UNK A 453 -16.16 12.46 -4.55
CA UNK A 453 -16.35 11.86 -3.24
C UNK A 453 -15.84 10.43 -3.29
N UNK A 454 -16.24 9.71 -4.34
CA UNK A 454 -15.84 8.31 -4.46
C UNK A 454 -14.32 8.25 -4.51
N UNK A 455 -13.72 9.18 -5.25
CA UNK A 455 -12.27 9.18 -5.38
C UNK A 455 -11.65 9.38 -4.01
N UNK A 456 -12.19 10.32 -3.25
CA UNK A 456 -11.66 10.58 -1.92
C UNK A 456 -11.83 9.33 -1.08
N UNK A 457 -12.95 8.65 -1.29
CA UNK A 457 -13.22 7.42 -0.56
C UNK A 457 -12.19 6.36 -0.94
N UNK A 458 -11.80 6.32 -2.21
CA UNK A 458 -10.83 5.33 -2.67
C UNK A 458 -9.39 5.60 -2.19
N UNK A 459 -9.02 6.88 -2.07
CA UNK A 459 -7.66 7.25 -1.66
C UNK A 459 -7.30 6.67 -0.30
N UNK A 460 -6.11 6.09 -0.22
CA UNK A 460 -5.69 5.30 0.95
C UNK A 460 -6.72 4.20 1.22
N UNK A 461 -6.97 3.92 2.51
CA UNK A 461 -8.08 3.07 2.96
C UNK A 461 -8.33 1.83 2.09
N UNK A 462 -7.39 0.89 2.08
CA UNK A 462 -7.48 -0.29 1.23
C UNK A 462 -8.83 -1.00 1.38
N UNK A 463 -9.37 -0.99 2.58
CA UNK A 463 -10.69 -1.54 2.83
C UNK A 463 -11.71 -0.88 1.92
N UNK A 464 -11.58 0.43 1.76
CA UNK A 464 -12.46 1.18 0.89
C UNK A 464 -12.26 0.72 -0.54
N UNK A 465 -11.01 0.57 -0.95
CA UNK A 465 -10.71 0.13 -2.31
C UNK A 465 -11.41 -1.20 -2.57
N UNK A 466 -11.42 -2.06 -1.56
CA UNK A 466 -12.09 -3.35 -1.65
C UNK A 466 -13.60 -3.19 -1.78
N UNK A 467 -14.18 -2.33 -0.95
CA UNK A 467 -15.61 -2.13 -0.97
C UNK A 467 -16.07 -1.60 -2.32
N UNK A 468 -15.38 -0.57 -2.80
CA UNK A 468 -15.72 0.08 -4.06
C UNK A 468 -15.53 -0.87 -5.24
N UNK A 469 -14.42 -1.60 -5.24
CA UNK A 469 -14.16 -2.59 -6.29
C UNK A 469 -15.27 -3.63 -6.29
N UNK A 470 -15.79 -3.94 -5.11
CA UNK A 470 -16.92 -4.85 -4.95
C UNK A 470 -18.20 -4.29 -5.58
N UNK A 471 -18.35 -2.96 -5.50
CA UNK A 471 -19.51 -2.27 -6.05
C UNK A 471 -19.48 -2.19 -7.57
N UNK A 472 -20.50 -1.56 -8.13
CA UNK A 472 -20.60 -1.38 -9.57
C UNK A 472 -19.90 -0.08 -9.95
N UNK A 473 -19.23 0.52 -8.97
CA UNK A 473 -18.60 1.82 -9.13
C UNK A 473 -17.64 1.85 -10.30
N UNK A 474 -16.81 0.81 -10.42
CA UNK A 474 -15.84 0.76 -11.49
C UNK A 474 -16.49 0.63 -12.87
N UNK A 475 -17.43 -0.31 -12.99
CA UNK A 475 -18.12 -0.54 -14.25
C UNK A 475 -18.86 0.73 -14.65
N UNK A 476 -19.46 1.38 -13.66
CA UNK A 476 -20.20 2.61 -13.91
C UNK A 476 -19.26 3.71 -14.39
N UNK A 477 -18.14 3.86 -13.69
CA UNK A 477 -17.16 4.90 -14.01
C UNK A 477 -16.67 4.76 -15.44
N UNK A 478 -16.39 3.52 -15.84
CA UNK A 478 -15.95 3.27 -17.21
C UNK A 478 -17.01 3.75 -18.21
N UNK A 479 -18.28 3.44 -17.92
CA UNK A 479 -19.38 3.85 -18.77
C UNK A 479 -19.48 5.38 -18.83
N UNK A 480 -19.31 6.02 -17.68
CA UNK A 480 -19.34 7.48 -17.59
C UNK A 480 -18.24 8.08 -18.44
N UNK A 481 -17.10 7.39 -18.47
CA UNK A 481 -15.94 7.84 -19.24
C UNK A 481 -16.26 7.86 -20.73
N UNK A 482 -17.04 6.87 -21.17
CA UNK A 482 -17.30 6.66 -22.60
C UNK A 482 -18.10 7.78 -23.28
N UNK A 483 -19.13 8.30 -22.62
CA UNK A 483 -20.04 9.24 -23.29
C UNK A 483 -19.69 10.71 -23.05
N UNK A 484 -19.50 11.43 -24.15
CA UNK A 484 -19.24 12.87 -24.12
C UNK A 484 -20.53 13.69 -23.95
N UNK A 485 -20.45 14.93 -23.43
CA UNK A 485 -19.22 15.54 -22.93
C UNK A 485 -19.46 16.26 -21.60
N UNK A 486 -18.84 15.76 -20.54
CA UNK A 486 -18.78 16.50 -19.29
C UNK A 486 -17.34 16.49 -18.81
N UNK A 487 -16.72 17.66 -18.73
CA UNK A 487 -15.30 17.70 -18.45
C UNK A 487 -15.02 17.30 -17.01
N UNK A 488 -15.81 17.84 -16.09
CA UNK A 488 -15.62 17.55 -14.68
C UNK A 488 -15.86 16.07 -14.41
N UNK A 489 -16.94 15.53 -14.98
CA UNK A 489 -17.30 14.14 -14.78
C UNK A 489 -16.19 13.26 -15.28
N UNK A 490 -15.61 13.65 -16.42
CA UNK A 490 -14.56 12.84 -17.02
C UNK A 490 -13.32 12.81 -16.13
N UNK A 491 -12.84 13.99 -15.74
CA UNK A 491 -11.60 14.07 -14.97
C UNK A 491 -11.76 13.41 -13.61
N UNK A 492 -12.86 13.74 -12.93
CA UNK A 492 -13.09 13.25 -11.57
C UNK A 492 -13.33 11.74 -11.61
N UNK A 493 -14.02 11.26 -12.63
CA UNK A 493 -14.24 9.81 -12.76
C UNK A 493 -12.93 9.09 -13.02
N UNK A 494 -12.12 9.62 -13.94
CA UNK A 494 -10.86 8.98 -14.28
C UNK A 494 -9.94 8.93 -13.07
N UNK A 495 -9.84 10.02 -12.34
CA UNK A 495 -9.03 10.05 -11.14
C UNK A 495 -9.60 9.08 -10.11
N UNK A 496 -10.94 9.00 -10.04
CA UNK A 496 -11.59 8.10 -9.10
C UNK A 496 -11.14 6.68 -9.37
N UNK A 497 -11.10 6.32 -10.65
CA UNK A 497 -10.58 5.00 -11.05
C UNK A 497 -9.12 4.89 -10.65
N UNK A 498 -8.40 6.01 -10.77
CA UNK A 498 -6.97 6.03 -10.51
C UNK A 498 -6.71 5.61 -9.08
N UNK A 499 -7.48 6.16 -8.16
CA UNK A 499 -7.34 5.79 -6.76
C UNK A 499 -7.96 4.41 -6.51
N UNK A 500 -8.99 4.07 -7.29
CA UNK A 500 -9.71 2.80 -7.09
C UNK A 500 -8.90 1.55 -7.38
N UNK A 501 -8.09 1.58 -8.43
CA UNK A 501 -7.41 0.36 -8.89
C UNK A 501 -6.00 0.20 -8.31
N UNK A 502 -5.61 1.09 -7.41
CA UNK A 502 -4.21 1.16 -6.97
C UNK A 502 -3.68 -0.12 -6.34
N UNK A 503 -4.11 -0.44 -5.13
CA UNK A 503 -3.51 -1.55 -4.40
C UNK A 503 -4.32 -2.85 -4.43
N UNK A 504 -5.47 -2.86 -5.10
CA UNK A 504 -6.29 -4.08 -5.10
C UNK A 504 -6.08 -4.80 -6.42
N UNK A 505 -5.44 -5.97 -6.34
CA UNK A 505 -5.08 -6.70 -7.54
C UNK A 505 -6.33 -7.21 -8.23
N UNK A 506 -7.27 -7.74 -7.44
CA UNK A 506 -8.51 -8.30 -7.97
C UNK A 506 -9.31 -7.21 -8.69
N UNK A 507 -9.23 -5.99 -8.18
CA UNK A 507 -9.89 -4.85 -8.81
C UNK A 507 -9.30 -4.62 -10.19
N UNK A 508 -7.98 -4.59 -10.26
CA UNK A 508 -7.27 -4.39 -11.51
C UNK A 508 -7.66 -5.51 -12.48
N UNK A 509 -7.85 -6.70 -11.94
CA UNK A 509 -8.28 -7.85 -12.72
C UNK A 509 -9.67 -7.62 -13.30
N UNK A 510 -10.57 -7.07 -12.48
CA UNK A 510 -11.93 -6.80 -12.91
C UNK A 510 -11.92 -5.77 -14.04
N UNK A 511 -11.08 -4.75 -13.89
CA UNK A 511 -10.95 -3.73 -14.91
C UNK A 511 -10.42 -4.34 -16.20
N UNK A 512 -9.41 -5.19 -16.06
CA UNK A 512 -8.81 -5.85 -17.20
C UNK A 512 -9.85 -6.69 -17.93
N UNK A 513 -10.75 -7.30 -17.16
CA UNK A 513 -11.85 -8.08 -17.74
C UNK A 513 -12.77 -7.13 -18.48
N UNK A 514 -12.95 -5.94 -17.93
CA UNK A 514 -13.71 -4.89 -18.61
C UNK A 514 -12.92 -4.38 -19.81
N UNK A 515 -11.61 -4.61 -19.79
CA UNK A 515 -10.70 -4.19 -20.86
C UNK A 515 -10.72 -2.68 -21.02
N UNK A 516 -10.96 -2.00 -19.91
CA UNK A 516 -11.11 -0.55 -19.91
C UNK A 516 -9.79 0.13 -20.28
N UNK A 517 -8.68 -0.59 -20.10
CA UNK A 517 -7.36 -0.07 -20.43
C UNK A 517 -7.32 0.50 -21.84
N UNK A 518 -8.01 -0.16 -22.76
CA UNK A 518 -8.13 0.33 -24.13
C UNK A 518 -8.92 1.64 -24.14
N UNK A 519 -9.98 1.69 -23.35
CA UNK A 519 -10.87 2.85 -23.34
C UNK A 519 -10.15 4.08 -22.83
N UNK A 520 -9.31 3.90 -21.82
CA UNK A 520 -8.51 4.99 -21.26
C UNK A 520 -7.58 5.56 -22.31
N UNK A 521 -7.06 4.66 -23.15
CA UNK A 521 -6.14 5.03 -24.23
C UNK A 521 -6.81 5.97 -25.23
N UNK A 522 -8.07 5.70 -25.55
CA UNK A 522 -8.82 6.53 -26.46
C UNK A 522 -8.96 7.95 -25.92
N UNK A 523 -8.96 8.08 -24.60
CA UNK A 523 -9.15 9.38 -23.96
C UNK A 523 -7.93 10.28 -24.10
N UNK A 524 -6.83 9.72 -24.58
CA UNK A 524 -5.56 10.46 -24.67
C UNK A 524 -5.68 11.76 -25.45
N UNK A 525 -6.59 11.82 -26.41
CA UNK A 525 -6.72 13.00 -27.26
C UNK A 525 -7.79 13.99 -26.77
N UNK A 526 -8.38 13.73 -25.61
CA UNK A 526 -9.51 14.52 -25.12
C UNK A 526 -9.17 16.01 -25.03
N UNK A 527 -10.17 16.84 -25.28
CA UNK A 527 -9.98 18.27 -25.34
C UNK A 527 -9.50 18.85 -24.01
N UNK A 528 -10.07 18.38 -22.91
CA UNK A 528 -9.65 18.89 -21.62
C UNK A 528 -8.33 18.28 -21.20
N UNK A 529 -7.33 19.13 -20.99
CA UNK A 529 -6.00 18.69 -20.57
C UNK A 529 -6.08 18.00 -19.22
N UNK A 530 -6.98 18.50 -18.38
CA UNK A 530 -7.20 17.92 -17.06
C UNK A 530 -7.54 16.44 -17.20
N UNK A 531 -8.40 16.11 -18.16
CA UNK A 531 -8.81 14.74 -18.41
C UNK A 531 -7.60 13.86 -18.72
N UNK A 532 -6.75 14.37 -19.61
CA UNK A 532 -5.53 13.67 -19.99
C UNK A 532 -4.68 13.40 -18.76
N UNK A 533 -4.60 14.39 -17.87
CA UNK A 533 -3.82 14.24 -16.65
C UNK A 533 -4.37 13.10 -15.80
N UNK A 534 -5.69 13.05 -15.68
CA UNK A 534 -6.32 12.02 -14.89
C UNK A 534 -6.00 10.65 -15.48
N UNK A 535 -6.03 10.55 -16.81
CA UNK A 535 -5.66 9.30 -17.47
C UNK A 535 -4.22 8.91 -17.13
N UNK A 536 -3.33 9.89 -17.09
CA UNK A 536 -1.92 9.61 -16.77
C UNK A 536 -1.75 9.04 -15.37
N UNK A 537 -2.38 9.67 -14.37
CA UNK A 537 -2.29 9.17 -12.99
C UNK A 537 -2.96 7.80 -12.89
N UNK A 538 -4.02 7.62 -13.67
CA UNK A 538 -4.78 6.37 -13.70
C UNK A 538 -3.91 5.21 -14.15
N UNK A 539 -3.28 5.37 -15.30
CA UNK A 539 -2.40 4.33 -15.81
C UNK A 539 -1.22 4.17 -14.87
N UNK A 540 -0.78 5.27 -14.28
CA UNK A 540 0.35 5.24 -13.36
C UNK A 540 0.07 4.34 -12.16
N UNK A 541 -1.13 4.42 -11.60
CA UNK A 541 -1.49 3.55 -10.49
C UNK A 541 -1.64 2.13 -11.02
N UNK A 542 -2.30 2.00 -12.16
CA UNK A 542 -2.65 0.70 -12.73
C UNK A 542 -1.43 -0.19 -12.96
N UNK A 543 -0.31 0.45 -13.25
CA UNK A 543 0.94 -0.24 -13.56
C UNK A 543 1.50 -1.01 -12.36
N UNK A 544 2.43 -1.89 -12.67
CA UNK A 544 3.16 -2.70 -11.68
C UNK A 544 2.29 -3.64 -10.86
N UNK A 545 1.76 -4.67 -11.52
CA UNK A 545 1.06 -5.75 -10.84
C UNK A 545 2.09 -6.59 -10.09
N UNK A 546 1.70 -7.12 -8.93
CA UNK A 546 2.60 -7.92 -8.12
C UNK A 546 3.05 -9.15 -8.90
N UNK A 547 2.15 -9.69 -9.71
CA UNK A 547 2.47 -10.85 -10.54
C UNK A 547 3.54 -10.48 -11.57
N UNK A 548 4.50 -11.37 -11.75
CA UNK A 548 5.65 -11.15 -12.63
C UNK A 548 5.51 -11.84 -13.98
N UNK A 549 4.32 -12.35 -14.29
CA UNK A 549 4.09 -13.09 -15.53
C UNK A 549 4.15 -12.23 -16.79
N UNK A 550 4.58 -12.87 -17.88
CA UNK A 550 4.72 -12.24 -19.19
C UNK A 550 3.42 -11.66 -19.73
N UNK A 551 2.31 -12.34 -19.48
CA UNK A 551 1.00 -11.86 -19.94
C UNK A 551 0.76 -10.45 -19.43
N UNK A 552 1.20 -10.20 -18.20
CA UNK A 552 1.07 -8.89 -17.61
C UNK A 552 1.93 -7.90 -18.40
N UNK A 553 3.18 -8.29 -18.64
CA UNK A 553 4.13 -7.44 -19.36
C UNK A 553 3.61 -7.01 -20.71
N UNK A 554 2.93 -7.92 -21.40
CA UNK A 554 2.35 -7.60 -22.70
C UNK A 554 1.36 -6.46 -22.55
N UNK A 555 0.54 -6.55 -21.50
CA UNK A 555 -0.47 -5.53 -21.23
C UNK A 555 0.16 -4.20 -20.88
N UNK A 556 1.19 -4.23 -20.06
CA UNK A 556 1.84 -3.02 -19.59
C UNK A 556 2.48 -2.30 -20.78
N UNK A 557 3.14 -3.07 -21.63
CA UNK A 557 3.74 -2.50 -22.85
C UNK A 557 2.64 -1.90 -23.72
N UNK A 558 1.52 -2.60 -23.81
CA UNK A 558 0.40 -2.12 -24.60
C UNK A 558 -0.07 -0.76 -24.10
N UNK A 559 -0.06 -0.60 -22.78
CA UNK A 559 -0.38 0.70 -22.19
C UNK A 559 0.68 1.71 -22.61
N UNK A 560 1.93 1.28 -22.52
CA UNK A 560 3.08 2.15 -22.76
C UNK A 560 3.03 2.77 -24.15
N UNK A 561 2.60 1.99 -25.14
CA UNK A 561 2.52 2.50 -26.51
C UNK A 561 1.44 3.57 -26.64
N UNK A 562 0.25 3.22 -26.19
CA UNK A 562 -0.90 4.12 -26.29
C UNK A 562 -0.61 5.43 -25.60
N UNK A 563 0.05 5.36 -24.44
CA UNK A 563 0.47 6.55 -23.72
C UNK A 563 1.57 7.27 -24.49
N UNK A 564 2.43 6.50 -25.15
CA UNK A 564 3.56 7.05 -25.89
C UNK A 564 3.04 7.98 -26.97
N UNK A 565 1.87 7.65 -27.51
CA UNK A 565 1.25 8.50 -28.52
C UNK A 565 1.06 9.92 -27.97
N UNK A 566 0.65 10.02 -26.70
CA UNK A 566 0.33 11.30 -26.06
C UNK A 566 1.56 12.20 -25.88
N UNK A 567 2.74 11.63 -26.08
CA UNK A 567 3.99 12.30 -25.76
C UNK A 567 4.14 13.70 -26.37
N UNK A 568 3.48 13.95 -27.49
CA UNK A 568 3.67 15.21 -28.21
C UNK A 568 2.78 16.35 -27.71
N UNK A 569 1.97 16.11 -26.69
CA UNK A 569 1.10 17.16 -26.16
C UNK A 569 1.92 18.25 -25.48
N UNK A 570 1.51 19.50 -25.64
CA UNK A 570 2.30 20.62 -25.16
C UNK A 570 2.09 20.91 -23.68
N UNK A 571 0.91 20.58 -23.17
CA UNK A 571 0.47 21.05 -21.85
C UNK A 571 1.37 20.63 -20.72
N UNK A 572 1.86 21.62 -19.98
CA UNK A 572 2.83 21.38 -18.93
C UNK A 572 2.28 20.42 -17.87
N UNK A 573 0.99 20.55 -17.55
CA UNK A 573 0.36 19.62 -16.60
C UNK A 573 0.30 18.22 -17.17
N UNK A 574 -0.20 18.14 -18.41
CA UNK A 574 -0.42 16.87 -19.08
C UNK A 574 0.91 16.18 -19.27
N UNK A 575 1.91 16.97 -19.67
CA UNK A 575 3.25 16.45 -19.88
C UNK A 575 3.85 16.01 -18.56
N UNK A 576 3.59 16.76 -17.50
CA UNK A 576 4.14 16.43 -16.19
C UNK A 576 3.64 15.08 -15.68
N UNK A 577 2.32 14.88 -15.66
CA UNK A 577 1.77 13.62 -15.15
C UNK A 577 2.22 12.44 -16.02
N UNK A 578 2.24 12.64 -17.33
CA UNK A 578 2.71 11.63 -18.25
C UNK A 578 4.15 11.30 -17.93
N UNK A 579 4.93 12.33 -17.63
CA UNK A 579 6.34 12.16 -17.28
C UNK A 579 6.45 11.30 -16.03
N UNK A 580 5.48 11.45 -15.12
CA UNK A 580 5.46 10.62 -13.92
C UNK A 580 5.21 9.16 -14.28
N UNK A 581 4.21 8.93 -15.14
CA UNK A 581 3.88 7.57 -15.56
C UNK A 581 5.05 6.88 -16.25
N UNK A 582 5.69 7.61 -17.15
CA UNK A 582 6.89 7.12 -17.83
C UNK A 582 7.98 6.84 -16.81
N UNK A 583 8.10 7.71 -15.81
CA UNK A 583 9.11 7.55 -14.77
C UNK A 583 8.94 6.22 -14.07
N UNK A 584 7.72 5.94 -13.64
CA UNK A 584 7.44 4.68 -12.96
C UNK A 584 7.73 3.51 -13.90
N UNK A 585 7.37 3.69 -15.17
CA UNK A 585 7.56 2.64 -16.16
C UNK A 585 9.04 2.29 -16.28
N UNK A 586 9.88 3.31 -16.39
CA UNK A 586 11.32 3.12 -16.51
C UNK A 586 11.88 2.48 -15.25
N UNK A 587 11.40 2.90 -14.08
CA UNK A 587 11.87 2.32 -12.83
C UNK A 587 11.54 0.84 -12.80
N UNK A 588 10.39 0.48 -13.37
CA UNK A 588 9.97 -0.92 -13.44
C UNK A 588 10.76 -1.73 -14.49
N UNK A 589 10.91 -1.16 -15.67
CA UNK A 589 11.51 -1.85 -16.83
C UNK A 589 12.98 -1.52 -17.01
N UNK A 590 13.60 -0.99 -15.95
CA UNK A 590 14.94 -0.39 -15.99
C UNK A 590 16.03 -1.20 -16.70
N UNK A 591 15.98 -2.53 -16.64
CA UNK A 591 17.05 -3.29 -17.29
C UNK A 591 17.04 -3.01 -18.80
N UNK A 592 15.88 -3.23 -19.41
CA UNK A 592 15.71 -3.07 -20.84
C UNK A 592 15.98 -1.64 -21.26
N UNK A 593 15.46 -0.70 -20.45
CA UNK A 593 15.64 0.72 -20.73
C UNK A 593 17.13 1.04 -20.69
N UNK A 594 17.85 0.44 -19.75
CA UNK A 594 19.28 0.66 -19.63
C UNK A 594 19.95 0.22 -20.92
N UNK A 595 19.56 -0.97 -21.38
CA UNK A 595 20.12 -1.51 -22.62
C UNK A 595 19.84 -0.54 -23.77
N UNK A 596 18.65 0.04 -23.75
CA UNK A 596 18.24 0.99 -24.78
C UNK A 596 19.11 2.23 -24.76
N UNK A 597 19.41 2.73 -23.56
CA UNK A 597 20.23 3.94 -23.41
C UNK A 597 21.64 3.67 -23.90
N UNK A 598 22.17 2.50 -23.57
CA UNK A 598 23.50 2.13 -24.02
C UNK A 598 23.54 2.05 -25.55
N UNK A 599 22.51 1.45 -26.14
CA UNK A 599 22.43 1.34 -27.59
C UNK A 599 22.34 2.72 -28.22
N UNK A 600 21.61 3.61 -27.56
CA UNK A 600 21.44 4.98 -28.02
C UNK A 600 22.79 5.69 -28.02
N UNK A 601 23.58 5.42 -26.99
CA UNK A 601 24.92 5.99 -26.92
C UNK A 601 25.74 5.42 -28.07
N UNK A 602 25.55 4.13 -28.34
CA UNK A 602 26.18 3.47 -29.47
C UNK A 602 25.63 4.00 -30.79
N UNK A 603 24.34 4.34 -30.79
CA UNK A 603 23.68 4.85 -31.98
C UNK A 603 24.18 6.26 -32.31
N UNK A 604 12.13 -2.98 -28.05
CA UNK A 604 12.00 -2.18 -29.27
C UNK A 604 11.31 -0.85 -28.98
N UNK A 605 10.09 -0.92 -28.47
CA UNK A 605 9.31 0.27 -28.13
C UNK A 605 10.03 1.10 -27.06
N UNK A 606 10.63 0.40 -26.11
CA UNK A 606 11.34 1.05 -25.01
C UNK A 606 12.46 1.97 -25.53
N UNK A 607 13.11 1.55 -26.61
CA UNK A 607 14.16 2.35 -27.22
C UNK A 607 13.58 3.69 -27.68
N UNK A 608 12.46 3.62 -28.40
CA UNK A 608 11.77 4.82 -28.87
C UNK A 608 11.37 5.72 -27.70
N UNK A 609 10.86 5.10 -26.63
CA UNK A 609 10.45 5.86 -25.46
C UNK A 609 11.65 6.64 -24.91
N UNK A 610 12.80 5.96 -24.88
CA UNK A 610 14.02 6.58 -24.41
C UNK A 610 14.41 7.74 -25.32
N UNK A 611 14.29 7.53 -26.63
CA UNK A 611 14.61 8.55 -27.60
C UNK A 611 13.77 9.80 -27.32
N UNK A 612 12.49 9.60 -27.04
CA UNK A 612 11.61 10.71 -26.73
C UNK A 612 12.07 11.38 -25.42
N UNK A 613 12.40 10.56 -24.43
CA UNK A 613 12.74 11.06 -23.10
C UNK A 613 13.93 12.03 -23.13
N UNK A 614 14.92 11.73 -23.96
CA UNK A 614 16.08 12.61 -24.10
C UNK A 614 15.60 13.94 -24.65
N UNK A 615 14.75 13.87 -25.66
CA UNK A 615 14.18 15.06 -26.27
C UNK A 615 13.46 15.90 -25.22
N UNK A 616 12.83 15.21 -24.27
CA UNK A 616 12.18 15.89 -23.15
C UNK A 616 13.22 16.56 -22.27
N UNK A 617 14.37 15.92 -22.10
CA UNK A 617 15.46 16.53 -21.35
C UNK A 617 15.85 17.84 -22.00
N UNK A 618 15.81 17.86 -23.33
CA UNK A 618 16.09 19.09 -24.08
C UNK A 618 14.89 20.05 -24.14
N UNK A 619 13.68 19.49 -24.18
CA UNK A 619 12.45 20.28 -24.34
C UNK A 619 12.26 21.30 -23.23
N UNK A 620 11.93 22.53 -23.59
CA UNK A 620 11.94 23.60 -22.60
C UNK A 620 10.56 23.95 -22.07
N UNK A 621 10.30 23.48 -20.87
CA UNK A 621 9.32 24.02 -19.93
C UNK A 621 9.99 23.71 -18.61
N UNK A 622 10.03 24.67 -17.68
CA UNK A 622 10.89 24.52 -16.51
C UNK A 622 10.70 23.17 -15.81
N UNK A 623 9.45 22.81 -15.57
CA UNK A 623 9.11 21.55 -14.91
C UNK A 623 9.45 20.36 -15.81
N UNK A 624 9.07 20.46 -17.08
CA UNK A 624 9.30 19.37 -18.02
C UNK A 624 10.80 19.11 -18.16
N UNK A 625 11.55 20.17 -18.44
CA UNK A 625 12.99 20.07 -18.63
C UNK A 625 13.65 19.51 -17.38
N UNK A 626 13.28 20.06 -16.23
CA UNK A 626 13.89 19.61 -14.97
C UNK A 626 13.60 18.14 -14.67
N UNK A 627 12.34 17.76 -14.74
CA UNK A 627 11.93 16.39 -14.42
C UNK A 627 12.60 15.41 -15.36
N UNK A 628 12.60 15.75 -16.65
CA UNK A 628 13.19 14.90 -17.65
C UNK A 628 14.67 14.76 -17.37
N UNK A 629 15.29 15.87 -16.96
CA UNK A 629 16.70 15.87 -16.60
C UNK A 629 16.96 14.91 -15.43
N UNK A 630 16.05 14.89 -14.46
CA UNK A 630 16.18 13.99 -13.33
C UNK A 630 16.14 12.54 -13.80
N UNK A 631 15.20 12.25 -14.70
CA UNK A 631 15.04 10.89 -15.21
C UNK A 631 16.27 10.45 -16.01
N UNK A 632 16.68 11.28 -16.96
CA UNK A 632 17.81 10.98 -17.83
C UNK A 632 19.09 10.84 -17.02
N UNK A 633 19.30 11.73 -16.07
CA UNK A 633 20.44 11.65 -15.18
C UNK A 633 20.40 10.33 -14.41
N UNK A 634 19.21 9.93 -13.98
CA UNK A 634 19.05 8.67 -13.28
C UNK A 634 19.50 7.50 -14.15
N UNK A 635 18.94 7.41 -15.36
CA UNK A 635 19.25 6.29 -16.25
C UNK A 635 20.70 6.28 -16.72
N UNK A 636 21.23 7.46 -17.00
CA UNK A 636 22.62 7.60 -17.42
C UNK A 636 23.54 7.13 -16.31
N UNK A 637 23.30 7.63 -15.09
CA UNK A 637 24.05 7.19 -13.94
C UNK A 637 23.95 5.67 -13.80
N UNK A 638 22.75 5.14 -14.04
CA UNK A 638 22.52 3.70 -13.94
C UNK A 638 23.39 2.91 -14.92
N UNK A 639 23.48 3.37 -16.16
CA UNK A 639 24.27 2.66 -17.17
C UNK A 639 25.73 2.62 -16.74
N UNK A 640 26.22 3.75 -16.22
CA UNK A 640 27.56 3.80 -15.67
C UNK A 640 27.63 2.91 -14.43
N UNK A 641 26.58 2.98 -13.62
CA UNK A 641 26.47 2.17 -12.41
C UNK A 641 26.36 0.71 -12.81
N UNK A 642 25.83 0.48 -14.00
CA UNK A 642 25.69 -0.87 -14.54
C UNK A 642 27.05 -1.50 -14.71
N UNK A 643 27.07 -2.83 -14.75
CA UNK A 643 28.30 -3.60 -14.72
C UNK A 643 29.31 -3.25 -15.81
N UNK A 644 28.89 -2.60 -16.89
CA UNK A 644 29.84 -2.29 -17.95
C UNK A 644 30.54 -0.94 -17.78
N UNK A 645 31.80 -0.98 -17.34
CA UNK A 645 32.61 0.22 -17.18
C UNK A 645 33.19 0.61 -18.54
N UNK A 646 33.18 -0.37 -19.43
CA UNK A 646 33.62 -0.19 -20.80
C UNK A 646 32.75 0.88 -21.46
N UNK A 647 31.48 0.91 -21.08
CA UNK A 647 30.58 1.90 -21.63
C UNK A 647 30.76 3.25 -20.96
N UNK A 648 31.39 3.27 -19.78
CA UNK A 648 31.79 4.53 -19.15
C UNK A 648 32.98 5.11 -19.91
N UNK A 649 33.87 4.22 -20.33
CA UNK A 649 34.97 4.59 -21.20
C UNK A 649 34.40 5.11 -22.51
N UNK A 650 33.37 4.42 -23.01
CA UNK A 650 32.66 4.81 -24.22
C UNK A 650 32.01 6.18 -24.05
N UNK A 651 31.52 6.45 -22.85
CA UNK A 651 30.93 7.73 -22.48
C UNK A 651 31.96 8.85 -22.55
N UNK A 652 33.14 8.57 -21.99
CA UNK A 652 34.27 9.50 -22.03
C UNK A 652 34.70 9.79 -23.48
N UNK A 653 34.85 8.73 -24.25
CA UNK A 653 35.21 8.80 -25.68
C UNK A 653 34.17 9.55 -26.53
N UNK A 654 32.90 9.35 -26.20
CA UNK A 654 31.79 10.00 -26.91
C UNK A 654 31.91 11.52 -26.86
N UNK A 655 32.23 12.04 -25.68
CA UNK A 655 32.51 13.46 -25.50
C UNK A 655 33.69 13.91 -26.36
N UNK A 656 19.27 11.72 -7.16
CA UNK A 656 18.16 11.49 -8.08
C UNK A 656 17.25 10.36 -7.59
N UNK A 657 16.12 10.73 -7.00
CA UNK A 657 15.14 9.77 -6.53
C UNK A 657 14.25 9.29 -7.67
N UNK A 658 14.24 7.98 -7.92
CA UNK A 658 13.66 7.46 -9.16
C UNK A 658 12.14 7.54 -9.14
N UNK A 659 11.54 7.06 -8.06
CA UNK A 659 10.09 7.20 -7.90
C UNK A 659 9.80 8.69 -7.85
N UNK A 660 8.89 9.16 -8.71
CA UNK A 660 8.60 10.59 -8.77
C UNK A 660 7.22 10.90 -8.19
N UNK A 661 7.12 11.99 -7.43
CA UNK A 661 5.87 12.37 -6.76
C UNK A 661 4.85 12.94 -7.74
N UNK A 662 3.63 12.42 -7.71
CA UNK A 662 2.63 12.79 -8.69
C UNK A 662 2.05 14.18 -8.45
N UNK A 663 1.35 14.34 -7.33
CA UNK A 663 0.81 15.63 -6.90
C UNK A 663 -0.18 16.24 -7.91
N UNK A 664 -0.74 15.41 -8.78
CA UNK A 664 -1.81 15.84 -9.67
C UNK A 664 -3.14 15.77 -8.93
N UNK A 665 -3.25 14.77 -8.06
CA UNK A 665 -4.44 14.57 -7.25
C UNK A 665 -4.75 15.77 -6.38
N UNK A 666 -3.73 16.30 -5.71
CA UNK A 666 -3.92 17.47 -4.86
C UNK A 666 -4.31 18.70 -5.67
N UNK A 667 -3.62 18.93 -6.78
CA UNK A 667 -3.84 20.13 -7.60
C UNK A 667 -5.25 20.09 -8.16
N UNK A 668 -5.70 18.88 -8.49
CA UNK A 668 -7.05 18.67 -8.96
C UNK A 668 -8.08 18.87 -7.85
N UNK A 669 -7.79 18.31 -6.67
CA UNK A 669 -8.73 18.34 -5.55
C UNK A 669 -9.10 19.73 -5.06
N UNK A 670 -8.20 20.70 -5.23
CA UNK A 670 -8.45 22.05 -4.75
C UNK A 670 -9.73 22.64 -5.31
N UNK A 671 -10.04 22.30 -6.57
CA UNK A 671 -11.21 22.86 -7.26
C UNK A 671 -12.47 22.62 -6.46
N UNK A 672 -12.61 21.40 -5.92
CA UNK A 672 -13.77 21.05 -5.12
C UNK A 672 -13.66 21.67 -3.72
N UNK A 673 -12.43 21.93 -3.29
CA UNK A 673 -12.19 22.58 -2.00
C UNK A 673 -12.42 24.08 -2.08
N UNK A 674 -12.20 24.65 -3.26
CA UNK A 674 -12.46 26.06 -3.52
C UNK A 674 -13.96 26.32 -3.64
N UNK A 675 -14.35 27.58 -3.50
CA UNK A 675 -15.76 27.97 -3.61
C UNK A 675 -16.29 27.73 -5.03
N UNK A 676 -17.40 27.01 -5.10
CA UNK A 676 -18.00 26.64 -6.38
C UNK A 676 -19.15 27.57 -6.78
N UNK A 677 -20.16 27.65 -5.92
CA UNK A 677 -21.41 28.35 -6.22
C UNK A 677 -21.25 29.81 -6.64
N UNK A 678 -20.55 30.59 -5.85
CA UNK A 678 -20.42 32.03 -6.12
C UNK A 678 -19.53 32.30 -7.34
N UNK A 679 -10.36 58.39 -36.91
CA UNK A 679 -10.91 57.18 -37.50
C UNK A 679 -11.85 57.53 -38.65
N UNK A 680 -12.35 56.50 -39.33
CA UNK A 680 -13.23 56.66 -40.49
C UNK A 680 -12.56 57.53 -41.55
N UNK A 681 -13.17 58.68 -41.83
CA UNK A 681 -12.68 59.55 -42.90
C UNK A 681 -11.34 60.17 -42.52
N UNK A 682 -11.03 60.16 -41.23
CA UNK A 682 -9.75 60.65 -40.74
C UNK A 682 -8.63 59.77 -41.28
N UNK A 683 -8.97 58.55 -41.69
CA UNK A 683 -7.98 57.65 -42.26
C UNK A 683 -7.61 58.19 -43.62
N UNK A 684 -8.62 58.69 -44.35
CA UNK A 684 -8.36 59.32 -45.62
C UNK A 684 -7.54 60.57 -45.32
N UNK A 685 -7.80 61.18 -44.16
CA UNK A 685 -7.06 62.37 -43.78
C UNK A 685 -5.69 61.91 -43.32
N UNK A 686 -5.63 60.70 -42.78
CA UNK A 686 -4.35 60.10 -42.44
C UNK A 686 -3.61 59.83 -43.75
N UNK A 687 -4.36 59.53 -44.81
CA UNK A 687 -3.74 59.41 -46.12
C UNK A 687 -3.34 60.79 -46.60
N UNK A 688 -4.15 61.78 -46.25
CA UNK A 688 -3.89 63.17 -46.61
C UNK A 688 -2.80 63.79 -45.74
N UNK A 689 -2.43 63.10 -44.67
CA UNK A 689 -1.40 63.62 -43.77
C UNK A 689 -0.14 62.75 -43.76
N UNK A 690 0.91 63.27 -44.37
CA UNK A 690 2.21 62.61 -44.42
C UNK A 690 2.84 62.64 -43.03
N UNK A 691 3.62 61.62 -42.68
CA UNK A 691 4.26 61.67 -41.38
C UNK A 691 5.74 62.00 -41.49
N UNK A 692 6.05 63.25 -41.14
CA UNK A 692 7.43 63.77 -41.12
C UNK A 692 7.89 63.99 -39.69
N UNK A 693 6.99 63.72 -38.74
CA UNK A 693 7.20 64.05 -37.34
C UNK A 693 7.86 62.95 -36.52
N UNK A 694 8.84 63.33 -35.72
CA UNK A 694 9.53 62.43 -34.81
C UNK A 694 9.08 62.74 -33.39
N UNK A 695 8.53 61.75 -32.70
CA UNK A 695 8.04 61.94 -31.34
C UNK A 695 9.16 61.90 -30.30
N UNK A 696 10.04 60.91 -30.42
CA UNK A 696 11.10 60.70 -29.45
C UNK A 696 12.02 59.55 -29.86
N UNK A 697 13.21 59.52 -29.27
CA UNK A 697 14.19 58.49 -29.58
C UNK A 697 14.22 57.40 -28.50
N UNK A 698 13.94 56.17 -28.90
CA UNK A 698 13.99 55.05 -27.95
C UNK A 698 15.33 54.35 -28.11
N UNK A 699 15.93 53.92 -27.00
CA UNK A 699 17.21 53.21 -27.04
C UNK A 699 17.11 51.81 -26.45
N UNK A 700 17.65 50.83 -27.17
CA UNK A 700 17.59 49.43 -26.74
C UNK A 700 18.93 48.75 -26.96
N UNK A 701 19.27 47.81 -26.08
CA UNK A 701 20.53 47.06 -26.18
C UNK A 701 20.60 46.20 -27.44
N UNK A 702 21.84 45.88 -27.83
CA UNK A 702 22.12 45.08 -29.03
C UNK A 702 21.54 45.69 -30.30
N UNK A 703 20.71 44.91 -30.99
CA UNK A 703 20.08 45.33 -32.24
C UNK A 703 18.68 44.74 -32.31
N UNK A 704 17.70 45.55 -32.71
CA UNK A 704 16.33 45.06 -32.76
C UNK A 704 16.11 44.07 -33.89
N UNK A 705 15.66 42.87 -33.55
CA UNK A 705 15.38 41.82 -34.53
C UNK A 705 13.93 41.93 -35.03
N UNK A 706 13.00 42.08 -34.09
CA UNK A 706 11.58 42.20 -34.40
C UNK A 706 10.88 43.05 -33.35
N UNK A 707 9.81 43.73 -33.76
CA UNK A 707 9.07 44.61 -32.85
C UNK A 707 7.59 44.23 -32.79
N UNK A 708 7.02 44.36 -31.60
CA UNK A 708 5.61 44.07 -31.39
C UNK A 708 4.88 45.27 -30.81
N UNK A 709 3.71 45.58 -31.37
CA UNK A 709 2.92 46.71 -30.90
C UNK A 709 1.66 46.21 -30.19
N UNK A 710 1.44 46.69 -28.98
CA UNK A 710 0.25 46.28 -28.22
C UNK A 710 -0.99 47.00 -28.73
N UNK A 711 -2.06 46.25 -28.95
CA UNK A 711 -3.29 46.79 -29.53
C UNK A 711 -3.98 47.83 -28.65
N UNK A 712 -4.37 47.44 -27.45
CA UNK A 712 -5.09 48.36 -26.56
C UNK A 712 -4.20 49.01 -25.50
N UNK A 713 -2.92 48.65 -25.46
CA UNK A 713 -2.02 49.19 -24.45
C UNK A 713 -0.85 49.93 -25.10
N UNK A 714 -0.37 50.98 -24.46
CA UNK A 714 0.79 51.68 -25.00
C UNK A 714 2.10 51.11 -24.48
N UNK A 715 2.83 50.44 -25.37
CA UNK A 715 4.13 49.83 -25.11
C UNK A 715 4.57 49.07 -26.36
N UNK A 716 5.87 48.92 -26.54
CA UNK A 716 6.40 48.16 -27.67
C UNK A 716 7.32 47.05 -27.18
N UNK A 717 7.07 45.83 -27.63
CA UNK A 717 7.98 44.73 -27.31
C UNK A 717 9.12 44.78 -28.32
N UNK A 718 10.31 44.39 -27.89
CA UNK A 718 11.51 44.53 -28.71
C UNK A 718 12.35 43.27 -28.59
N UNK A 719 12.84 42.79 -29.73
CA UNK A 719 13.61 41.55 -29.77
C UNK A 719 15.02 41.79 -30.28
N UNK A 720 16.00 41.45 -29.44
CA UNK A 720 17.39 41.57 -29.81
C UNK A 720 17.87 40.27 -30.44
N UNK A 721 19.18 40.12 -30.56
CA UNK A 721 19.76 38.89 -31.08
C UNK A 721 19.83 37.89 -29.93
N UNK A 722 19.67 36.61 -30.27
CA UNK A 722 19.62 35.52 -29.29
C UNK A 722 18.39 35.69 -28.41
N UNK A 723 18.57 35.66 -27.09
CA UNK A 723 17.41 35.86 -26.24
C UNK A 723 17.50 37.19 -25.51
N UNK A 724 16.66 38.12 -25.91
CA UNK A 724 16.41 39.34 -25.17
C UNK A 724 15.04 39.87 -25.53
N UNK A 725 14.36 40.51 -24.58
CA UNK A 725 13.08 41.13 -24.86
C UNK A 725 12.90 42.38 -24.03
N UNK A 726 12.39 43.44 -24.65
CA UNK A 726 12.21 44.71 -23.95
C UNK A 726 10.80 45.27 -24.14
N UNK A 727 10.03 45.34 -23.07
CA UNK A 727 8.74 46.03 -23.14
C UNK A 727 8.97 47.50 -22.79
N UNK A 728 8.78 48.37 -23.76
CA UNK A 728 9.10 49.78 -23.60
C UNK A 728 7.92 50.68 -23.96
N UNK A 729 7.36 51.34 -22.95
CA UNK A 729 6.19 52.20 -23.14
C UNK A 729 6.54 53.40 -24.01
N UNK A 730 5.71 53.66 -25.02
CA UNK A 730 6.00 54.67 -26.03
C UNK A 730 6.00 56.07 -25.44
N UNK A 731 5.60 56.18 -24.18
CA UNK A 731 5.66 57.45 -23.48
C UNK A 731 6.87 57.41 -22.55
N UNK A 732 7.74 58.40 -22.72
CA UNK A 732 8.96 58.54 -21.91
C UNK A 732 9.97 57.42 -22.16
N UNK A 733 9.62 56.44 -23.00
CA UNK A 733 10.49 55.30 -23.28
C UNK A 733 10.80 54.58 -21.98
N UNK A 734 9.78 53.93 -21.42
CA UNK A 734 9.87 53.28 -20.12
C UNK A 734 10.86 52.12 -20.00
N UNK A 735 11.00 51.29 -21.04
CA UNK A 735 11.88 50.12 -20.98
C UNK A 735 11.46 49.21 -19.81
N UNK A 736 10.18 49.32 -19.45
CA UNK A 736 9.60 48.69 -18.26
C UNK A 736 9.87 47.20 -18.07
N UNK A 737 10.23 46.46 -19.12
CA UNK A 737 10.51 45.04 -18.92
C UNK A 737 11.69 44.51 -19.73
N UNK A 738 12.50 43.66 -19.09
CA UNK A 738 13.60 42.96 -19.74
C UNK A 738 13.48 41.45 -19.45
N UNK A 739 13.55 40.62 -20.50
CA UNK A 739 13.34 39.17 -20.33
C UNK A 739 14.19 38.30 -21.26
N UNK A 740 14.46 37.07 -20.85
CA UNK A 740 15.16 36.11 -21.70
C UNK A 740 14.09 35.29 -22.40
N UNK A 741 14.15 35.20 -23.73
CA UNK A 741 13.03 34.66 -24.50
C UNK A 741 13.14 33.16 -24.74
N UNK A 742 14.13 32.55 -24.10
CA UNK A 742 14.36 31.10 -24.11
C UNK A 742 15.01 30.64 -25.42
N UNK A 743 15.08 31.54 -26.39
CA UNK A 743 15.71 31.22 -27.65
C UNK A 743 17.18 30.96 -27.35
N UNK A 744 17.67 29.81 -27.78
CA UNK A 744 19.05 29.45 -27.53
C UNK A 744 19.97 30.19 -28.49
N UNK A 745 21.25 29.82 -28.49
CA UNK A 745 22.24 30.52 -29.29
C UNK A 745 22.15 29.95 -30.70
N UNK A 746 22.44 30.80 -31.69
CA UNK A 746 22.31 30.48 -33.12
C UNK A 746 20.85 30.52 -33.53
N UNK A 747 19.95 30.57 -32.54
CA UNK A 747 18.53 30.65 -32.84
C UNK A 747 18.01 32.01 -32.42
N UNK A 748 17.25 32.63 -33.32
CA UNK A 748 16.73 33.97 -33.10
C UNK A 748 15.24 33.97 -32.74
N UNK A 749 14.80 34.95 -31.97
CA UNK A 749 13.38 35.07 -31.68
C UNK A 749 12.73 35.47 -33.00
N UNK A 750 11.60 34.88 -33.36
CA UNK A 750 11.08 35.08 -34.70
C UNK A 750 9.99 36.14 -34.75
N UNK A 751 8.86 35.87 -34.13
CA UNK A 751 7.82 36.89 -34.10
C UNK A 751 7.15 36.96 -32.75
N UNK A 752 7.10 38.16 -32.16
CA UNK A 752 6.42 38.32 -30.90
C UNK A 752 5.02 38.83 -31.19
N UNK A 753 4.04 38.25 -30.53
CA UNK A 753 2.66 38.67 -30.72
C UNK A 753 1.89 38.87 -29.41
N UNK A 754 1.21 40.00 -29.27
CA UNK A 754 0.40 40.24 -28.08
C UNK A 754 -0.95 39.53 -28.25
N UNK A 755 -1.45 38.92 -27.18
CA UNK A 755 -2.67 38.13 -27.23
C UNK A 755 -3.47 38.29 -25.94
N UNK A 756 -4.79 38.11 -26.05
CA UNK A 756 -5.73 38.27 -24.95
C UNK A 756 -5.62 39.68 -24.35
N UNK A 757 -5.18 40.62 -25.18
CA UNK A 757 -4.91 41.99 -24.75
C UNK A 757 -6.16 42.78 -24.38
N UNK A 758 -7.34 42.23 -24.66
CA UNK A 758 -8.57 42.90 -24.29
C UNK A 758 -8.70 42.95 -22.77
N UNK A 759 -8.44 41.82 -22.11
CA UNK A 759 -8.48 41.77 -20.66
C UNK A 759 -7.09 41.57 -20.07
N UNK A 760 -6.58 40.35 -20.14
CA UNK A 760 -5.28 40.03 -19.59
C UNK A 760 -4.21 39.95 -20.66
N UNK A 761 -3.31 40.92 -20.69
CA UNK A 761 -2.26 40.96 -21.71
C UNK A 761 -1.32 39.77 -21.59
N UNK A 762 -1.03 39.15 -22.72
CA UNK A 762 -0.02 38.10 -22.77
C UNK A 762 0.84 38.27 -24.01
N UNK A 763 2.15 38.17 -23.87
CA UNK A 763 2.99 38.31 -25.05
C UNK A 763 3.62 36.98 -25.36
N UNK A 764 3.61 36.60 -26.63
CA UNK A 764 4.13 35.32 -27.04
C UNK A 764 5.36 35.51 -27.91
N UNK A 765 6.30 34.60 -27.77
CA UNK A 765 7.53 34.67 -28.54
C UNK A 765 7.71 33.43 -29.39
N UNK A 766 7.94 33.66 -30.67
CA UNK A 766 8.17 32.59 -31.62
C UNK A 766 9.68 32.34 -31.68
N UNK A 767 10.11 31.20 -31.15
CA UNK A 767 11.53 30.88 -31.12
C UNK A 767 11.94 30.11 -32.37
N UNK A 768 13.18 30.32 -32.81
CA UNK A 768 13.72 29.55 -33.93
C UNK A 768 14.00 28.13 -33.46
N UNK A 769 13.76 27.90 -32.19
CA UNK A 769 13.88 26.59 -31.57
C UNK A 769 12.56 25.83 -31.71
N UNK A 770 11.64 26.40 -32.47
CA UNK A 770 10.36 25.77 -32.84
C UNK A 770 9.33 25.77 -31.70
N UNK A 771 9.71 26.31 -30.55
CA UNK A 771 8.80 26.45 -29.43
C UNK A 771 8.26 27.87 -29.36
N UNK A 772 7.03 28.03 -28.87
CA UNK A 772 6.43 29.35 -28.72
C UNK A 772 6.08 29.56 -27.25
N UNK A 773 6.60 30.63 -26.67
CA UNK A 773 6.42 30.84 -25.23
C UNK A 773 5.69 32.13 -24.89
N UNK A 774 4.64 32.02 -24.09
CA UNK A 774 3.83 33.19 -23.73
C UNK A 774 4.01 33.57 -22.27
N UNK A 775 4.59 34.75 -22.03
CA UNK A 775 4.86 35.18 -20.66
C UNK A 775 3.59 35.73 -20.00
N UNK A 776 3.58 35.73 -18.67
CA UNK A 776 2.43 36.21 -17.90
C UNK A 776 2.29 37.74 -17.75
N UNK A 777 3.13 38.34 -16.91
CA UNK A 777 3.12 39.80 -16.74
C UNK A 777 4.12 40.56 -17.60
N UNK A 778 3.61 41.36 -18.53
CA UNK A 778 4.45 42.18 -19.40
C UNK A 778 4.97 43.42 -18.69
N UNK A 779 4.11 44.03 -17.87
CA UNK A 779 4.37 45.33 -17.26
C UNK A 779 5.49 45.39 -16.23
N UNK A 780 5.52 44.42 -15.31
CA UNK A 780 6.47 44.45 -14.21
C UNK A 780 7.47 43.31 -14.28
N UNK A 781 8.75 43.66 -14.17
CA UNK A 781 9.82 42.70 -14.38
C UNK A 781 10.12 41.93 -13.11
N UNK A 782 9.56 42.36 -11.98
CA UNK A 782 9.67 41.56 -10.78
C UNK A 782 8.44 40.71 -10.68
N UNK A 783 7.45 41.04 -11.50
CA UNK A 783 6.20 40.28 -11.56
C UNK A 783 6.18 39.38 -12.79
N UNK A 784 7.22 39.45 -13.61
CA UNK A 784 7.30 38.62 -14.81
C UNK A 784 7.25 37.14 -14.44
N UNK A 785 6.61 36.34 -15.30
CA UNK A 785 6.45 34.92 -15.01
C UNK A 785 6.42 34.05 -16.27
N UNK A 786 7.07 32.89 -16.21
CA UNK A 786 7.07 31.96 -17.33
C UNK A 786 5.88 31.04 -17.18
N UNK A 787 5.13 30.79 -18.25
CA UNK A 787 3.89 30.04 -18.09
C UNK A 787 3.81 28.75 -18.93
N UNK A 788 3.49 28.88 -20.22
CA UNK A 788 3.36 27.70 -21.06
C UNK A 788 4.55 27.49 -22.00
N UNK A 789 4.49 26.38 -22.73
CA UNK A 789 5.54 25.96 -23.66
C UNK A 789 4.89 25.00 -24.65
N UNK A 790 5.45 24.87 -25.85
CA UNK A 790 4.81 24.01 -26.83
C UNK A 790 5.76 23.53 -27.92
N UNK A 791 5.32 22.50 -28.63
CA UNK A 791 6.08 21.93 -29.73
C UNK A 791 5.30 22.12 -31.02
N UNK A 792 5.80 22.99 -31.89
CA UNK A 792 5.11 23.28 -33.13
C UNK A 792 5.42 22.22 -34.16
N UNK A 793 6.70 21.84 -34.20
CA UNK A 793 7.17 20.86 -35.16
C UNK A 793 8.25 19.99 -34.53
N UNK A 794 8.34 18.74 -34.97
CA UNK A 794 9.40 17.86 -34.48
C UNK A 794 10.38 17.55 -35.60
N UNK A 795 11.66 17.82 -35.33
CA UNK A 795 12.73 17.65 -36.30
C UNK A 795 12.45 18.43 -37.58
N UNK A 796 10.76 29.62 -37.61
CA UNK A 796 9.34 29.33 -37.42
C UNK A 796 8.47 30.52 -37.80
N UNK A 797 7.50 30.29 -38.69
CA UNK A 797 6.53 31.31 -39.05
C UNK A 797 5.30 31.17 -38.17
N UNK A 798 5.01 32.18 -37.36
CA UNK A 798 3.97 32.06 -36.34
C UNK A 798 2.92 33.16 -36.42
N UNK A 799 1.67 32.77 -36.61
CA UNK A 799 0.54 33.70 -36.53
C UNK A 799 -0.61 33.03 -35.78
N UNK A 800 -1.12 33.67 -34.73
CA UNK A 800 -2.14 33.05 -33.89
C UNK A 800 -3.46 33.80 -33.90
N UNK A 801 -4.48 33.17 -34.50
CA UNK A 801 -5.81 33.74 -34.52
C UNK A 801 -6.51 33.43 -33.20
N UNK A 802 -6.89 34.48 -32.48
CA UNK A 802 -7.51 34.33 -31.17
C UNK A 802 -8.94 33.83 -31.28
N UNK A 803 -9.62 34.26 -32.34
CA UNK A 803 -11.04 33.93 -32.51
C UNK A 803 -11.25 32.43 -32.69
N UNK A 804 -10.59 31.85 -33.69
CA UNK A 804 -10.70 30.43 -33.96
C UNK A 804 -9.76 29.68 -33.06
N UNK A 805 -9.06 30.42 -32.21
CA UNK A 805 -8.23 29.87 -31.15
C UNK A 805 -7.04 29.09 -31.70
N UNK A 806 -7.01 28.92 -33.02
CA UNK A 806 -5.94 28.16 -33.66
C UNK A 806 -4.64 28.98 -33.68
N UNK A 807 -3.52 28.29 -33.79
CA UNK A 807 -2.22 28.96 -33.88
C UNK A 807 -1.44 28.42 -35.07
N UNK A 808 -1.18 29.28 -36.05
CA UNK A 808 -0.54 28.87 -37.31
C UNK A 808 0.98 28.84 -37.16
N UNK A 809 1.54 27.66 -37.35
CA UNK A 809 2.97 27.43 -37.22
C UNK A 809 3.52 26.75 -38.46
N UNK A 810 4.57 27.35 -39.03
CA UNK A 810 5.15 26.84 -40.27
C UNK A 810 6.67 26.76 -40.15
N UNK A 811 7.27 25.91 -40.97
CA UNK A 811 8.71 25.66 -40.93
C UNK A 811 9.21 25.04 -42.22
N UNK A 812 10.46 24.59 -42.20
CA UNK A 812 11.07 23.94 -43.36
C UNK A 812 10.41 22.60 -43.69
N UNK A 813 9.57 22.12 -42.78
CA UNK A 813 8.84 20.88 -42.98
C UNK A 813 7.94 20.96 -44.20
N UNK A 814 7.70 19.82 -44.84
CA UNK A 814 6.86 19.77 -46.03
C UNK A 814 5.41 20.09 -45.71
N UNK A 815 5.08 20.13 -44.42
CA UNK A 815 3.72 20.44 -43.99
C UNK A 815 3.70 21.62 -43.03
N UNK A 816 2.51 22.19 -42.86
CA UNK A 816 2.29 23.26 -41.92
C UNK A 816 1.36 22.75 -40.84
N UNK A 817 1.46 23.34 -39.64
CA UNK A 817 0.68 22.85 -38.51
C UNK A 817 -0.13 23.95 -37.81
N UNK A 818 -1.29 23.56 -37.28
CA UNK A 818 -2.14 24.48 -36.53
C UNK A 818 -2.39 23.91 -35.15
N UNK A 819 -2.06 24.69 -34.12
CA UNK A 819 -2.20 24.22 -32.75
C UNK A 819 -3.35 24.93 -32.01
N UNK A 820 -4.32 24.17 -31.55
CA UNK A 820 -5.45 24.73 -30.80
C UNK A 820 -5.11 24.81 -29.33
N UNK A 821 -5.38 25.95 -28.70
CA UNK A 821 -5.00 26.19 -27.32
C UNK A 821 -5.84 25.40 -26.33
N UNK A 822 -7.09 25.13 -26.70
CA UNK A 822 -8.00 24.42 -25.80
C UNK A 822 -7.56 22.98 -25.58
N UNK A 823 -7.44 22.23 -26.67
CA UNK A 823 -7.02 20.85 -26.57
C UNK A 823 -5.53 20.78 -26.29
N UNK A 824 -4.81 21.81 -26.71
CA UNK A 824 -3.35 21.87 -26.63
C UNK A 824 -2.76 20.65 -27.32
N UNK A 825 -3.45 20.17 -28.34
CA UNK A 825 -3.10 18.93 -29.00
C UNK A 825 -2.27 19.14 -30.26
N UNK A 826 -1.94 20.39 -30.56
CA UNK A 826 -1.40 20.76 -31.87
C UNK A 826 -2.34 20.13 -32.89
N UNK A 827 -3.55 20.68 -32.94
CA UNK A 827 -4.72 20.02 -33.51
C UNK A 827 -4.52 19.42 -34.90
N UNK A 828 -4.42 20.27 -35.91
CA UNK A 828 -4.49 19.81 -37.29
C UNK A 828 -3.18 19.99 -38.06
N UNK A 829 -2.83 19.00 -38.87
CA UNK A 829 -1.65 19.06 -39.70
C UNK A 829 -2.03 19.14 -41.17
N UNK A 830 -1.79 20.30 -41.78
CA UNK A 830 -2.16 20.53 -43.18
C UNK A 830 -0.92 20.70 -44.04
N UNK A 831 -0.77 19.85 -45.04
CA UNK A 831 0.42 19.87 -45.89
C UNK A 831 0.52 21.18 -46.68
N UNK A 832 1.74 21.52 -47.08
CA UNK A 832 2.00 22.77 -47.80
C UNK A 832 2.36 22.48 -49.27
N UNK A 833 2.02 23.42 -50.14
CA UNK A 833 2.22 23.27 -51.58
C UNK A 833 3.69 23.11 -51.96
N UNK A 834 4.52 24.08 -51.58
CA UNK A 834 5.92 24.08 -51.98
C UNK A 834 6.84 23.43 -50.96
N UNK A 835 7.86 22.72 -51.44
CA UNK A 835 8.85 22.12 -50.56
C UNK A 835 9.67 23.19 -49.86
N UNK A 836 9.88 24.32 -50.55
CA UNK A 836 10.53 25.47 -49.96
C UNK A 836 9.68 26.00 -48.81
N UNK A 837 10.33 26.54 -47.79
CA UNK A 837 9.66 26.90 -46.55
C UNK A 837 8.63 28.00 -46.72
N UNK A 838 7.64 28.02 -45.84
CA UNK A 838 6.66 29.10 -45.82
C UNK A 838 7.31 30.32 -45.18
N UNK A 839 7.37 31.42 -45.92
CA UNK A 839 8.07 32.62 -45.48
C UNK A 839 7.28 33.41 -44.44
N UNK A 840 6.00 33.59 -44.71
CA UNK A 840 5.14 34.36 -43.81
C UNK A 840 3.81 33.65 -43.63
N UNK A 841 3.04 34.10 -42.65
CA UNK A 841 1.75 33.48 -42.36
C UNK A 841 0.68 34.51 -42.05
N UNK A 842 -0.48 34.35 -42.69
CA UNK A 842 -1.62 35.23 -42.48
C UNK A 842 -2.92 34.44 -42.64
N UNK A 843 -3.93 34.80 -41.86
CA UNK A 843 -5.20 34.08 -41.92
C UNK A 843 -6.37 35.05 -41.85
N UNK A 844 -7.56 34.57 -42.20
CA UNK A 844 -8.75 35.41 -42.19
C UNK A 844 -9.16 35.71 -40.75
N UNK A 845 -9.27 37.00 -40.43
CA UNK A 845 -9.62 37.40 -39.08
C UNK A 845 -11.12 37.21 -38.79
N UNK A 846 -11.96 37.74 -39.67
CA UNK A 846 -13.40 37.64 -39.46
C UNK A 846 -13.90 36.25 -39.82
N UNK A 847 -13.38 35.70 -40.91
CA UNK A 847 -13.80 34.39 -41.38
C UNK A 847 -13.20 33.30 -40.51
N UNK A 848 -11.87 33.22 -40.53
CA UNK A 848 -11.08 32.22 -39.80
C UNK A 848 -11.11 30.86 -40.49
N UNK A 849 -11.88 30.77 -41.57
CA UNK A 849 -12.00 29.53 -42.32
C UNK A 849 -10.83 29.32 -43.28
N UNK A 850 -9.98 30.33 -43.46
CA UNK A 850 -8.88 30.21 -44.40
C UNK A 850 -7.64 30.99 -43.98
N UNK A 851 -6.48 30.40 -44.25
CA UNK A 851 -5.20 31.02 -43.94
C UNK A 851 -4.37 31.17 -45.21
N UNK A 852 -3.67 32.28 -45.34
CA UNK A 852 -2.88 32.55 -46.54
C UNK A 852 -1.40 32.60 -46.23
N UNK A 853 -0.62 31.78 -46.92
CA UNK A 853 0.81 31.75 -46.68
C UNK A 853 1.60 31.78 -47.98
N UNK A 854 2.72 32.50 -47.95
CA UNK A 854 3.58 32.62 -49.11
C UNK A 854 4.87 31.85 -48.87
N UNK A 855 5.11 30.83 -49.70
CA UNK A 855 6.28 29.98 -49.54
C UNK A 855 7.55 30.72 -49.95
N UNK A 856 8.69 30.02 -49.87
CA UNK A 856 9.97 30.59 -50.27
C UNK A 856 10.18 30.51 -51.78
N UNK A 857 9.42 29.62 -52.41
CA UNK A 857 9.41 29.49 -53.87
C UNK A 857 8.71 30.67 -54.52
N UNK A 858 8.21 31.58 -53.67
CA UNK A 858 7.59 32.85 -54.06
C UNK A 858 6.15 32.69 -54.49
N UNK A 859 5.69 31.44 -54.60
CA UNK A 859 4.30 31.18 -54.92
C UNK A 859 3.45 31.30 -53.65
N UNK A 860 2.51 32.23 -53.66
CA UNK A 860 1.61 32.43 -52.53
C UNK A 860 0.38 31.57 -52.70
N UNK A 861 -0.07 30.95 -51.60
CA UNK A 861 -1.21 30.05 -51.68
C UNK A 861 -2.11 30.16 -50.45
N UNK A 862 -3.38 29.85 -50.64
CA UNK A 862 -4.34 29.89 -49.53
C UNK A 862 -4.84 28.48 -49.23
N UNK A 863 -5.17 28.25 -47.97
CA UNK A 863 -5.73 26.97 -47.57
C UNK A 863 -6.92 27.20 -46.65
N UNK A 864 -8.08 26.67 -47.04
CA UNK A 864 -9.28 26.79 -46.23
C UNK A 864 -9.22 25.80 -45.07
N UNK A 865 -9.33 26.32 -43.86
CA UNK A 865 -9.17 25.50 -42.66
C UNK A 865 -10.32 24.52 -42.46
N UNK A 866 -11.42 24.75 -43.16
CA UNK A 866 -12.63 23.94 -42.98
C UNK A 866 -12.48 22.56 -43.62
N UNK A 867 -12.02 22.53 -44.86
CA UNK A 867 -12.01 21.30 -45.66
C UNK A 867 -11.07 20.24 -45.10
N UNK A 868 -11.32 18.99 -45.51
CA UNK A 868 -10.50 17.85 -45.11
C UNK A 868 -9.11 17.91 -45.74
N UNK A 869 -8.19 17.16 -45.18
CA UNK A 869 -6.79 17.14 -45.62
C UNK A 869 -6.63 16.89 -47.12
N UNK A 870 -5.71 17.65 -47.72
CA UNK A 870 -5.32 17.52 -49.13
C UNK A 870 -6.39 17.98 -50.11
N UNK A 871 -7.62 18.14 -49.63
CA UNK A 871 -8.69 18.71 -50.45
C UNK A 871 -8.83 20.19 -50.11
N UNK A 872 -8.00 20.66 -49.19
CA UNK A 872 -8.16 21.98 -48.60
C UNK A 872 -7.37 23.06 -49.33
N UNK A 873 -6.71 22.70 -50.42
CA UNK A 873 -6.02 23.70 -51.23
C UNK A 873 -7.05 24.68 -51.79
N UNK A 874 -6.87 25.96 -51.51
CA UNK A 874 -7.86 26.94 -51.91
C UNK A 874 -7.48 27.55 -53.24
N UNK A 875 -6.45 28.40 -53.22
CA UNK A 875 -6.00 29.07 -54.43
C UNK A 875 -4.48 29.09 -54.48
N UNK A 876 -3.94 29.04 -55.69
CA UNK A 876 -2.50 29.06 -55.89
C UNK A 876 -2.12 30.13 -56.91
N UNK A 877 -1.33 31.10 -56.46
CA UNK A 877 -0.89 32.17 -57.35
C UNK A 877 0.61 32.36 -57.24
N UNK A 878 1.32 32.13 -58.34
CA UNK A 878 2.78 32.23 -58.36
C UNK A 878 3.24 33.50 -59.05
N UNK A 879 4.18 34.20 -58.42
CA UNK A 879 4.74 35.42 -58.98
C UNK A 879 5.57 35.08 -60.22
N UNK A 880 5.34 35.84 -61.29
CA UNK A 880 6.13 35.68 -62.50
C UNK A 880 7.58 36.06 -62.23
N UNK A 881 7.77 36.93 -61.23
CA UNK A 881 9.10 37.29 -60.78
C UNK A 881 9.80 36.07 -60.21
N UNK A 882 9.04 35.25 -59.49
CA UNK A 882 9.52 33.99 -58.91
C UNK A 882 10.55 34.20 -57.82
N UNK A 883 10.96 35.45 -57.60
CA UNK A 883 11.91 35.77 -56.53
C UNK A 883 11.22 35.61 -55.18
N UNK A 884 11.96 35.06 -54.22
CA UNK A 884 11.42 34.56 -52.95
C UNK A 884 10.51 35.56 -52.23
N UNK A 885 9.41 35.04 -51.70
CA UNK A 885 8.40 35.84 -51.02
C UNK A 885 8.91 36.44 -49.72
N UNK A 886 8.22 37.48 -49.26
CA UNK A 886 8.53 38.15 -48.00
C UNK A 886 7.28 38.19 -47.14
N UNK A 887 7.33 38.94 -46.05
CA UNK A 887 6.20 39.04 -45.12
C UNK A 887 4.93 39.54 -45.81
N UNK A 888 3.86 38.76 -45.71
CA UNK A 888 2.58 39.15 -46.30
C UNK A 888 1.63 39.60 -45.22
N UNK A 889 1.38 40.90 -45.16
CA UNK A 889 0.57 41.45 -44.07
C UNK A 889 -0.90 41.47 -44.45
N UNK A 890 -1.74 40.96 -43.55
CA UNK A 890 -3.18 41.03 -43.74
C UNK A 890 -3.75 42.09 -42.80
N UNK A 891 -4.19 43.20 -43.38
CA UNK A 891 -4.82 44.26 -42.61
C UNK A 891 -6.33 44.15 -42.72
N UNK A 892 -6.97 43.75 -41.63
CA UNK A 892 -8.41 43.69 -41.58
C UNK A 892 -8.88 44.03 -40.18
N UNK A 893 -9.89 44.88 -40.08
CA UNK A 893 -10.45 45.60 -41.21
C UNK A 893 -10.07 47.08 -41.02
N UNK A 894 -9.78 47.88 -42.05
CA UNK A 894 -10.02 47.74 -43.50
C UNK A 894 -11.55 47.52 -43.75
N UNK A 895 -12.11 46.85 -44.78
CA UNK A 895 -11.70 46.62 -46.18
C UNK A 895 -10.92 45.34 -46.50
N UNK A 896 -10.63 44.52 -45.48
CA UNK A 896 -10.00 43.21 -45.68
C UNK A 896 -8.80 43.27 -46.63
N UNK A 897 -7.98 44.30 -46.47
CA UNK A 897 -6.82 44.47 -47.32
C UNK A 897 -5.80 43.37 -47.04
N UNK A 898 -5.19 42.82 -48.09
CA UNK A 898 -4.12 41.83 -47.93
C UNK A 898 -2.99 42.14 -48.89
N UNK A 899 -1.80 42.42 -48.36
CA UNK A 899 -0.68 42.84 -49.19
C UNK A 899 0.51 41.90 -49.08
N UNK A 900 1.08 41.53 -50.24
CA UNK A 900 2.25 40.66 -50.30
C UNK A 900 3.36 41.34 -51.08
N UNK A 901 4.60 40.88 -50.89
CA UNK A 901 5.74 41.53 -51.52
C UNK A 901 6.85 40.54 -51.87
N UNK A 902 7.49 40.78 -53.01
CA UNK A 902 8.67 40.03 -53.41
C UNK A 902 9.89 40.96 -53.46
N UNK A 903 11.05 40.45 -53.09
CA UNK A 903 12.26 41.27 -53.01
C UNK A 903 12.69 41.81 -54.37
N UNK A 904 12.03 41.33 -55.42
CA UNK A 904 12.23 41.81 -56.78
C UNK A 904 11.61 43.21 -56.94
N UNK A 905 11.01 43.68 -55.84
CA UNK A 905 10.34 44.98 -55.68
C UNK A 905 8.89 44.92 -56.13
N UNK A 906 8.51 43.83 -56.78
CA UNK A 906 7.12 43.66 -57.18
C UNK A 906 6.32 43.22 -55.96
N UNK A 907 5.37 44.06 -55.56
CA UNK A 907 4.56 43.80 -54.38
C UNK A 907 3.10 43.73 -54.78
N UNK A 908 2.51 42.54 -54.70
CA UNK A 908 1.17 42.32 -55.21
C UNK A 908 0.15 42.10 -54.10
N UNK A 909 -1.07 42.56 -54.34
CA UNK A 909 -2.21 42.29 -53.46
C UNK A 909 -3.23 41.43 -54.19
N UNK A 910 -3.33 40.16 -53.80
CA UNK A 910 -4.19 39.22 -54.49
C UNK A 910 -5.52 39.03 -53.76
N UNK A 911 -6.62 39.22 -54.49
CA UNK A 911 -7.94 38.96 -53.95
C UNK A 911 -8.25 37.47 -54.07
N UNK A 912 -8.83 36.91 -53.00
CA UNK A 912 -9.06 35.47 -52.93
C UNK A 912 -9.97 34.99 -54.05
N UNK A 913 -10.79 35.88 -54.58
CA UNK A 913 -11.75 35.49 -55.60
C UNK A 913 -11.08 35.39 -56.97
N UNK A 914 -10.78 36.54 -57.56
CA UNK A 914 -10.22 36.58 -58.90
C UNK A 914 -8.79 36.07 -58.91
N UNK A 915 -8.42 35.35 -59.96
CA UNK A 915 -7.03 34.92 -60.08
C UNK A 915 -6.31 35.83 -61.06
N UNK A 916 -5.51 36.72 -60.50
CA UNK A 916 -4.73 37.72 -61.23
C UNK A 916 -4.11 38.63 -60.20
N UNK A 917 -3.10 39.39 -60.61
CA UNK A 917 -2.59 40.42 -59.72
C UNK A 917 -3.56 41.60 -59.80
N UNK A 918 -3.62 42.39 -58.73
CA UNK A 918 -4.37 43.64 -58.80
C UNK A 918 -3.42 44.81 -58.54
N UNK A 919 -3.17 45.59 -59.59
CA UNK A 919 -2.33 46.79 -59.52
C UNK A 919 -0.96 46.57 -58.87
N UNK A 920 -0.23 45.57 -59.31
CA UNK A 920 1.11 45.29 -58.78
C UNK A 920 2.06 46.47 -59.02
N UNK A 921 3.02 46.65 -58.12
CA UNK A 921 3.94 47.79 -58.21
C UNK A 921 5.36 47.41 -57.82
N UNK A 922 6.33 47.83 -58.64
CA UNK A 922 7.74 47.58 -58.36
C UNK A 922 8.37 48.82 -57.72
N UNK A 923 8.75 48.69 -56.45
CA UNK A 923 9.10 49.86 -55.64
C UNK A 923 10.54 50.32 -55.85
N UNK A 924 11.48 49.57 -55.29
CA UNK A 924 12.87 50.02 -55.27
C UNK A 924 13.83 48.93 -55.71
N UNK A 925 14.92 49.33 -56.35
CA UNK A 925 15.96 48.38 -56.74
C UNK A 925 16.63 47.82 -55.49
N UNK A 926 16.52 48.55 -54.39
CA UNK A 926 17.04 48.09 -53.11
C UNK A 926 16.27 46.86 -52.66
N UNK A 927 16.95 45.93 -51.98
CA UNK A 927 16.31 44.74 -51.46
C UNK A 927 15.37 45.13 -50.32
N UNK A 928 14.26 44.40 -50.18
CA UNK A 928 13.27 44.73 -49.17
C UNK A 928 13.54 44.00 -47.86
N UNK A 929 13.95 44.75 -46.86
CA UNK A 929 14.32 44.16 -45.58
C UNK A 929 13.11 43.69 -44.78
N UNK A 930 12.14 44.58 -44.57
CA UNK A 930 10.96 44.23 -43.77
C UNK A 930 9.75 45.13 -44.08
N UNK A 931 8.56 44.66 -43.71
CA UNK A 931 7.34 45.40 -44.00
C UNK A 931 6.17 45.03 -43.08
N UNK A 932 5.20 45.92 -42.99
CA UNK A 932 3.93 45.65 -42.31
C UNK A 932 2.84 46.59 -42.79
N UNK A 933 1.59 46.24 -42.51
CA UNK A 933 0.45 47.06 -42.89
C UNK A 933 -0.40 47.38 -41.66
N UNK A 934 -0.74 48.66 -41.49
CA UNK A 934 -1.59 49.09 -40.38
C UNK A 934 -2.91 48.34 -40.45
N UNK A 935 -3.30 47.73 -39.33
CA UNK A 935 -4.44 46.82 -39.30
C UNK A 935 -5.76 47.49 -39.73
N UNK A 936 -6.09 48.60 -39.08
CA UNK A 936 -7.37 49.28 -39.34
C UNK A 936 -7.25 50.45 -40.32
N UNK A 937 -6.05 50.75 -40.78
CA UNK A 937 -5.83 51.88 -41.67
C UNK A 937 -5.30 51.38 -43.00
N UNK A 938 -5.42 52.19 -44.05
CA UNK A 938 -4.87 51.77 -45.34
C UNK A 938 -3.57 52.51 -45.65
N UNK A 939 -2.45 51.80 -45.52
CA UNK A 939 -1.15 52.29 -45.92
C UNK A 939 -0.19 51.11 -46.07
N UNK A 940 0.88 51.29 -46.83
CA UNK A 940 1.89 50.25 -46.98
C UNK A 940 3.21 50.73 -46.40
N UNK A 941 3.91 49.84 -45.71
CA UNK A 941 5.23 50.18 -45.18
C UNK A 941 6.30 49.35 -45.87
N UNK A 942 7.47 49.96 -46.10
CA UNK A 942 8.57 49.24 -46.71
C UNK A 942 9.92 49.68 -46.12
N UNK A 943 10.78 48.71 -45.84
CA UNK A 943 12.12 49.00 -45.35
C UNK A 943 13.15 48.53 -46.38
N UNK A 944 13.78 49.50 -47.04
CA UNK A 944 14.71 49.21 -48.13
C UNK A 944 16.10 48.81 -47.63
N UNK A 945 16.83 48.09 -48.47
CA UNK A 945 18.22 47.75 -48.17
C UNK A 945 19.11 48.98 -48.30
N UNK A 946 18.50 50.08 -48.76
CA UNK A 946 19.18 51.36 -48.93
C UNK A 946 19.06 52.20 -47.66
N UNK A 947 18.52 51.58 -46.61
CA UNK A 947 18.29 52.21 -45.32
C UNK A 947 17.26 53.33 -45.46
N UNK A 948 16.33 53.14 -46.38
CA UNK A 948 15.23 54.08 -46.56
C UNK A 948 13.93 53.46 -46.07
N UNK A 949 13.07 54.28 -45.48
CA UNK A 949 11.76 53.82 -45.07
C UNK A 949 10.69 54.46 -45.94
N UNK A 950 10.04 53.65 -46.77
CA UNK A 950 9.06 54.16 -47.72
C UNK A 950 7.64 53.87 -47.27
N UNK A 951 6.84 54.93 -47.14
CA UNK A 951 5.44 54.81 -46.81
C UNK A 951 4.58 55.07 -48.04
N UNK A 952 3.75 54.11 -48.40
CA UNK A 952 2.95 54.20 -49.62
C UNK A 952 1.46 54.25 -49.31
N UNK A 953 0.68 54.81 -50.23
CA UNK A 953 -0.78 54.82 -50.12
C UNK A 953 -1.39 53.63 -50.87
N UNK A 954 -2.71 53.62 -50.96
CA UNK A 954 -3.40 52.60 -51.75
C UNK A 954 -3.31 52.96 -53.23
N UNK A 955 -3.38 54.25 -53.51
CA UNK A 955 -3.27 54.77 -54.86
C UNK A 955 -1.81 55.04 -55.20
N UNK A 956 -0.93 54.63 -54.29
CA UNK A 956 0.48 54.97 -54.31
C UNK A 956 1.16 54.76 -55.66
N UNK A 957 2.01 55.69 -56.14
CA UNK A 957 2.28 57.04 -55.58
C UNK A 957 2.62 57.12 -54.08
N UNK A 958 3.78 56.59 -53.70
CA UNK A 958 4.20 56.57 -52.31
C UNK A 958 4.18 57.98 -51.71
N UNK A 959 3.71 58.10 -50.47
CA UNK A 959 3.47 59.40 -49.87
C UNK A 959 4.74 60.05 -49.31
N UNK A 960 5.23 59.52 -48.21
CA UNK A 960 6.35 60.14 -47.51
C UNK A 960 7.61 59.29 -47.57
N UNK A 961 8.76 59.95 -47.72
CA UNK A 961 10.05 59.27 -47.74
C UNK A 961 10.92 59.76 -46.60
N UNK A 962 11.42 58.85 -45.79
CA UNK A 962 12.22 59.22 -44.63
C UNK A 962 13.32 58.21 -44.33
N UNK A 963 14.47 58.73 -43.90
CA UNK A 963 15.59 57.90 -43.48
C UNK A 963 15.61 57.78 -41.96
N UNK A 964 15.95 56.60 -41.46
CA UNK A 964 15.93 56.37 -40.02
C UNK A 964 17.10 57.07 -39.35
N UNK A 965 17.16 56.97 -38.02
CA UNK A 965 18.26 57.57 -37.27
C UNK A 965 19.55 56.83 -37.61
N UNK A 966 20.62 57.58 -37.82
CA UNK A 966 21.84 56.99 -38.33
C UNK A 966 23.06 57.31 -37.48
N UNK A 967 23.65 56.28 -36.88
CA UNK A 967 24.99 56.38 -36.32
C UNK A 967 25.95 55.94 -37.41
N UNK A 968 25.38 55.54 -38.54
CA UNK A 968 26.13 55.10 -39.69
C UNK A 968 26.12 56.18 -40.77
N UNK A 969 27.19 56.26 -41.56
CA UNK A 969 27.37 57.38 -42.48
C UNK A 969 26.35 57.37 -43.61
N UNK A 970 25.63 58.48 -43.71
CA UNK A 970 24.77 58.80 -44.85
C UNK A 970 23.94 57.61 -45.31
N UNK A 971 23.94 57.36 -46.61
CA UNK A 971 23.31 56.18 -47.17
C UNK A 971 24.36 55.09 -47.37
N UNK A 972 24.18 53.97 -46.67
CA UNK A 972 25.13 52.88 -46.77
C UNK A 972 24.43 51.57 -47.09
N UNK A 973 25.02 50.81 -48.02
CA UNK A 973 24.52 49.50 -48.41
C UNK A 973 24.88 48.49 -47.33
N UNK A 974 25.60 48.97 -46.33
CA UNK A 974 26.10 48.16 -45.23
C UNK A 974 24.98 47.67 -44.32
N UNK A 975 24.02 48.55 -44.01
CA UNK A 975 22.97 48.19 -43.07
C UNK A 975 21.58 48.60 -43.56
N UNK A 976 20.70 47.61 -43.63
CA UNK A 976 19.30 47.79 -44.01
C UNK A 976 18.42 47.94 -42.77
N UNK A 977 17.36 48.75 -42.88
CA UNK A 977 16.40 48.94 -41.80
C UNK A 977 15.93 47.58 -41.28
N UNK A 978 15.82 47.44 -39.97
CA UNK A 978 15.56 46.13 -39.37
C UNK A 978 14.09 45.70 -39.43
N UNK A 979 13.16 46.53 -39.00
CA UNK A 979 11.75 46.17 -39.19
C UNK A 979 10.81 47.37 -39.25
N UNK A 980 9.75 47.26 -40.06
CA UNK A 980 8.76 48.33 -40.11
C UNK A 980 7.47 47.94 -39.38
N UNK A 981 7.29 48.46 -38.16
CA UNK A 981 6.14 48.08 -37.34
C UNK A 981 5.06 49.15 -37.40
N UNK A 982 3.80 48.73 -37.50
CA UNK A 982 2.69 49.68 -37.49
C UNK A 982 1.81 49.51 -36.25
N UNK A 983 1.38 50.63 -35.67
CA UNK A 983 0.50 50.63 -34.49
C UNK A 983 -0.94 50.29 -34.87
N UNK A 984 -1.57 49.43 -34.09
CA UNK A 984 -2.95 49.01 -34.37
C UNK A 984 -3.95 50.13 -34.66
N UNK A 985 -4.39 50.87 -33.64
CA UNK A 985 -5.36 51.93 -33.87
C UNK A 985 -4.73 53.31 -33.87
N UNK A 986 -3.44 53.33 -33.57
CA UNK A 986 -2.62 54.54 -33.63
C UNK A 986 -1.89 54.53 -34.96
N UNK A 987 -1.65 55.70 -35.54
CA UNK A 987 -0.85 55.69 -36.76
C UNK A 987 0.58 56.08 -36.42
N UNK A 988 1.45 55.06 -36.42
CA UNK A 988 2.88 55.22 -36.18
C UNK A 988 3.68 54.12 -36.88
N UNK A 989 4.90 54.45 -37.31
CA UNK A 989 5.77 53.43 -37.90
C UNK A 989 7.05 53.30 -37.07
N UNK A 990 7.47 52.07 -36.81
CA UNK A 990 8.67 51.85 -36.00
C UNK A 990 9.91 51.68 -36.87
N UNK A 991 10.81 52.65 -36.79
CA UNK A 991 12.05 52.57 -37.53
C UNK A 991 13.13 51.92 -36.68
N UNK A 992 13.81 50.92 -37.24
CA UNK A 992 14.92 50.28 -36.54
C UNK A 992 16.15 50.13 -37.44
N UNK A 993 17.33 50.17 -36.86
CA UNK A 993 18.59 50.04 -37.60
C UNK A 993 19.28 48.70 -37.34
N UNK A 994 19.57 47.96 -38.40
CA UNK A 994 20.28 46.68 -38.29
C UNK A 994 21.52 46.67 -37.42
N UNK A 995 22.44 47.61 -37.63
CA UNK A 995 23.70 47.64 -36.88
C UNK A 995 23.60 48.33 -35.53
N UNK A 996 22.81 49.39 -35.46
CA UNK A 996 22.69 50.18 -34.22
C UNK A 996 21.25 50.14 -33.76
N UNK A 997 21.00 50.05 -32.47
CA UNK A 997 19.61 49.85 -32.07
C UNK A 997 18.98 51.08 -31.43
N UNK A 998 18.10 51.68 -32.23
CA UNK A 998 17.27 52.79 -31.83
C UNK A 998 15.87 52.55 -32.37
N UNK A 999 14.84 52.91 -31.62
CA UNK A 999 13.50 52.79 -32.12
C UNK A 999 12.98 54.20 -32.33
N UNK A 1000 12.16 54.38 -33.36
CA UNK A 1000 11.66 55.69 -33.72
C UNK A 1000 10.14 55.71 -33.83
N UNK A 1001 9.52 56.75 -33.30
CA UNK A 1001 8.07 56.85 -33.33
C UNK A 1001 7.68 57.95 -34.31
N UNK A 1002 7.18 57.53 -35.46
CA UNK A 1002 6.80 58.42 -36.56
C UNK A 1002 5.30 58.66 -36.60
N UNK A 1003 4.88 59.92 -36.53
CA UNK A 1003 3.45 60.23 -36.63
C UNK A 1003 3.19 61.38 -37.59
N UNK A 1004 1.92 61.57 -37.93
CA UNK A 1004 1.52 62.63 -38.86
C UNK A 1004 0.92 63.82 -38.13
N UNK B 1 25.37 -8.00 -27.09
CA UNK B 1 26.45 -8.44 -26.22
C UNK B 1 26.12 -8.16 -24.77
N UNK B 2 25.94 -6.89 -24.44
CA UNK B 2 25.61 -6.48 -23.08
C UNK B 2 24.22 -6.99 -22.72
N UNK B 3 23.42 -7.29 -23.74
CA UNK B 3 22.09 -7.84 -23.55
C UNK B 3 22.16 -9.13 -22.74
N UNK B 4 23.23 -9.90 -22.96
CA UNK B 4 23.46 -11.11 -22.20
C UNK B 4 24.01 -10.76 -20.84
N UNK B 5 24.77 -9.68 -20.77
CA UNK B 5 25.43 -9.27 -19.54
C UNK B 5 24.41 -8.81 -18.50
N UNK B 6 23.18 -8.62 -18.94
CA UNK B 6 22.11 -8.22 -18.04
C UNK B 6 21.78 -9.33 -17.06
N UNK B 7 21.59 -10.54 -17.58
CA UNK B 7 21.14 -11.67 -16.77
C UNK B 7 22.29 -12.55 -16.28
N UNK B 8 23.52 -12.16 -16.59
CA UNK B 8 24.66 -13.07 -16.47
C UNK B 8 25.35 -13.14 -15.09
N UNK B 9 25.01 -12.23 -14.17
CA UNK B 9 25.73 -12.19 -12.89
C UNK B 9 24.91 -12.66 -11.70
N UNK B 10 25.39 -13.72 -11.04
CA UNK B 10 24.76 -14.21 -9.82
C UNK B 10 25.79 -14.90 -8.91
N UNK B 11 25.61 -14.79 -7.61
CA UNK B 11 26.53 -15.37 -6.63
C UNK B 11 26.38 -16.89 -6.54
N UNK B 12 27.50 -17.59 -6.58
CA UNK B 12 27.52 -19.04 -6.72
C UNK B 12 27.81 -19.77 -5.40
N UNK B 13 27.28 -20.98 -5.30
CA UNK B 13 27.45 -21.87 -4.15
C UNK B 13 26.81 -21.38 -2.84
N UNK B 14 25.92 -20.40 -2.93
CA UNK B 14 25.22 -19.92 -1.75
C UNK B 14 23.73 -20.11 -1.97
N UNK B 15 23.15 -21.06 -1.26
CA UNK B 15 21.73 -21.39 -1.37
C UNK B 15 21.32 -22.20 -0.15
N UNK B 16 20.04 -22.56 -0.06
CA UNK B 16 19.57 -23.44 1.01
C UNK B 16 20.40 -24.73 0.97
N UNK B 17 20.80 -25.10 -0.25
CA UNK B 17 21.65 -26.25 -0.52
C UNK B 17 23.02 -26.15 0.15
N UNK B 18 23.46 -24.93 0.45
CA UNK B 18 24.83 -24.71 0.96
C UNK B 18 25.07 -25.53 2.22
N UNK B 19 24.13 -25.52 3.17
CA UNK B 19 24.26 -26.46 4.27
C UNK B 19 24.00 -27.82 3.63
N UNK B 20 24.98 -28.72 3.69
CA UNK B 20 24.98 -29.93 2.86
C UNK B 20 23.71 -30.76 3.05
N UNK B 21 23.60 -31.41 4.20
CA UNK B 21 22.37 -32.08 4.59
C UNK B 21 21.92 -31.55 5.94
N UNK B 22 20.68 -31.09 6.05
CA UNK B 22 20.22 -30.55 7.32
C UNK B 22 18.98 -31.29 7.82
N UNK B 23 19.07 -31.80 9.04
CA UNK B 23 17.95 -32.47 9.67
C UNK B 23 16.73 -31.53 9.89
N UNK B 24 16.89 -30.33 10.48
CA UNK B 24 18.13 -29.77 11.02
C UNK B 24 18.33 -30.15 12.48
N UNK B 25 11.09 -31.29 13.68
CA UNK B 25 9.65 -31.54 13.73
C UNK B 25 8.92 -30.52 14.58
N UNK B 26 9.60 -30.06 15.63
CA UNK B 26 9.03 -29.21 16.68
C UNK B 26 7.90 -29.92 17.46
N UNK B 27 7.57 -31.15 17.09
CA UNK B 27 6.51 -31.97 17.72
C UNK B 27 5.11 -31.44 17.46
N UNK B 28 5.02 -30.20 16.99
CA UNK B 28 3.74 -29.57 16.66
C UNK B 28 2.86 -29.38 17.88
N UNK B 29 3.35 -29.80 19.05
CA UNK B 29 2.56 -29.85 20.28
C UNK B 29 1.38 -30.79 20.07
N UNK B 30 0.19 -30.38 20.47
CA UNK B 30 -0.99 -31.19 20.19
C UNK B 30 -1.99 -30.35 19.42
N UNK B 31 -2.21 -30.73 18.16
CA UNK B 31 -3.08 -29.99 17.26
C UNK B 31 -4.47 -30.59 17.16
N UNK B 32 -4.69 -31.70 17.86
CA UNK B 32 -5.96 -32.41 17.71
C UNK B 32 -7.00 -32.09 18.77
N UNK B 33 -8.25 -32.04 18.32
CA UNK B 33 -9.40 -31.91 19.19
C UNK B 33 -9.69 -33.24 19.86
N UNK B 34 -9.94 -33.19 21.17
CA UNK B 34 -10.17 -34.40 21.95
C UNK B 34 -11.58 -34.91 21.75
N UNK B 35 -12.51 -33.97 21.62
CA UNK B 35 -13.93 -34.26 21.56
C UNK B 35 -14.21 -35.09 22.81
N UNK B 36 -14.23 -34.39 23.95
CA UNK B 36 -14.39 -34.98 25.28
C UNK B 36 -15.85 -35.17 25.66
N UNK B 37 -16.55 -34.05 25.85
CA UNK B 37 -17.92 -34.09 26.31
C UNK B 37 -18.81 -33.07 25.63
N UNK B 38 -20.04 -33.47 25.37
CA UNK B 38 -21.00 -32.61 24.72
C UNK B 38 -22.31 -32.69 25.49
N UNK B 39 -22.97 -31.55 25.65
CA UNK B 39 -24.27 -31.54 26.31
C UNK B 39 -25.32 -32.23 25.44
N UNK B 40 -26.04 -33.17 26.04
CA UNK B 40 -26.97 -34.00 25.29
C UNK B 40 -28.41 -33.64 25.63
N UNK B 41 -28.81 -33.91 26.87
CA UNK B 41 -30.16 -33.60 27.32
C UNK B 41 -30.13 -32.45 28.32
N UNK B 42 -30.98 -31.45 28.10
CA UNK B 42 -31.05 -30.30 28.99
C UNK B 42 -32.45 -30.14 29.58
N UNK B 43 -32.51 -29.89 30.88
CA UNK B 43 -33.78 -29.71 31.58
C UNK B 43 -33.97 -28.27 31.99
N UNK B 44 -35.15 -27.73 31.69
CA UNK B 44 -35.45 -26.35 32.00
C UNK B 44 -36.51 -26.30 33.09
N UNK B 45 -36.20 -25.62 34.18
CA UNK B 45 -37.12 -25.56 35.30
C UNK B 45 -37.66 -24.15 35.52
N UNK B 46 -38.95 -24.01 35.28
CA UNK B 46 -39.65 -22.74 35.47
C UNK B 46 -40.67 -22.90 36.58
N UNK B 47 -40.42 -22.28 37.71
CA UNK B 47 -41.29 -22.41 38.86
C UNK B 47 -42.26 -21.25 38.94
N UNK B 48 -42.33 -20.47 37.86
CA UNK B 48 -43.04 -19.19 37.81
C UNK B 48 -44.43 -19.20 38.45
N UNK B 49 -45.19 -20.26 38.25
CA UNK B 49 -46.47 -20.47 38.92
C UNK B 49 -47.43 -19.30 38.69
N UNK B 50 -44.27 -5.34 34.91
CA UNK B 50 -42.97 -4.74 34.59
C UNK B 50 -41.96 -5.81 34.22
N UNK B 51 -42.44 -6.90 33.66
CA UNK B 51 -41.58 -8.03 33.32
C UNK B 51 -42.18 -8.91 32.21
N UNK B 52 -41.33 -9.68 31.55
CA UNK B 52 -41.73 -10.62 30.50
C UNK B 52 -40.80 -11.82 30.49
N UNK B 53 -41.29 -12.94 29.97
CA UNK B 53 -40.55 -14.20 30.02
C UNK B 53 -40.34 -14.84 28.64
N UNK B 54 -39.08 -15.06 28.27
CA UNK B 54 -38.72 -15.73 27.03
C UNK B 54 -39.35 -15.03 25.82
N UNK B 55 -39.08 -13.74 25.68
CA UNK B 55 -39.63 -12.89 24.63
C UNK B 55 -41.16 -13.02 24.60
N UNK B 56 -41.73 -13.19 25.79
CA UNK B 56 -43.16 -13.36 25.94
C UNK B 56 -43.58 -12.97 27.35
N UNK B 57 -44.88 -12.74 27.56
CA UNK B 57 -45.40 -12.52 28.91
C UNK B 57 -46.84 -12.96 29.01
N UNK B 58 -47.21 -13.56 30.12
CA UNK B 58 -48.57 -14.05 30.26
C UNK B 58 -49.32 -13.25 31.31
N UNK B 59 -50.19 -12.37 30.84
CA UNK B 59 -51.18 -11.74 31.68
C UNK B 59 -52.55 -12.38 31.49
N UNK B 60 -52.65 -13.33 30.58
CA UNK B 60 -53.95 -13.74 30.06
C UNK B 60 -54.35 -15.17 30.38
N UNK B 61 -55.62 -15.34 30.73
CA UNK B 61 -56.25 -16.65 30.82
C UNK B 61 -56.49 -17.16 29.39
N UNK B 62 -56.29 -18.45 29.15
CA UNK B 62 -55.93 -19.42 30.18
C UNK B 62 -54.46 -19.30 30.56
N UNK B 63 -54.22 -19.16 31.86
CA UNK B 63 -52.88 -19.05 32.39
C UNK B 63 -52.09 -20.31 32.04
N UNK B 64 -52.77 -21.45 32.12
CA UNK B 64 -52.17 -22.73 31.78
C UNK B 64 -51.76 -22.78 30.30
N UNK B 65 -52.64 -22.32 29.41
CA UNK B 65 -52.33 -22.31 27.98
C UNK B 65 -51.16 -21.37 27.67
N UNK B 66 -51.16 -20.22 28.32
CA UNK B 66 -50.10 -19.23 28.13
C UNK B 66 -48.77 -19.80 28.62
N UNK B 67 -48.82 -20.47 29.76
CA UNK B 67 -47.63 -21.09 30.33
C UNK B 67 -47.11 -22.19 29.41
N UNK B 68 -48.02 -22.94 28.80
CA UNK B 68 -47.64 -23.99 27.86
C UNK B 68 -46.95 -23.39 26.63
N UNK B 69 -47.47 -22.26 26.16
CA UNK B 69 -46.86 -21.57 25.03
C UNK B 69 -45.46 -21.07 25.39
N UNK B 70 -45.31 -20.58 26.61
CA UNK B 70 -44.01 -20.14 27.12
C UNK B 70 -43.05 -21.31 27.19
N UNK B 71 -43.55 -22.47 27.60
CA UNK B 71 -42.74 -23.67 27.72
C UNK B 71 -42.23 -24.13 26.35
N UNK B 72 -43.15 -24.22 25.38
CA UNK B 72 -42.78 -24.63 24.03
C UNK B 72 -41.79 -23.64 23.43
N UNK B 73 -42.05 -22.36 23.63
CA UNK B 73 -41.17 -21.30 23.15
C UNK B 73 -39.78 -21.50 23.73
N UNK B 74 -39.73 -21.78 25.04
CA UNK B 74 -38.47 -22.02 25.73
C UNK B 74 -37.76 -23.21 25.12
N UNK B 75 -38.52 -24.24 24.75
CA UNK B 75 -37.96 -25.46 24.19
C UNK B 75 -37.30 -25.16 22.84
N UNK B 76 -37.99 -24.42 21.98
CA UNK B 76 -37.40 -24.04 20.70
C UNK B 76 -36.19 -23.15 20.89
N UNK B 77 -36.27 -22.25 21.87
CA UNK B 77 -35.19 -21.31 22.14
C UNK B 77 -33.94 -22.05 22.63
N UNK B 78 -34.14 -23.02 23.51
CA UNK B 78 -33.04 -23.79 24.06
C UNK B 78 -32.44 -24.69 22.99
N UNK B 79 -33.31 -25.30 22.19
CA UNK B 79 -32.90 -26.18 21.10
C UNK B 79 -32.03 -25.47 20.07
N UNK B 80 -32.22 -24.15 19.94
CA UNK B 80 -31.48 -23.34 18.98
C UNK B 80 -29.96 -23.46 19.12
N UNK B 81 -29.47 -23.63 20.35
CA UNK B 81 -28.04 -23.73 20.60
C UNK B 81 -27.44 -24.97 19.93
N UNK B 82 -28.09 -26.11 20.12
CA UNK B 82 -27.62 -27.35 19.50
C UNK B 82 -28.78 -28.26 19.09
N UNK B 83 -28.71 -28.79 17.88
CA UNK B 83 -29.71 -29.74 17.40
C UNK B 83 -29.59 -31.02 18.22
N UNK B 84 -28.35 -31.36 18.56
CA UNK B 84 -28.05 -32.55 19.35
C UNK B 84 -28.69 -32.44 20.72
N UNK B 85 -28.71 -31.24 21.27
CA UNK B 85 -29.25 -31.01 22.61
C UNK B 85 -30.73 -31.38 22.70
N UNK B 86 -31.10 -32.08 23.76
CA UNK B 86 -32.47 -32.52 23.96
C UNK B 86 -33.15 -31.70 25.06
N UNK B 87 -34.24 -31.02 24.70
CA UNK B 87 -34.90 -30.11 25.63
C UNK B 87 -36.13 -30.71 26.30
N UNK B 88 -36.16 -30.65 27.63
CA UNK B 88 -37.34 -31.03 28.40
C UNK B 88 -37.86 -29.82 29.18
N UNK B 89 -39.17 -29.62 29.19
CA UNK B 89 -39.75 -28.47 29.86
C UNK B 89 -40.51 -28.85 31.13
N UNK B 90 -40.13 -28.24 32.25
CA UNK B 90 -40.81 -28.47 33.52
C UNK B 90 -41.32 -27.17 34.12
N UNK B 91 -42.62 -27.11 34.37
CA UNK B 91 -43.25 -25.90 34.89
C UNK B 91 -43.75 -26.10 36.31
N UNK B 92 -43.21 -25.33 37.24
CA UNK B 92 -43.59 -25.41 38.65
C UNK B 92 -43.49 -26.84 39.16
N UNK B 93 -42.39 -27.51 38.81
CA UNK B 93 -42.23 -28.93 39.07
C UNK B 93 -42.25 -29.26 40.56
N UNK B 94 -42.79 -30.42 40.90
CA UNK B 94 -42.86 -30.86 42.29
C UNK B 94 -41.48 -31.25 42.82
N UNK B 95 -41.29 -31.13 44.13
CA UNK B 95 -40.00 -31.44 44.74
C UNK B 95 -39.62 -32.90 44.51
N UNK B 96 -40.59 -33.80 44.70
CA UNK B 96 -40.38 -35.21 44.42
C UNK B 96 -40.12 -35.40 42.93
N UNK B 97 -40.87 -34.68 42.12
CA UNK B 97 -40.73 -34.72 40.68
C UNK B 97 -39.34 -34.23 40.29
N UNK B 98 -38.87 -33.22 41.01
CA UNK B 98 -37.54 -32.65 40.78
C UNK B 98 -36.44 -33.65 41.11
N UNK B 99 -36.59 -34.34 42.24
CA UNK B 99 -35.63 -35.38 42.62
C UNK B 99 -35.61 -36.50 41.59
N UNK B 100 -36.80 -36.86 41.10
CA UNK B 100 -36.95 -37.90 40.10
C UNK B 100 -36.28 -37.50 38.79
N UNK B 101 -36.42 -36.22 38.45
CA UNK B 101 -35.78 -35.68 37.25
C UNK B 101 -34.27 -35.73 37.40
N UNK B 102 -33.79 -35.35 38.58
CA UNK B 102 -32.37 -35.34 38.86
C UNK B 102 -31.80 -36.74 38.74
N UNK B 103 -32.56 -37.74 39.20
CA UNK B 103 -32.14 -39.13 39.05
C UNK B 103 -32.12 -39.55 37.59
N UNK B 104 -33.19 -39.19 36.88
CA UNK B 104 -33.36 -39.52 35.46
C UNK B 104 -32.22 -38.99 34.58
N UNK B 105 -31.72 -37.80 34.93
CA UNK B 105 -30.65 -37.19 34.15
C UNK B 105 -29.35 -37.97 34.28
N UNK B 106 -29.01 -38.35 35.50
CA UNK B 106 -27.81 -39.15 35.74
C UNK B 106 -27.98 -40.51 35.06
N UNK B 107 -29.20 -41.02 35.08
CA UNK B 107 -29.53 -42.27 34.41
C UNK B 107 -29.27 -42.21 32.91
N UNK B 108 -29.69 -41.11 32.28
CA UNK B 108 -29.52 -40.94 30.84
C UNK B 108 -28.05 -41.01 30.43
N UNK B 109 -27.15 -40.54 31.28
CA UNK B 109 -25.71 -40.62 31.00
C UNK B 109 -24.88 -40.70 32.26
N UNK B 110 -22.37 -32.82 30.79
CA UNK B 110 -23.14 -33.69 29.92
C UNK B 110 -24.64 -33.38 29.99
N UNK B 111 -25.04 -32.66 31.04
CA UNK B 111 -26.45 -32.34 31.24
C UNK B 111 -26.63 -30.90 31.73
N UNK B 112 -27.64 -30.21 31.21
CA UNK B 112 -27.83 -28.79 31.53
C UNK B 112 -29.13 -28.51 32.28
N UNK B 113 -29.04 -27.70 33.34
CA UNK B 113 -30.21 -27.34 34.15
C UNK B 113 -30.46 -25.84 34.12
N UNK B 114 -31.71 -25.43 33.89
CA UNK B 114 -32.07 -24.01 33.81
C UNK B 114 -33.04 -23.59 34.90
N UNK B 115 -32.73 -22.48 35.59
CA UNK B 115 -33.58 -21.98 36.67
C UNK B 115 -34.18 -20.61 36.34
N UNK B 116 -35.40 -20.37 36.80
CA UNK B 116 -36.17 -19.19 36.41
C UNK B 116 -36.23 -18.11 37.50
N UNK B 117 -35.98 -16.87 37.10
CA UNK B 117 -35.85 -15.71 37.98
C UNK B 117 -37.14 -15.32 38.69
N UNK B 118 -38.23 -15.30 37.95
CA UNK B 118 -39.51 -14.79 38.44
C UNK B 118 -40.28 -15.95 39.02
N UNK B 119 -39.60 -17.08 39.17
CA UNK B 119 -40.24 -18.31 39.59
C UNK B 119 -40.61 -18.39 41.07
N UNK B 120 -39.71 -18.01 41.96
CA UNK B 120 -40.01 -18.16 43.38
C UNK B 120 -39.24 -17.21 44.26
N UNK B 121 -39.32 -17.45 45.56
CA UNK B 121 -38.55 -16.74 46.56
C UNK B 121 -37.06 -16.79 46.23
N UNK B 122 -36.39 -15.64 46.33
CA UNK B 122 -34.97 -15.56 46.04
C UNK B 122 -34.23 -16.51 46.97
N UNK B 123 -33.16 -17.11 46.47
CA UNK B 123 -32.44 -18.11 47.25
C UNK B 123 -31.70 -17.49 48.41
N UNK B 124 -31.98 -18.02 49.60
CA UNK B 124 -31.37 -17.54 50.84
C UNK B 124 -29.88 -17.84 50.80
N UNK B 125 -29.11 -17.04 51.54
CA UNK B 125 -27.66 -17.20 51.58
C UNK B 125 -27.26 -18.55 52.16
N UNK B 126 -26.49 -19.28 51.35
CA UNK B 126 -26.01 -20.66 51.61
C UNK B 126 -27.12 -21.67 51.38
N UNK B 127 -28.36 -21.20 51.32
CA UNK B 127 -29.46 -22.05 50.92
C UNK B 127 -29.37 -22.20 49.42
N UNK B 128 -29.40 -23.44 48.94
CA UNK B 128 -29.29 -23.66 47.51
C UNK B 128 -30.43 -23.01 46.74
N UNK B 129 -31.65 -23.49 46.89
CA UNK B 129 -32.72 -22.89 46.11
C UNK B 129 -34.08 -22.93 46.78
N UNK B 130 -34.99 -22.09 46.31
CA UNK B 130 -36.39 -22.19 46.70
C UNK B 130 -37.11 -22.85 45.54
N UNK B 131 -37.95 -23.84 45.86
CA UNK B 131 -38.67 -24.59 44.84
C UNK B 131 -40.13 -24.67 45.21
N UNK B 132 -40.97 -25.04 44.25
CA UNK B 132 -42.40 -25.16 44.53
C UNK B 132 -42.63 -26.47 45.28
N UNK B 133 -43.16 -26.36 46.49
CA UNK B 133 -43.45 -27.52 47.32
C UNK B 133 -44.67 -28.25 46.79
N UNK B 134 -44.84 -29.51 47.22
CA UNK B 134 -45.90 -30.39 46.73
C UNK B 134 -47.28 -29.76 46.86
N UNK B 135 -48.16 -30.13 45.93
CA UNK B 135 -49.54 -29.62 45.85
C UNK B 135 -49.58 -28.18 45.37
N UNK B 136 -48.39 -27.60 45.18
CA UNK B 136 -48.23 -26.25 44.64
C UNK B 136 -48.93 -25.23 45.52
N UNK B 137 -49.10 -25.56 46.79
CA UNK B 137 -49.71 -24.65 47.74
C UNK B 137 -48.69 -23.63 48.21
N UNK B 138 -47.49 -24.12 48.51
CA UNK B 138 -46.43 -23.27 49.03
C UNK B 138 -45.05 -23.65 48.49
N UNK B 139 -44.03 -22.98 48.99
CA UNK B 139 -42.65 -23.19 48.56
C UNK B 139 -41.82 -23.95 49.60
N UNK B 140 -40.85 -24.73 49.13
CA UNK B 140 -39.94 -25.46 50.01
C UNK B 140 -38.52 -25.30 49.49
N UNK B 141 -37.57 -25.12 50.40
CA UNK B 141 -36.17 -24.93 50.03
C UNK B 141 -35.42 -26.25 49.86
N UNK B 142 -34.58 -26.31 48.83
CA UNK B 142 -33.74 -27.46 48.57
C UNK B 142 -32.27 -27.09 48.73
N UNK B 143 -31.42 -28.09 48.94
CA UNK B 143 -29.99 -27.87 49.16
C UNK B 143 -29.11 -29.00 48.60
N UNK B 144 -27.85 -28.68 48.32
CA UNK B 144 -26.87 -29.64 47.81
C UNK B 144 -27.37 -30.38 46.57
N UNK B 145 -20.70 -33.96 35.69
CA UNK B 145 -20.82 -33.72 34.25
C UNK B 145 -22.05 -32.88 33.93
N UNK B 146 -22.15 -31.69 34.52
CA UNK B 146 -23.32 -30.84 34.32
C UNK B 146 -23.01 -29.34 34.21
N UNK B 147 -23.87 -28.63 33.49
CA UNK B 147 -23.82 -27.18 33.41
C UNK B 147 -25.14 -26.55 33.88
N UNK B 148 -25.04 -25.56 34.76
CA UNK B 148 -26.23 -24.93 35.32
C UNK B 148 -26.33 -23.46 34.91
N UNK B 149 -27.46 -23.08 34.31
CA UNK B 149 -27.71 -21.69 33.97
C UNK B 149 -28.82 -21.22 34.89
N UNK B 150 -28.51 -20.23 35.71
CA UNK B 150 -29.44 -19.84 36.75
C UNK B 150 -29.88 -18.39 36.64
N UNK B 151 -31.16 -18.20 36.38
CA UNK B 151 -31.73 -16.87 36.43
C UNK B 151 -32.44 -16.77 37.76
N UNK B 152 -31.87 -15.99 38.67
CA UNK B 152 -32.48 -15.77 39.98
C UNK B 152 -31.88 -14.53 40.61
N UNK B 153 -32.59 -13.90 41.53
CA UNK B 153 -32.00 -12.79 42.26
C UNK B 153 -30.99 -13.42 43.24
N UNK B 154 -29.99 -12.63 43.66
CA UNK B 154 -29.02 -13.08 44.67
C UNK B 154 -28.36 -14.41 44.30
N UNK B 155 -28.17 -14.62 42.99
CA UNK B 155 -27.70 -15.90 42.45
C UNK B 155 -26.32 -16.39 42.94
N UNK B 156 -25.41 -15.47 43.23
CA UNK B 156 -24.04 -15.85 43.62
C UNK B 156 -24.04 -16.71 44.88
N UNK B 157 -25.05 -16.51 45.71
CA UNK B 157 -25.23 -17.29 46.92
C UNK B 157 -25.25 -18.77 46.55
N UNK B 158 -25.85 -19.08 45.41
CA UNK B 158 -25.87 -20.45 44.92
C UNK B 158 -24.45 -20.99 44.72
N UNK B 159 -23.55 -20.14 44.24
CA UNK B 159 -22.16 -20.55 44.03
C UNK B 159 -21.43 -20.75 45.35
N UNK B 160 -21.53 -19.73 46.21
CA UNK B 160 -20.86 -19.74 47.50
C UNK B 160 -21.28 -20.97 48.31
N UNK B 161 -22.57 -21.28 48.26
CA UNK B 161 -23.08 -22.49 48.88
C UNK B 161 -22.58 -23.74 48.15
N UNK B 162 -22.47 -23.65 46.82
CA UNK B 162 -22.10 -24.81 46.00
C UNK B 162 -20.72 -25.36 46.35
N UNK B 163 -19.80 -24.48 46.73
CA UNK B 163 -18.47 -24.94 47.13
C UNK B 163 -18.56 -25.97 48.26
N UNK B 164 -19.47 -25.72 49.19
CA UNK B 164 -19.67 -26.56 50.37
C UNK B 164 -20.22 -27.93 50.01
N UNK B 165 -21.33 -27.95 49.26
CA UNK B 165 -21.93 -29.20 48.83
C UNK B 165 -20.93 -30.02 48.03
N UNK B 166 -20.14 -29.34 47.20
CA UNK B 166 -19.07 -30.00 46.46
C UNK B 166 -18.12 -30.72 47.40
N UNK B 167 -17.57 -29.95 48.36
CA UNK B 167 -16.59 -30.49 49.30
C UNK B 167 -17.15 -31.67 50.10
N UNK B 168 -18.40 -31.51 50.57
CA UNK B 168 -19.06 -32.51 51.39
C UNK B 168 -19.34 -33.79 50.63
N UNK B 169 -19.81 -33.66 49.39
CA UNK B 169 -20.06 -34.82 48.55
C UNK B 169 -18.73 -35.54 48.31
N UNK B 170 -17.68 -34.75 48.11
CA UNK B 170 -16.35 -35.29 47.89
C UNK B 170 -15.90 -36.12 49.08
N UNK B 171 -16.09 -35.57 50.28
CA UNK B 171 -15.71 -36.25 51.52
C UNK B 171 -16.54 -37.53 51.73
N UNK B 172 -17.84 -37.42 51.47
CA UNK B 172 -18.77 -38.55 51.58
C UNK B 172 -18.36 -39.71 50.69
N UNK B 173 -18.04 -39.41 49.45
CA UNK B 173 -17.56 -40.42 48.51
C UNK B 173 -16.21 -40.97 48.98
N UNK B 174 -15.37 -40.08 49.50
CA UNK B 174 -14.04 -40.44 50.00
C UNK B 174 -14.12 -41.45 51.13
N UNK B 175 -15.19 -41.38 51.92
CA UNK B 175 -15.37 -42.29 53.05
C UNK B 175 -15.37 -43.73 52.56
N UNK B 176 -16.10 -43.99 51.48
CA UNK B 176 -16.12 -45.31 50.85
C UNK B 176 -14.78 -45.59 50.15
N UNK B 177 -16.78 -32.47 36.91
CA UNK B 177 -16.95 -31.53 35.80
C UNK B 177 -18.26 -30.78 35.92
N UNK B 178 -18.18 -29.51 36.31
CA UNK B 178 -19.38 -28.68 36.43
C UNK B 178 -19.11 -27.24 35.99
N UNK B 179 -20.05 -26.68 35.24
CA UNK B 179 -19.94 -25.30 34.76
C UNK B 179 -21.13 -24.50 35.23
N UNK B 180 -20.90 -23.34 35.84
CA UNK B 180 -22.00 -22.51 36.32
C UNK B 180 -22.02 -21.09 35.72
N UNK B 181 -23.18 -20.70 35.20
CA UNK B 181 -23.38 -19.38 34.63
C UNK B 181 -24.63 -18.75 35.27
N UNK B 182 -24.47 -17.57 35.84
CA UNK B 182 -25.54 -16.95 36.61
C UNK B 182 -25.68 -15.46 36.32
N UNK B 183 -26.90 -14.96 36.46
CA UNK B 183 -27.23 -13.58 36.12
C UNK B 183 -26.82 -12.50 37.13
N UNK B 184 -26.66 -12.84 38.42
CA UNK B 184 -26.36 -11.78 39.39
C UNK B 184 -25.36 -12.15 40.48
N UNK B 185 -24.58 -11.15 40.89
CA UNK B 185 -23.56 -11.24 41.94
C UNK B 185 -24.07 -10.92 43.34
N UNK B 186 -23.48 -11.57 44.34
CA UNK B 186 -23.81 -11.34 45.76
C UNK B 186 -25.32 -11.36 45.96
N UNK B 187 -25.83 -10.36 46.66
CA UNK B 187 -27.27 -10.18 46.73
C UNK B 187 -27.60 -9.02 45.80
N UNK B 188 -28.17 -9.37 44.65
CA UNK B 188 -28.52 -8.41 43.63
C UNK B 188 -30.02 -8.42 43.37
N UNK B 189 -30.44 -7.68 42.34
CA UNK B 189 -31.84 -7.64 41.97
C UNK B 189 -31.98 -7.69 40.46
N UNK B 190 -32.88 -8.55 39.97
CA UNK B 190 -33.19 -8.62 38.55
C UNK B 190 -33.84 -7.30 38.15
N UNK B 191 -33.89 -6.98 36.87
CA UNK B 191 -34.47 -5.70 36.49
C UNK B 191 -35.95 -5.67 36.79
N UNK B 192 -36.35 -4.70 37.59
CA UNK B 192 -37.73 -4.56 37.98
C UNK B 192 -38.38 -3.52 37.09
N UNK B 193 -37.59 -2.99 36.17
CA UNK B 193 -38.05 -1.93 35.30
C UNK B 193 -38.94 -2.49 34.20
N UNK B 194 -39.92 -1.71 33.78
CA UNK B 194 -40.82 -2.12 32.73
C UNK B 194 -40.06 -2.15 31.42
N UNK B 195 -40.59 -2.87 30.43
CA UNK B 195 -39.97 -3.01 29.12
C UNK B 195 -38.67 -3.82 29.18
N UNK B 196 -38.22 -4.18 30.38
CA UNK B 196 -36.93 -4.83 30.54
C UNK B 196 -36.93 -6.35 30.33
N UNK B 197 -38.10 -6.98 30.29
CA UNK B 197 -38.17 -8.41 29.94
C UNK B 197 -37.35 -9.29 30.88
N UNK B 198 -37.87 -9.54 32.08
CA UNK B 198 -37.14 -10.16 33.19
C UNK B 198 -36.50 -11.54 32.92
N UNK B 199 -36.73 -12.10 31.74
CA UNK B 199 -36.12 -13.36 31.38
C UNK B 199 -34.83 -13.12 30.62
N UNK B 200 -34.40 -11.85 30.63
CA UNK B 200 -33.34 -11.36 29.75
C UNK B 200 -32.05 -12.20 29.78
N UNK B 201 -31.60 -12.61 30.95
CA UNK B 201 -30.35 -13.38 31.02
C UNK B 201 -30.60 -14.74 30.40
N UNK B 202 -31.72 -15.36 30.78
CA UNK B 202 -32.12 -16.62 30.19
C UNK B 202 -32.38 -16.40 28.71
N UNK B 203 -32.96 -15.25 28.38
CA UNK B 203 -33.19 -14.86 27.00
C UNK B 203 -31.86 -14.62 26.30
N UNK B 204 -30.90 -14.04 27.02
CA UNK B 204 -29.59 -13.76 26.45
C UNK B 204 -28.91 -15.04 26.02
N UNK B 205 -28.88 -16.02 26.93
CA UNK B 205 -28.28 -17.30 26.58
C UNK B 205 -29.12 -18.04 25.52
N UNK B 206 -30.44 -17.91 25.60
CA UNK B 206 -31.32 -18.65 24.71
C UNK B 206 -31.41 -18.06 23.30
N UNK B 207 -31.68 -16.76 23.21
CA UNK B 207 -31.63 -16.08 21.93
C UNK B 207 -30.81 -14.81 22.06
N UNK B 208 -29.62 -14.84 21.49
CA UNK B 208 -28.70 -13.71 21.61
C UNK B 208 -29.04 -12.56 20.68
N UNK B 209 -29.33 -12.87 19.42
CA UNK B 209 -29.53 -11.84 18.40
C UNK B 209 -30.69 -10.91 18.73
N UNK B 210 -31.82 -11.48 19.12
CA UNK B 210 -33.01 -10.69 19.42
C UNK B 210 -32.83 -9.80 20.66
N UNK B 211 -32.30 -10.38 21.73
CA UNK B 211 -32.05 -9.64 22.96
C UNK B 211 -31.11 -8.50 22.65
N UNK B 212 -30.03 -8.83 21.95
CA UNK B 212 -29.04 -7.85 21.51
C UNK B 212 -29.69 -6.73 20.70
N UNK B 213 -30.66 -7.08 19.86
CA UNK B 213 -31.36 -6.08 19.07
C UNK B 213 -32.12 -5.12 19.98
N UNK B 214 -32.86 -5.69 20.93
CA UNK B 214 -33.57 -4.89 21.90
C UNK B 214 -32.60 -3.94 22.60
N UNK B 215 -31.47 -4.49 23.01
CA UNK B 215 -30.43 -3.72 23.68
C UNK B 215 -29.92 -2.59 22.79
N UNK B 216 -29.84 -2.85 21.49
CA UNK B 216 -29.41 -1.83 20.52
C UNK B 216 -30.44 -0.71 20.48
N UNK B 217 -31.71 -1.07 20.54
CA UNK B 217 -32.78 -0.08 20.53
C UNK B 217 -32.76 0.77 21.80
N UNK B 218 -32.68 0.11 22.95
CA UNK B 218 -32.70 0.80 24.23
C UNK B 218 -31.46 1.65 24.46
N UNK B 219 -30.30 1.18 23.98
CA UNK B 219 -29.04 1.91 24.20
C UNK B 219 -29.03 3.24 23.47
N UNK B 220 -29.43 3.24 22.21
CA UNK B 220 -29.56 4.50 21.49
C UNK B 220 -30.88 4.52 20.75
N UNK B 221 -31.80 5.36 21.20
CA UNK B 221 -33.08 5.53 20.52
C UNK B 221 -32.94 6.52 19.38
N UNK B 222 -31.88 7.33 19.48
CA UNK B 222 -31.57 8.33 18.48
C UNK B 222 -31.34 7.71 17.10
N UNK B 223 -30.71 6.53 17.08
CA UNK B 223 -30.30 5.89 15.84
C UNK B 223 -31.44 5.59 14.87
N UNK B 224 -32.51 4.98 15.36
CA UNK B 224 -33.63 4.66 14.49
C UNK B 224 -34.89 4.59 15.31
N UNK B 225 -36.03 4.84 14.68
CA UNK B 225 -37.29 4.69 15.37
C UNK B 225 -37.86 3.31 15.08
N UNK B 226 -37.82 2.45 16.09
CA UNK B 226 -38.45 1.14 16.01
C UNK B 226 -38.80 0.66 17.41
N UNK B 227 -39.95 0.01 17.54
CA UNK B 227 -40.33 -0.59 18.81
C UNK B 227 -39.40 -1.76 19.04
N UNK B 228 -38.92 -1.92 20.28
CA UNK B 228 -38.03 -3.03 20.60
C UNK B 228 -38.68 -4.34 20.17
N UNK B 229 -39.97 -4.45 20.44
CA UNK B 229 -40.76 -5.60 20.03
C UNK B 229 -40.80 -5.70 18.51
N UNK B 230 -40.98 -4.55 17.86
CA UNK B 230 -41.02 -4.50 16.40
C UNK B 230 -39.68 -4.88 15.78
N UNK B 231 -38.59 -4.42 16.38
CA UNK B 231 -37.26 -4.76 15.89
C UNK B 231 -37.01 -6.26 16.02
N UNK B 232 -37.37 -6.81 17.16
CA UNK B 232 -37.19 -8.24 17.42
C UNK B 232 -37.99 -9.11 16.46
N UNK B 233 -39.11 -8.57 15.98
CA UNK B 233 -40.11 -9.35 15.25
C UNK B 233 -39.88 -9.48 13.74
N UNK B 234 -38.76 -8.99 13.23
CA UNK B 234 -38.46 -9.21 11.83
C UNK B 234 -37.49 -10.38 11.70
N UNK B 235 -37.97 -11.44 11.07
CA UNK B 235 -37.22 -12.70 11.11
C UNK B 235 -36.68 -13.18 9.76
N UNK B 236 -35.37 -13.04 9.59
CA UNK B 236 -34.67 -13.70 8.52
C UNK B 236 -34.39 -15.12 9.03
N UNK B 237 -34.18 -16.08 8.14
CA UNK B 237 -33.87 -17.42 8.62
C UNK B 237 -32.47 -17.45 9.21
N UNK B 238 -32.38 -17.88 10.46
CA UNK B 238 -31.11 -17.95 11.20
C UNK B 238 -30.23 -19.10 10.69
N UNK B 239 -28.92 -18.92 10.91
CA UNK B 239 -27.89 -19.92 10.60
C UNK B 239 -27.57 -19.97 9.10
N UNK B 240 -28.29 -19.16 8.34
CA UNK B 240 -28.06 -19.04 6.91
C UNK B 240 -27.70 -17.61 6.57
N UNK B 241 -26.44 -17.41 6.19
CA UNK B 241 -25.92 -16.09 5.86
C UNK B 241 -26.58 -15.50 4.64
N UNK B 242 -26.44 -14.18 4.52
CA UNK B 242 -27.07 -13.33 3.50
C UNK B 242 -28.52 -13.06 3.89
N UNK B 243 -28.96 -13.68 4.97
CA UNK B 243 -30.24 -13.35 5.56
C UNK B 243 -29.94 -12.28 6.59
N UNK B 244 -30.81 -11.28 6.70
CA UNK B 244 -30.46 -10.09 7.47
C UNK B 244 -30.22 -10.41 8.94
N UNK B 245 -31.23 -11.02 9.57
CA UNK B 245 -31.13 -11.37 10.98
C UNK B 245 -30.01 -12.38 11.16
N UNK B 246 -29.93 -13.32 10.24
CA UNK B 246 -28.92 -14.36 10.33
C UNK B 246 -27.53 -13.78 10.14
N UNK B 247 -27.39 -12.81 9.25
CA UNK B 247 -26.10 -12.16 9.06
C UNK B 247 -25.70 -11.47 10.35
N UNK B 248 -26.68 -10.80 10.98
CA UNK B 248 -26.44 -10.14 12.25
C UNK B 248 -26.00 -11.16 13.30
N UNK B 249 -26.60 -12.36 13.26
CA UNK B 249 -26.30 -13.42 14.21
C UNK B 249 -24.90 -13.96 14.01
N UNK B 250 -24.52 -14.14 12.75
CA UNK B 250 -23.19 -14.64 12.41
C UNK B 250 -22.14 -13.63 12.83
N UNK B 251 -22.43 -12.36 12.57
CA UNK B 251 -21.51 -11.29 12.94
C UNK B 251 -21.36 -11.31 14.46
N UNK B 252 -22.47 -11.57 15.15
CA UNK B 252 -22.47 -11.62 16.61
C UNK B 252 -21.57 -12.74 17.08
N UNK B 253 -21.75 -13.92 16.49
CA UNK B 253 -20.96 -15.08 16.85
C UNK B 253 -19.47 -14.76 16.65
N UNK B 254 -19.15 -14.14 15.53
CA UNK B 254 -17.77 -13.80 15.20
C UNK B 254 -17.17 -12.80 16.18
N UNK B 255 -17.90 -11.72 16.45
CA UNK B 255 -17.41 -10.65 17.31
C UNK B 255 -17.19 -11.20 18.70
N UNK B 256 -18.11 -12.06 19.12
CA UNK B 256 -18.01 -12.67 20.43
C UNK B 256 -16.76 -13.52 20.49
N UNK B 257 -16.60 -14.39 19.48
CA UNK B 257 -15.48 -15.32 19.46
C UNK B 257 -14.13 -14.59 19.47
N UNK B 258 -14.01 -13.52 18.69
CA UNK B 258 -12.78 -12.74 18.64
C UNK B 258 -12.52 -12.08 19.99
N UNK B 259 -13.58 -11.52 20.58
CA UNK B 259 -13.46 -10.84 21.87
C UNK B 259 -12.96 -11.83 22.91
N UNK B 260 -13.42 -13.07 22.81
CA UNK B 260 -12.97 -14.12 23.71
C UNK B 260 -11.50 -14.43 23.47
N UNK B 261 -11.14 -14.59 22.20
CA UNK B 261 -9.78 -14.95 21.85
C UNK B 261 -8.80 -13.91 22.34
N UNK B 262 -9.29 -12.67 22.46
CA UNK B 262 -8.48 -11.60 23.04
C UNK B 262 -8.45 -11.68 24.55
N UNK B 263 -9.62 -11.89 25.15
CA UNK B 263 -9.77 -11.71 26.59
C UNK B 263 -9.28 -12.86 27.47
N UNK B 264 -9.26 -14.08 26.94
CA UNK B 264 -8.99 -15.24 27.78
C UNK B 264 -7.73 -16.01 27.41
N UNK B 265 -7.19 -16.74 28.39
CA UNK B 265 -6.03 -17.60 28.17
C UNK B 265 -6.38 -18.76 27.24
N UNK B 266 -5.37 -19.31 26.58
CA UNK B 266 -5.57 -20.34 25.55
C UNK B 266 -6.31 -21.59 26.05
N UNK B 267 -5.92 -22.08 27.22
CA UNK B 267 -6.51 -23.31 27.74
C UNK B 267 -8.00 -23.18 28.02
N UNK B 268 -8.38 -22.15 28.76
CA UNK B 268 -9.77 -21.93 29.11
C UNK B 268 -10.57 -21.68 27.84
N UNK B 269 -9.98 -20.90 26.94
CA UNK B 269 -10.65 -20.51 25.70
C UNK B 269 -10.99 -21.76 24.92
N UNK B 270 -9.98 -22.60 24.71
CA UNK B 270 -10.17 -23.82 23.95
C UNK B 270 -11.18 -24.71 24.64
N UNK B 271 -11.13 -24.77 25.96
CA UNK B 271 -12.02 -25.69 26.66
C UNK B 271 -13.47 -25.27 26.54
N UNK B 272 -13.77 -24.05 26.97
CA UNK B 272 -15.15 -23.64 27.07
C UNK B 272 -15.71 -23.32 25.69
N UNK B 273 -14.92 -22.66 24.87
CA UNK B 273 -15.43 -22.25 23.56
C UNK B 273 -15.33 -23.36 22.50
N UNK B 274 -14.37 -24.27 22.60
CA UNK B 274 -14.29 -25.33 21.61
C UNK B 274 -14.94 -26.67 22.00
N UNK B 275 -15.32 -26.88 23.26
CA UNK B 275 -15.63 -28.27 23.63
C UNK B 275 -16.96 -28.79 23.10
N UNK B 276 -18.05 -28.08 23.36
CA UNK B 276 -19.37 -28.58 23.01
C UNK B 276 -20.26 -27.50 22.43
N UNK B 277 -21.04 -27.85 21.41
CA UNK B 277 -21.86 -26.87 20.71
C UNK B 277 -22.80 -26.12 21.66
N UNK B 278 -23.42 -26.86 22.58
CA UNK B 278 -24.34 -26.26 23.54
C UNK B 278 -23.55 -25.45 24.55
N UNK B 279 -22.44 -26.02 25.02
CA UNK B 279 -21.58 -25.35 25.99
C UNK B 279 -20.94 -24.10 25.39
N UNK B 280 -20.41 -24.25 24.19
CA UNK B 280 -19.74 -23.15 23.51
C UNK B 280 -20.72 -22.04 23.27
N UNK B 281 -21.90 -22.39 22.75
CA UNK B 281 -22.92 -21.39 22.47
C UNK B 281 -23.34 -20.68 23.75
N UNK B 282 -23.48 -21.46 24.82
CA UNK B 282 -23.92 -20.92 26.09
C UNK B 282 -22.92 -19.87 26.58
N UNK B 283 -21.63 -20.22 26.58
CA UNK B 283 -20.61 -19.29 27.07
C UNK B 283 -20.49 -18.05 26.18
N UNK B 284 -20.55 -18.29 24.87
CA UNK B 284 -20.46 -17.22 23.89
C UNK B 284 -21.56 -16.22 24.17
N UNK B 285 -22.75 -16.73 24.45
CA UNK B 285 -23.84 -15.86 24.81
C UNK B 285 -23.56 -15.20 26.15
N UNK B 286 -22.89 -15.92 27.06
CA UNK B 286 -22.66 -15.44 28.42
C UNK B 286 -21.84 -14.17 28.43
N UNK B 287 -20.91 -14.06 27.48
CA UNK B 287 -20.12 -12.84 27.37
C UNK B 287 -21.06 -11.64 27.14
N UNK B 288 -21.94 -11.79 26.15
CA UNK B 288 -22.88 -10.75 25.81
C UNK B 288 -23.78 -10.47 27.00
N UNK B 289 -24.07 -11.52 27.74
CA UNK B 289 -24.90 -11.42 28.92
C UNK B 289 -24.21 -10.49 29.89
N UNK B 290 -22.90 -10.60 30.00
CA UNK B 290 -22.15 -9.71 30.88
C UNK B 290 -22.30 -8.28 30.38
N UNK B 291 -22.22 -8.14 29.07
CA UNK B 291 -22.28 -6.81 28.46
C UNK B 291 -23.61 -6.11 28.75
N UNK B 292 -24.73 -6.78 28.55
CA UNK B 292 -26.02 -6.13 28.74
C UNK B 292 -26.44 -6.08 30.21
N UNK B 293 -26.11 -7.13 30.97
CA UNK B 293 -26.49 -7.19 32.37
C UNK B 293 -25.80 -6.09 33.15
N UNK B 294 -24.54 -5.84 32.83
CA UNK B 294 -23.81 -4.79 33.54
C UNK B 294 -24.55 -3.46 33.37
N UNK B 295 -25.12 -3.24 32.19
CA UNK B 295 -25.84 -2.02 31.87
C UNK B 295 -27.09 -1.89 32.74
N UNK B 296 -27.75 -3.01 32.97
CA UNK B 296 -28.99 -3.04 33.73
C UNK B 296 -28.65 -3.12 35.21
N UNK B 297 -27.35 -3.09 35.47
CA UNK B 297 -26.73 -3.09 36.81
C UNK B 297 -26.62 -4.44 37.49
N UNK B 298 -27.29 -5.48 36.99
CA UNK B 298 -27.03 -6.77 37.59
C UNK B 298 -25.65 -7.20 37.12
N UNK B 299 -24.78 -7.56 38.05
CA UNK B 299 -23.44 -7.98 37.68
C UNK B 299 -23.47 -9.50 37.47
N UNK B 300 -23.19 -9.96 36.25
CA UNK B 300 -23.19 -11.39 35.99
C UNK B 300 -21.98 -12.07 36.63
N UNK B 301 -22.21 -13.13 37.40
CA UNK B 301 -21.12 -13.96 37.89
C UNK B 301 -21.02 -15.26 37.07
N UNK B 302 -19.80 -15.68 36.74
CA UNK B 302 -19.61 -16.87 35.91
C UNK B 302 -18.58 -17.84 36.49
N UNK B 303 -18.91 -19.13 36.48
CA UNK B 303 -18.01 -20.15 36.98
C UNK B 303 -17.42 -21.02 35.86
N UNK B 304 -16.10 -21.01 35.77
CA UNK B 304 -15.31 -20.26 36.73
C UNK B 304 -14.52 -19.11 36.15
N UNK B 305 -14.40 -18.04 36.95
CA UNK B 305 -13.46 -16.94 36.73
C UNK B 305 -13.31 -16.47 35.30
N UNK B 306 -14.30 -15.75 34.78
CA UNK B 306 -14.15 -15.21 33.44
C UNK B 306 -13.78 -13.73 33.53
N UNK B 307 -13.00 -13.28 32.57
CA UNK B 307 -12.53 -11.89 32.51
C UNK B 307 -13.67 -10.92 32.25
N UNK B 308 -13.43 -9.64 32.53
CA UNK B 308 -14.48 -8.62 32.44
C UNK B 308 -15.17 -8.63 31.08
N UNK B 309 -14.39 -8.51 30.01
CA UNK B 309 -14.88 -8.64 28.63
C UNK B 309 -15.88 -7.56 28.19
N UNK B 310 -16.19 -6.62 29.08
CA UNK B 310 -17.16 -5.58 28.74
C UNK B 310 -16.58 -4.52 27.81
N UNK B 311 -15.29 -4.26 27.95
CA UNK B 311 -14.67 -3.11 27.30
C UNK B 311 -14.01 -3.41 25.95
N UNK B 312 -14.14 -4.63 25.44
CA UNK B 312 -13.54 -4.97 24.15
C UNK B 312 -14.08 -4.03 23.08
N UNK B 313 -13.18 -3.52 22.25
CA UNK B 313 -13.52 -2.51 21.25
C UNK B 313 -14.57 -3.01 20.27
N UNK B 314 -14.56 -4.30 20.00
CA UNK B 314 -15.45 -4.92 19.02
C UNK B 314 -16.91 -4.59 19.29
N UNK B 315 -17.28 -4.47 20.55
CA UNK B 315 -18.67 -4.25 20.93
C UNK B 315 -19.23 -2.99 20.27
N UNK B 316 -18.40 -1.95 20.20
CA UNK B 316 -18.82 -0.71 19.57
C UNK B 316 -19.11 -0.99 18.10
N UNK B 317 -18.26 -1.80 17.49
CA UNK B 317 -18.42 -2.18 16.09
C UNK B 317 -19.74 -2.90 15.89
N UNK B 318 -20.06 -3.77 16.84
CA UNK B 318 -21.32 -4.49 16.80
C UNK B 318 -22.47 -3.49 16.84
N UNK B 319 -22.34 -2.47 17.68
CA UNK B 319 -23.36 -1.46 17.79
C UNK B 319 -23.55 -0.75 16.44
N UNK B 320 -22.45 -0.36 15.79
CA UNK B 320 -22.52 0.32 14.51
C UNK B 320 -23.16 -0.57 13.44
N UNK B 321 -22.72 -1.82 13.39
CA UNK B 321 -23.23 -2.79 12.42
C UNK B 321 -24.72 -2.99 12.64
N UNK B 322 -25.12 -3.05 13.89
CA UNK B 322 -26.51 -3.20 14.24
C UNK B 322 -27.27 -2.01 13.69
N UNK B 323 -26.70 -0.81 13.86
CA UNK B 323 -27.37 0.41 13.43
C UNK B 323 -27.62 0.42 11.93
N UNK B 324 -26.56 0.16 11.16
CA UNK B 324 -26.67 0.15 9.71
C UNK B 324 -27.65 -0.91 9.27
N UNK B 325 -27.57 -2.07 9.93
CA UNK B 325 -28.44 -3.19 9.62
C UNK B 325 -29.90 -2.83 9.87
N UNK B 326 -30.16 -2.16 10.97
CA UNK B 326 -31.52 -1.82 11.40
C UNK B 326 -32.13 -0.83 10.43
N UNK B 327 -31.35 0.18 10.05
CA UNK B 327 -31.89 1.18 9.14
C UNK B 327 -32.17 0.51 7.80
N UNK B 328 -31.25 -0.34 7.37
CA UNK B 328 -31.46 -1.06 6.12
C UNK B 328 -32.73 -1.90 6.21
N UNK B 329 -33.00 -2.43 7.41
CA UNK B 329 -34.20 -3.22 7.68
C UNK B 329 -35.45 -2.37 7.58
N UNK B 330 -35.32 -1.10 7.90
CA UNK B 330 -36.45 -0.19 7.79
C UNK B 330 -36.69 0.10 6.32
N UNK B 331 -35.60 0.19 5.55
CA UNK B 331 -35.70 0.41 4.11
C UNK B 331 -36.28 -0.82 3.40
N UNK B 332 -36.35 -1.93 4.13
CA UNK B 332 -36.89 -3.16 3.59
C UNK B 332 -38.18 -3.54 4.32
N UNK B 333 -43.95 -6.85 -1.05
CA UNK B 333 -43.05 -5.77 -0.65
C UNK B 333 -42.50 -5.04 -1.87
N UNK B 334 -41.37 -4.37 -1.69
CA UNK B 334 -40.73 -3.63 -2.77
C UNK B 334 -39.37 -4.24 -3.10
N UNK B 335 -38.94 -4.09 -4.35
CA UNK B 335 -37.68 -4.67 -4.78
C UNK B 335 -36.50 -3.86 -4.25
N UNK B 336 -35.65 -4.52 -3.46
CA UNK B 336 -34.47 -3.87 -2.91
C UNK B 336 -33.38 -4.89 -2.61
N UNK B 337 -32.14 -4.44 -2.62
CA UNK B 337 -31.00 -5.28 -2.28
C UNK B 337 -30.57 -5.00 -0.85
N UNK B 338 -30.18 -6.05 -0.14
CA UNK B 338 -29.68 -5.90 1.23
C UNK B 338 -28.27 -5.31 1.21
N UNK B 339 -27.95 -4.54 2.24
CA UNK B 339 -26.64 -3.91 2.32
C UNK B 339 -25.74 -4.67 3.29
N UNK B 340 -24.82 -5.46 2.76
CA UNK B 340 -23.95 -6.30 3.59
C UNK B 340 -23.09 -5.47 4.55
N UNK B 341 -22.95 -5.96 5.78
CA UNK B 341 -22.16 -5.27 6.80
C UNK B 341 -20.70 -5.18 6.40
N UNK B 342 -20.04 -4.11 6.82
CA UNK B 342 -18.65 -3.89 6.45
C UNK B 342 -17.70 -4.42 7.51
N UNK B 343 -18.25 -5.04 8.55
CA UNK B 343 -17.46 -5.50 9.69
C UNK B 343 -16.41 -6.53 9.29
N UNK B 344 -16.81 -7.50 8.47
CA UNK B 344 -15.91 -8.56 8.06
C UNK B 344 -14.72 -8.02 7.28
N UNK B 345 -14.96 -7.19 6.28
CA UNK B 345 -13.88 -6.65 5.46
C UNK B 345 -12.94 -5.79 6.30
N UNK B 346 -13.50 -5.07 7.26
CA UNK B 346 -12.73 -4.20 8.14
C UNK B 346 -11.79 -5.05 9.00
N UNK B 347 -12.35 -6.07 9.64
CA UNK B 347 -11.56 -6.94 10.50
C UNK B 347 -10.48 -7.65 9.68
N UNK B 348 -10.84 -8.08 8.48
CA UNK B 348 -9.89 -8.74 7.58
C UNK B 348 -8.73 -7.81 7.20
N UNK B 349 -9.04 -6.57 6.86
CA UNK B 349 -8.01 -5.59 6.54
C UNK B 349 -7.12 -5.39 7.75
N UNK B 350 -7.74 -5.45 8.93
CA UNK B 350 -7.00 -5.35 10.18
C UNK B 350 -6.03 -6.52 10.31
N UNK B 351 -6.46 -7.71 9.88
CA UNK B 351 -5.58 -8.88 9.86
C UNK B 351 -4.43 -8.63 8.89
N UNK B 352 -4.74 -7.99 7.76
CA UNK B 352 -3.71 -7.64 6.80
C UNK B 352 -2.65 -6.80 7.48
N UNK B 353 -3.11 -5.90 8.34
CA UNK B 353 -2.19 -5.10 9.13
C UNK B 353 -1.43 -5.98 10.13
N UNK B 354 -2.11 -6.95 10.73
CA UNK B 354 -1.51 -7.83 11.74
C UNK B 354 -0.37 -8.64 11.14
N UNK B 355 -0.46 -8.87 9.84
CA UNK B 355 0.58 -9.58 9.10
C UNK B 355 1.80 -8.70 8.82
N UNK B 356 1.55 -7.48 8.35
CA UNK B 356 2.61 -6.58 7.92
C UNK B 356 2.55 -5.22 8.60
N UNK B 357 3.73 -4.78 9.07
CA UNK B 357 3.96 -3.60 9.94
C UNK B 357 3.66 -3.94 11.39
N UNK B 358 2.96 -5.06 11.59
CA UNK B 358 2.79 -5.63 12.92
C UNK B 358 4.02 -6.51 13.08
N UNK B 359 4.60 -6.57 14.27
CA UNK B 359 5.73 -7.47 14.43
C UNK B 359 5.30 -8.93 14.48
N UNK B 360 5.76 -9.68 13.48
CA UNK B 360 5.59 -11.12 13.46
C UNK B 360 6.70 -11.70 14.30
N UNK B 361 7.66 -10.85 14.63
CA UNK B 361 8.79 -11.24 15.46
C UNK B 361 8.27 -11.76 16.79
N UNK B 362 8.97 -12.75 17.33
CA UNK B 362 8.61 -13.36 18.60
C UNK B 362 7.20 -13.94 18.56
N UNK B 363 6.73 -14.24 17.35
CA UNK B 363 5.47 -14.93 17.11
C UNK B 363 4.32 -14.34 17.94
N UNK B 364 4.20 -13.02 17.92
CA UNK B 364 3.04 -12.37 18.54
C UNK B 364 1.79 -12.89 17.85
N UNK B 365 0.70 -13.02 18.59
CA UNK B 365 -0.50 -13.59 18.00
C UNK B 365 -1.37 -12.52 17.33
N UNK B 366 -1.77 -12.79 16.10
CA UNK B 366 -2.63 -11.88 15.35
C UNK B 366 -4.04 -11.96 15.93
N UNK B 367 -4.58 -10.82 16.33
CA UNK B 367 -5.86 -10.76 17.04
C UNK B 367 -7.07 -11.11 16.18
N UNK B 368 -7.01 -10.77 14.90
CA UNK B 368 -8.14 -10.95 14.01
C UNK B 368 -8.37 -12.41 13.61
N UNK B 369 -7.49 -13.31 14.06
CA UNK B 369 -7.46 -14.69 13.57
C UNK B 369 -8.83 -15.38 13.61
N UNK B 370 -9.53 -15.27 14.73
CA UNK B 370 -10.82 -15.94 14.86
C UNK B 370 -11.74 -15.48 13.74
N UNK B 371 -11.68 -14.18 13.47
CA UNK B 371 -12.51 -13.57 12.45
C UNK B 371 -12.22 -14.18 11.10
N UNK B 372 -10.94 -14.32 10.74
CA UNK B 372 -10.57 -14.90 9.45
C UNK B 372 -11.09 -16.33 9.37
N UNK B 373 -10.99 -17.02 10.50
CA UNK B 373 -11.39 -18.42 10.58
C UNK B 373 -12.87 -18.57 10.23
N UNK B 374 -13.69 -17.71 10.80
CA UNK B 374 -15.12 -17.75 10.47
C UNK B 374 -15.36 -17.28 9.04
N UNK B 375 -14.66 -16.22 8.66
CA UNK B 375 -14.79 -15.58 7.36
C UNK B 375 -14.51 -16.51 6.19
N UNK B 376 -13.65 -17.50 6.41
CA UNK B 376 -13.23 -18.41 5.36
C UNK B 376 -14.41 -19.04 4.61
N UNK B 377 -15.51 -19.27 5.31
CA UNK B 377 -16.72 -19.83 4.72
C UNK B 377 -17.41 -18.88 3.73
N UNK B 378 -17.45 -17.60 4.09
CA UNK B 378 -18.21 -16.60 3.34
C UNK B 378 -17.72 -16.39 1.91
N UNK B 379 -18.66 -16.35 0.97
CA UNK B 379 -18.33 -16.30 -0.45
C UNK B 379 -17.72 -14.97 -0.87
N UNK B 380 -18.29 -13.88 -0.40
CA UNK B 380 -17.82 -12.57 -0.80
C UNK B 380 -16.37 -12.39 -0.34
N UNK B 381 -16.10 -12.86 0.86
CA UNK B 381 -14.79 -12.67 1.44
C UNK B 381 -13.88 -13.87 1.25
N UNK B 382 -14.33 -14.88 0.50
CA UNK B 382 -13.59 -16.14 0.44
C UNK B 382 -12.15 -16.00 -0.07
N UNK B 383 -12.00 -15.42 -1.26
CA UNK B 383 -10.69 -15.38 -1.91
C UNK B 383 -9.69 -14.58 -1.09
N UNK B 384 -10.09 -13.39 -0.67
CA UNK B 384 -9.22 -12.52 0.09
C UNK B 384 -8.83 -13.22 1.39
N UNK B 385 -9.82 -13.80 2.06
CA UNK B 385 -9.58 -14.47 3.32
C UNK B 385 -8.55 -15.58 3.15
N UNK B 386 -8.79 -16.45 2.18
CA UNK B 386 -7.91 -17.58 1.96
C UNK B 386 -6.50 -17.10 1.64
N UNK B 387 -6.40 -16.03 0.85
CA UNK B 387 -5.09 -15.49 0.45
C UNK B 387 -4.32 -14.92 1.65
N UNK B 388 -5.00 -14.11 2.45
CA UNK B 388 -4.36 -13.49 3.60
C UNK B 388 -3.96 -14.57 4.62
N UNK B 389 -4.88 -15.48 4.87
CA UNK B 389 -4.64 -16.58 5.80
C UNK B 389 -3.46 -17.41 5.32
N UNK B 390 -3.38 -17.56 4.00
CA UNK B 390 -2.27 -18.27 3.39
C UNK B 390 -0.99 -17.55 3.76
N UNK B 391 -1.01 -16.23 3.60
CA UNK B 391 0.18 -15.44 3.88
C UNK B 391 0.61 -15.63 5.33
N UNK B 392 -0.35 -15.67 6.23
CA UNK B 392 -0.05 -15.86 7.65
C UNK B 392 0.57 -17.23 7.88
N UNK B 393 0.02 -18.24 7.21
CA UNK B 393 0.52 -19.60 7.37
C UNK B 393 1.94 -19.71 6.83
N UNK B 394 2.23 -19.00 5.73
CA UNK B 394 3.54 -19.10 5.10
C UNK B 394 4.55 -18.16 5.75
N UNK B 395 4.08 -17.40 6.73
CA UNK B 395 4.96 -16.46 7.41
C UNK B 395 6.08 -17.26 8.06
N UNK B 396 5.66 -18.26 8.81
CA UNK B 396 6.55 -19.14 9.54
C UNK B 396 5.80 -20.42 9.84
N UNK B 397 6.49 -21.45 10.30
CA UNK B 397 5.77 -22.65 10.69
C UNK B 397 5.44 -22.55 12.17
N UNK B 398 5.92 -21.50 12.81
CA UNK B 398 5.61 -21.26 14.21
C UNK B 398 4.13 -20.94 14.32
N UNK B 399 3.68 -20.07 13.43
CA UNK B 399 2.28 -19.65 13.35
C UNK B 399 1.38 -20.78 12.89
N UNK B 400 1.91 -21.63 12.02
CA UNK B 400 1.16 -22.77 11.52
C UNK B 400 0.61 -23.60 12.68
N UNK B 401 1.38 -23.68 13.77
CA UNK B 401 0.94 -24.39 14.96
C UNK B 401 -0.27 -23.70 15.58
N UNK B 402 -0.27 -22.38 15.56
CA UNK B 402 -1.38 -21.60 16.08
C UNK B 402 -2.63 -21.82 15.24
N UNK B 403 -2.47 -21.73 13.92
CA UNK B 403 -3.60 -21.94 13.02
C UNK B 403 -4.15 -23.35 13.20
N UNK B 404 -3.25 -24.30 13.36
CA UNK B 404 -3.61 -25.69 13.60
C UNK B 404 -4.28 -25.83 14.96
N UNK B 405 -3.96 -24.91 15.87
CA UNK B 405 -4.56 -24.91 17.20
C UNK B 405 -5.96 -24.32 17.17
N UNK B 406 -6.23 -23.46 16.19
CA UNK B 406 -7.41 -22.59 16.20
C UNK B 406 -8.81 -23.25 16.18
N UNK B 407 -9.10 -24.22 15.31
CA UNK B 407 -8.19 -24.84 14.34
C UNK B 407 -8.77 -24.80 12.94
N UNK B 408 -7.91 -24.48 11.97
CA UNK B 408 -8.33 -24.32 10.60
C UNK B 408 -8.72 -25.63 9.91
N UNK B 409 -8.32 -26.76 10.51
CA UNK B 409 -8.34 -28.03 9.81
C UNK B 409 -9.72 -28.40 9.30
N UNK B 410 -10.74 -28.16 10.12
CA UNK B 410 -12.09 -28.51 9.75
C UNK B 410 -12.54 -27.64 8.59
N UNK B 411 -12.27 -26.35 8.70
CA UNK B 411 -12.69 -25.40 7.68
C UNK B 411 -11.99 -25.70 6.38
N UNK B 412 -10.68 -25.92 6.43
CA UNK B 412 -9.90 -26.18 5.21
C UNK B 412 -10.37 -27.46 4.52
N UNK B 413 -10.60 -28.50 5.32
CA UNK B 413 -11.05 -29.77 4.77
C UNK B 413 -12.41 -29.61 4.10
N UNK B 414 -13.32 -28.91 4.75
CA UNK B 414 -14.66 -28.73 4.18
C UNK B 414 -14.54 -27.93 2.89
N UNK B 415 -13.65 -26.93 2.92
CA UNK B 415 -13.39 -26.06 1.78
C UNK B 415 -12.88 -26.84 0.58
N UNK B 416 -12.20 -27.96 0.84
CA UNK B 416 -11.63 -28.78 -0.22
C UNK B 416 -12.65 -29.25 -1.28
N UNK B 417 -13.93 -29.28 -0.93
CA UNK B 417 -14.97 -29.75 -1.84
C UNK B 417 -15.29 -28.78 -2.98
N UNK B 418 -15.12 -27.47 -2.75
CA UNK B 418 -15.49 -26.46 -3.75
C UNK B 418 -14.61 -26.53 -4.99
N UNK B 419 -15.23 -26.34 -6.15
CA UNK B 419 -14.55 -26.48 -7.43
C UNK B 419 -14.01 -25.18 -8.02
N UNK B 420 -14.13 -24.07 -7.30
CA UNK B 420 -13.60 -22.80 -7.79
C UNK B 420 -12.09 -22.90 -8.06
N UNK B 421 -11.66 -22.38 -9.21
CA UNK B 421 -10.29 -22.59 -9.66
C UNK B 421 -9.30 -21.79 -8.80
N UNK B 422 -9.68 -20.58 -8.45
CA UNK B 422 -8.76 -19.71 -7.71
C UNK B 422 -8.70 -20.28 -6.30
N UNK B 423 -9.80 -20.91 -5.89
CA UNK B 423 -9.87 -21.43 -4.55
C UNK B 423 -8.98 -22.66 -4.56
N UNK B 424 -8.93 -23.34 -5.70
CA UNK B 424 -8.09 -24.52 -5.85
C UNK B 424 -6.63 -24.12 -5.67
N UNK B 425 -6.21 -23.07 -6.37
CA UNK B 425 -4.82 -22.64 -6.32
C UNK B 425 -4.41 -22.20 -4.93
N UNK B 426 -5.23 -21.36 -4.31
CA UNK B 426 -4.87 -20.84 -3.00
C UNK B 426 -4.88 -21.96 -1.96
N UNK B 427 -5.88 -22.83 -2.03
CA UNK B 427 -5.97 -23.94 -1.07
C UNK B 427 -4.75 -24.83 -1.22
N UNK B 428 -4.34 -25.04 -2.47
CA UNK B 428 -3.12 -25.81 -2.75
C UNK B 428 -1.96 -25.17 -2.01
N UNK B 429 -1.92 -23.84 -2.05
CA UNK B 429 -0.85 -23.12 -1.38
C UNK B 429 -0.89 -23.30 0.14
N UNK B 430 -2.07 -23.12 0.73
CA UNK B 430 -2.22 -23.17 2.18
C UNK B 430 -1.91 -24.57 2.70
N UNK B 431 -2.48 -25.57 2.04
CA UNK B 431 -2.31 -26.95 2.46
C UNK B 431 -0.87 -27.40 2.25
N UNK B 432 -0.18 -26.84 1.26
CA UNK B 432 1.20 -27.21 1.02
C UNK B 432 2.03 -26.93 2.27
N UNK B 433 1.82 -25.75 2.86
CA UNK B 433 2.50 -25.36 4.08
C UNK B 433 1.96 -26.11 5.28
N UNK B 434 0.65 -26.36 5.28
CA UNK B 434 0.01 -27.04 6.41
C UNK B 434 0.56 -28.45 6.60
N UNK B 435 0.65 -29.20 5.51
CA UNK B 435 1.11 -30.59 5.56
C UNK B 435 2.57 -30.72 5.98
N UNK B 436 3.38 -29.76 5.59
CA UNK B 436 4.80 -29.78 5.92
C UNK B 436 5.04 -29.83 7.42
N UNK B 437 4.16 -29.19 8.18
CA UNK B 437 4.32 -29.06 9.63
C UNK B 437 4.13 -30.36 10.40
N UNK B 438 2.97 -31.00 10.24
CA UNK B 438 2.63 -32.16 11.05
C UNK B 438 2.93 -33.45 10.31
N UNK B 439 2.30 -33.60 9.14
CA UNK B 439 2.37 -34.80 8.29
C UNK B 439 1.51 -35.91 8.87
N UNK B 440 1.04 -35.72 10.10
CA UNK B 440 0.11 -36.65 10.70
C UNK B 440 -1.20 -36.46 9.98
N UNK B 441 -1.36 -35.25 9.45
CA UNK B 441 -2.54 -34.85 8.69
C UNK B 441 -2.81 -35.79 7.52
N UNK B 442 -1.76 -36.40 7.01
CA UNK B 442 -1.85 -37.26 5.83
C UNK B 442 -3.01 -38.24 5.91
N UNK B 443 -3.19 -38.87 7.06
CA UNK B 443 -4.23 -39.89 7.21
C UNK B 443 -5.59 -39.22 7.02
N UNK B 444 -5.75 -38.06 7.64
CA UNK B 444 -6.99 -37.30 7.52
C UNK B 444 -7.23 -36.94 6.06
N UNK B 445 -6.16 -36.63 5.34
CA UNK B 445 -6.27 -36.25 3.94
C UNK B 445 -6.76 -37.43 3.12
N UNK B 446 -6.25 -38.62 3.42
CA UNK B 446 -6.65 -39.83 2.71
C UNK B 446 -8.09 -40.23 3.03
N UNK B 447 -8.53 -39.98 4.26
CA UNK B 447 -9.87 -40.43 4.68
C UNK B 447 -10.95 -39.73 3.86
N UNK B 448 -10.91 -38.41 3.84
CA UNK B 448 -11.70 -37.63 2.90
C UNK B 448 -10.99 -37.80 1.56
N UNK B 449 -11.64 -37.51 0.44
CA UNK B 449 -10.91 -37.76 -0.80
C UNK B 449 -10.10 -36.54 -1.16
N UNK B 450 -8.80 -36.64 -0.90
CA UNK B 450 -7.82 -35.63 -1.28
C UNK B 450 -7.37 -35.88 -2.70
N UNK B 451 -7.26 -37.16 -3.03
CA UNK B 451 -6.63 -37.62 -4.24
C UNK B 451 -7.17 -36.86 -5.44
N UNK B 452 -8.48 -36.61 -5.45
CA UNK B 452 -9.11 -35.86 -6.52
C UNK B 452 -8.57 -34.44 -6.60
N UNK B 453 -8.52 -33.77 -5.45
CA UNK B 453 -8.08 -32.39 -5.41
C UNK B 453 -6.64 -32.26 -5.85
N UNK B 454 -5.78 -33.11 -5.27
CA UNK B 454 -4.35 -33.02 -5.56
C UNK B 454 -4.07 -33.34 -7.03
N UNK B 455 -4.61 -34.46 -7.50
CA UNK B 455 -4.39 -34.89 -8.87
C UNK B 455 -4.93 -33.88 -9.88
N UNK B 456 -6.06 -33.25 -9.54
CA UNK B 456 -6.67 -32.26 -10.44
C UNK B 456 -5.73 -31.10 -10.71
N UNK B 457 -5.11 -30.57 -9.65
CA UNK B 457 -4.14 -29.51 -9.83
C UNK B 457 -2.93 -30.07 -10.56
N UNK B 458 -2.54 -31.27 -10.18
CA UNK B 458 -1.31 -31.87 -10.71
C UNK B 458 -1.50 -32.41 -12.13
N UNK B 459 -2.75 -32.56 -12.55
CA UNK B 459 -3.05 -33.20 -13.83
C UNK B 459 -2.30 -32.54 -14.98
N UNK B 460 -1.73 -33.37 -15.85
CA UNK B 460 -0.94 -32.87 -16.97
C UNK B 460 -1.83 -32.09 -17.92
N UNK B 461 -1.24 -31.10 -18.60
CA UNK B 461 -1.91 -30.30 -19.63
C UNK B 461 -3.02 -29.38 -19.13
N UNK B 462 -3.46 -29.57 -17.88
CA UNK B 462 -4.49 -28.72 -17.31
C UNK B 462 -3.84 -27.49 -16.70
N UNK B 463 -4.50 -26.34 -16.83
CA UNK B 463 -3.95 -25.10 -16.29
C UNK B 463 -4.91 -24.39 -15.34
N UNK B 464 -4.33 -23.74 -14.33
CA UNK B 464 -5.09 -23.01 -13.32
C UNK B 464 -4.86 -21.51 -13.44
N UNK B 465 -5.94 -20.74 -13.42
CA UNK B 465 -5.86 -19.28 -13.50
C UNK B 465 -5.02 -18.71 -12.35
N UNK B 466 -4.36 -17.58 -12.61
CA UNK B 466 -3.45 -16.98 -11.62
C UNK B 466 -4.18 -16.08 -10.62
N UNK B 467 -3.86 -16.28 -9.35
CA UNK B 467 -4.51 -15.59 -8.24
C UNK B 467 -3.67 -14.39 -7.79
N UNK B 468 -2.61 -14.12 -8.54
CA UNK B 468 -1.71 -12.99 -8.27
C UNK B 468 -1.08 -13.08 -6.88
N UNK B 469 -0.45 -14.22 -6.62
CA UNK B 469 0.31 -14.43 -5.39
C UNK B 469 1.79 -14.59 -5.74
N UNK B 470 2.62 -13.71 -5.20
CA UNK B 470 4.07 -13.79 -5.37
C UNK B 470 4.60 -15.17 -4.98
N UNK B 471 5.53 -15.69 -5.80
CA UNK B 471 6.22 -16.96 -5.52
C UNK B 471 5.33 -18.18 -5.72
N UNK B 472 4.05 -17.94 -5.97
CA UNK B 472 3.06 -19.00 -6.09
C UNK B 472 2.98 -19.56 -7.50
N UNK B 473 3.90 -19.17 -8.37
CA UNK B 473 3.96 -19.79 -9.69
C UNK B 473 4.62 -21.15 -9.56
N UNK B 474 5.26 -21.34 -8.41
CA UNK B 474 5.88 -22.59 -8.02
C UNK B 474 4.81 -23.64 -7.72
N UNK B 475 3.57 -23.19 -7.60
CA UNK B 475 2.45 -23.98 -7.08
C UNK B 475 2.35 -25.43 -7.56
N UNK B 476 2.43 -25.70 -8.85
CA UNK B 476 2.27 -27.08 -9.32
C UNK B 476 3.27 -28.03 -8.65
N UNK B 477 4.50 -27.55 -8.49
CA UNK B 477 5.54 -28.29 -7.79
C UNK B 477 5.11 -28.58 -6.37
N UNK B 478 4.58 -27.55 -5.72
CA UNK B 478 4.15 -27.65 -4.33
C UNK B 478 3.07 -28.72 -4.21
N UNK B 479 2.16 -28.76 -5.18
CA UNK B 479 1.16 -29.81 -5.21
C UNK B 479 1.85 -31.16 -5.30
N UNK B 480 2.90 -31.25 -6.13
CA UNK B 480 3.64 -32.51 -6.24
C UNK B 480 4.26 -32.88 -4.89
N UNK B 481 4.84 -31.91 -4.20
CA UNK B 481 5.46 -32.15 -2.90
C UNK B 481 4.41 -32.64 -1.91
N UNK B 482 3.23 -32.05 -1.99
CA UNK B 482 2.13 -32.41 -1.12
C UNK B 482 1.74 -33.86 -1.35
N UNK B 483 1.60 -34.23 -2.62
CA UNK B 483 1.21 -35.58 -2.98
C UNK B 483 2.26 -36.57 -2.48
N UNK B 484 3.53 -36.23 -2.69
CA UNK B 484 4.63 -37.07 -2.26
C UNK B 484 4.57 -37.27 -0.76
N UNK B 485 4.32 -36.18 -0.03
CA UNK B 485 4.22 -36.24 1.42
C UNK B 485 3.05 -37.14 1.81
N UNK B 486 1.98 -37.10 1.03
CA UNK B 486 0.82 -37.94 1.28
C UNK B 486 1.21 -39.40 1.12
N UNK B 487 2.11 -39.66 0.16
CA UNK B 487 2.58 -41.02 -0.11
C UNK B 487 3.45 -41.56 1.02
N UNK B 488 4.18 -40.67 1.71
CA UNK B 488 5.08 -41.06 2.79
C UNK B 488 4.34 -41.80 3.89
N UNK B 489 4.91 -42.91 4.35
CA UNK B 489 4.24 -43.87 5.23
C UNK B 489 2.95 -44.30 4.55
N UNK B 490 1.90 -44.51 5.35
CA UNK B 490 0.53 -44.66 4.84
C UNK B 490 0.47 -45.49 3.55
N UNK B 491 0.81 -46.77 3.63
CA UNK B 491 0.87 -47.61 2.44
C UNK B 491 -0.44 -47.52 1.66
N UNK B 492 -1.54 -47.38 2.40
CA UNK B 492 -2.86 -47.20 1.81
C UNK B 492 -2.85 -46.05 0.81
N UNK B 493 -2.15 -44.99 1.18
CA UNK B 493 -2.04 -43.82 0.31
C UNK B 493 -1.31 -44.20 -0.97
N UNK B 494 -0.19 -44.90 -0.82
CA UNK B 494 0.60 -45.32 -1.97
C UNK B 494 -0.26 -46.15 -2.92
N UNK B 495 -1.12 -46.99 -2.34
CA UNK B 495 -2.02 -47.83 -3.11
C UNK B 495 -3.03 -46.96 -3.86
N UNK B 496 -3.60 -45.99 -3.16
CA UNK B 496 -4.61 -45.12 -3.75
C UNK B 496 -4.04 -44.36 -4.93
N UNK B 497 -2.86 -43.77 -4.72
CA UNK B 497 -2.21 -42.97 -5.73
C UNK B 497 -1.88 -43.84 -6.93
N UNK B 498 -1.36 -45.05 -6.69
CA UNK B 498 -1.06 -45.99 -7.76
C UNK B 498 -2.32 -46.25 -8.60
N UNK B 499 -3.47 -46.28 -7.93
CA UNK B 499 -4.76 -46.41 -8.61
C UNK B 499 -5.06 -45.16 -9.42
N UNK B 500 -4.64 -44.01 -8.89
CA UNK B 500 -4.83 -42.73 -9.57
C UNK B 500 -3.87 -42.56 -10.74
N UNK B 501 -4.03 -41.46 -11.46
CA UNK B 501 -3.19 -41.15 -12.61
C UNK B 501 -1.96 -40.32 -12.24
N UNK B 502 -1.75 -40.13 -10.95
CA UNK B 502 -0.69 -39.24 -10.45
C UNK B 502 0.73 -39.58 -10.93
N UNK B 503 1.07 -40.87 -10.91
CA UNK B 503 2.43 -41.30 -11.25
C UNK B 503 2.80 -40.98 -12.69
N UNK B 504 1.90 -41.29 -13.62
CA UNK B 504 2.14 -41.00 -15.02
C UNK B 504 2.33 -39.50 -15.22
N UNK B 505 1.52 -38.73 -14.50
CA UNK B 505 1.56 -37.28 -14.60
C UNK B 505 2.91 -36.74 -14.15
N UNK B 506 3.42 -37.27 -13.05
CA UNK B 506 4.70 -36.82 -12.53
C UNK B 506 5.79 -36.97 -13.60
N UNK B 507 5.79 -38.13 -14.26
CA UNK B 507 6.76 -38.40 -15.32
C UNK B 507 6.66 -37.38 -16.44
N UNK B 508 5.43 -37.06 -16.82
CA UNK B 508 5.19 -36.09 -17.88
C UNK B 508 5.77 -34.74 -17.49
N UNK B 509 5.59 -34.38 -16.22
CA UNK B 509 6.17 -33.15 -15.71
C UNK B 509 7.71 -33.22 -15.81
N UNK B 510 8.26 -34.41 -15.55
CA UNK B 510 9.71 -34.60 -15.60
C UNK B 510 10.26 -34.40 -17.01
N UNK B 511 9.52 -34.85 -18.01
CA UNK B 511 10.03 -34.84 -19.38
C UNK B 511 10.22 -33.43 -19.95
N UNK B 512 9.29 -32.54 -19.67
CA UNK B 512 9.31 -31.22 -20.29
C UNK B 512 9.97 -30.15 -19.41
N UNK B 513 10.98 -29.50 -19.98
CA UNK B 513 11.67 -28.39 -19.34
C UNK B 513 10.85 -27.11 -19.53
N UNK B 514 11.03 -26.10 -18.67
CA UNK B 514 11.91 -26.17 -17.51
C UNK B 514 11.25 -25.59 -16.27
N UNK B 515 10.99 -26.43 -15.28
CA UNK B 515 10.61 -25.96 -13.96
C UNK B 515 11.47 -26.70 -12.92
N UNK B 516 12.28 -25.96 -12.17
CA UNK B 516 13.25 -26.61 -11.30
C UNK B 516 12.63 -27.28 -10.09
N UNK B 517 11.72 -26.58 -9.42
CA UNK B 517 11.06 -27.13 -8.24
C UNK B 517 10.24 -28.34 -8.66
N UNK B 518 9.53 -28.18 -9.77
CA UNK B 518 8.65 -29.24 -10.29
C UNK B 518 9.45 -30.49 -10.56
N UNK B 519 10.68 -30.33 -11.03
CA UNK B 519 11.49 -31.49 -11.37
C UNK B 519 11.77 -32.30 -10.10
N UNK B 520 12.29 -31.62 -9.08
CA UNK B 520 12.69 -32.30 -7.85
C UNK B 520 11.47 -32.91 -7.16
N UNK B 521 10.39 -32.14 -7.11
CA UNK B 521 9.20 -32.57 -6.40
C UNK B 521 8.52 -33.74 -7.12
N UNK B 522 8.50 -33.70 -8.45
CA UNK B 522 7.92 -34.79 -9.23
C UNK B 522 8.74 -36.07 -9.08
N UNK B 523 10.06 -35.94 -9.20
CA UNK B 523 10.95 -37.09 -9.08
C UNK B 523 10.80 -37.71 -7.70
N UNK B 524 10.75 -36.87 -6.68
CA UNK B 524 10.57 -37.34 -5.32
C UNK B 524 9.19 -38.00 -5.14
N UNK B 525 8.16 -37.44 -5.75
CA UNK B 525 6.81 -38.00 -5.67
C UNK B 525 6.83 -39.41 -6.23
N UNK B 526 7.53 -39.57 -7.35
CA UNK B 526 7.72 -40.89 -7.93
C UNK B 526 8.51 -41.76 -6.97
N UNK B 527 9.47 -41.15 -6.27
CA UNK B 527 10.35 -41.89 -5.37
C UNK B 527 9.54 -42.53 -4.25
N UNK B 528 8.65 -41.75 -3.64
CA UNK B 528 7.83 -42.25 -2.57
C UNK B 528 6.71 -43.16 -3.09
N UNK B 529 6.23 -42.90 -4.31
CA UNK B 529 5.16 -43.70 -4.88
C UNK B 529 5.62 -45.13 -5.15
N UNK B 530 6.85 -45.29 -5.66
CA UNK B 530 7.33 -46.59 -6.12
C UNK B 530 8.08 -47.36 -5.06
N UNK B 531 8.14 -46.80 -3.84
CA UNK B 531 9.02 -47.35 -2.80
C UNK B 531 8.74 -48.79 -2.39
N UNK B 532 7.63 -48.98 -1.66
CA UNK B 532 7.31 -50.30 -1.11
C UNK B 532 6.25 -51.06 -1.89
N UNK B 533 5.76 -50.47 -2.98
CA UNK B 533 4.66 -51.07 -3.74
C UNK B 533 5.13 -51.78 -5.00
N UNK B 534 4.98 -53.11 -5.01
CA UNK B 534 5.46 -53.93 -6.10
C UNK B 534 4.66 -53.61 -7.36
N UNK B 535 3.35 -53.49 -7.20
CA UNK B 535 2.47 -53.20 -8.33
C UNK B 535 2.85 -51.86 -8.94
N UNK B 536 3.26 -50.93 -8.09
CA UNK B 536 3.71 -49.63 -8.54
C UNK B 536 4.93 -49.76 -9.43
N UNK B 537 5.93 -50.49 -8.94
CA UNK B 537 7.16 -50.69 -9.68
C UNK B 537 6.89 -51.37 -11.03
N UNK B 538 5.95 -52.31 -11.03
CA UNK B 538 5.55 -52.99 -12.25
C UNK B 538 4.93 -51.99 -13.22
N UNK B 539 4.12 -51.09 -12.68
CA UNK B 539 3.49 -50.06 -13.50
C UNK B 539 4.57 -49.19 -14.12
N UNK B 540 5.61 -48.90 -13.34
CA UNK B 540 6.72 -48.09 -13.83
C UNK B 540 7.42 -48.80 -14.97
N UNK B 541 7.64 -50.10 -14.79
CA UNK B 541 8.28 -50.92 -15.80
C UNK B 541 7.45 -50.90 -17.08
N UNK B 542 6.13 -50.87 -16.93
CA UNK B 542 5.24 -50.78 -18.06
C UNK B 542 5.39 -49.41 -18.73
N UNK B 543 5.53 -48.39 -17.91
CA UNK B 543 5.80 -47.05 -18.39
C UNK B 543 7.23 -46.94 -18.89
N UNK B 544 8.08 -47.84 -18.42
CA UNK B 544 9.50 -47.86 -18.78
C UNK B 544 10.13 -46.54 -18.34
N UNK B 545 9.59 -45.98 -17.26
CA UNK B 545 9.99 -44.68 -16.76
C UNK B 545 11.43 -44.69 -16.26
N UNK B 546 11.91 -45.88 -15.92
CA UNK B 546 13.30 -46.05 -15.48
C UNK B 546 14.22 -45.40 -16.50
N UNK B 547 13.86 -45.54 -17.79
CA UNK B 547 14.60 -44.91 -18.86
C UNK B 547 14.54 -43.38 -18.74
N UNK B 548 13.36 -42.87 -18.39
CA UNK B 548 13.16 -41.43 -18.32
C UNK B 548 14.01 -40.81 -17.21
N UNK B 549 14.09 -41.51 -16.09
CA UNK B 549 14.93 -41.04 -14.98
C UNK B 549 16.39 -40.99 -15.42
N UNK B 550 16.77 -41.99 -16.21
CA UNK B 550 18.13 -42.07 -16.74
C UNK B 550 18.42 -40.87 -17.63
N UNK B 551 17.45 -40.49 -18.45
CA UNK B 551 17.62 -39.30 -19.27
C UNK B 551 17.75 -38.08 -18.36
N UNK B 552 17.08 -38.13 -17.21
CA UNK B 552 17.12 -37.03 -16.26
C UNK B 552 18.44 -36.99 -15.50
N UNK B 553 19.25 -38.04 -15.62
CA UNK B 553 20.50 -38.13 -14.86
C UNK B 553 21.48 -36.96 -15.07
N UNK B 554 21.43 -36.33 -16.25
CA UNK B 554 22.35 -35.24 -16.58
C UNK B 554 21.76 -33.85 -16.32
N UNK B 555 20.58 -33.80 -15.69
CA UNK B 555 19.82 -32.56 -15.51
C UNK B 555 20.59 -31.44 -14.81
N UNK B 556 20.30 -30.21 -15.22
CA UNK B 556 21.03 -29.02 -14.77
C UNK B 556 20.95 -28.74 -13.27
N UNK B 557 19.78 -28.90 -12.67
CA UNK B 557 19.65 -28.61 -11.25
C UNK B 557 20.25 -29.72 -10.43
N UNK B 558 21.22 -29.38 -9.59
CA UNK B 558 21.91 -30.38 -8.79
C UNK B 558 20.90 -31.08 -7.89
N UNK B 559 19.94 -30.30 -7.38
CA UNK B 559 18.88 -30.85 -6.57
C UNK B 559 18.10 -31.90 -7.35
N UNK B 560 17.79 -31.59 -8.61
CA UNK B 560 17.04 -32.50 -9.47
C UNK B 560 17.77 -33.83 -9.58
N UNK B 561 19.07 -33.76 -9.81
CA UNK B 561 19.90 -34.96 -9.93
C UNK B 561 19.77 -35.79 -8.65
N UNK B 562 19.76 -35.10 -7.52
CA UNK B 562 19.61 -35.77 -6.25
C UNK B 562 18.28 -36.51 -6.24
N UNK B 563 17.25 -35.84 -6.71
CA UNK B 563 15.92 -36.42 -6.73
C UNK B 563 15.85 -37.67 -7.61
N UNK B 564 16.48 -37.63 -8.78
CA UNK B 564 16.54 -38.80 -9.65
C UNK B 564 17.27 -39.93 -8.92
N UNK B 565 18.32 -39.57 -8.19
CA UNK B 565 19.10 -40.57 -7.47
C UNK B 565 18.24 -41.26 -6.42
N UNK B 566 17.51 -40.48 -5.63
CA UNK B 566 16.63 -41.05 -4.61
C UNK B 566 15.51 -41.85 -5.26
N UNK B 567 15.06 -41.37 -6.41
CA UNK B 567 13.98 -42.01 -7.14
C UNK B 567 14.37 -43.42 -7.54
N UNK B 568 15.49 -43.54 -8.24
CA UNK B 568 15.99 -44.84 -8.67
C UNK B 568 16.35 -45.68 -7.45
N UNK B 569 16.81 -45.03 -6.39
CA UNK B 569 17.14 -45.73 -5.16
C UNK B 569 15.89 -46.42 -4.61
N UNK B 570 14.77 -45.72 -4.68
CA UNK B 570 13.49 -46.27 -4.25
C UNK B 570 13.07 -47.39 -5.19
N UNK B 571 13.30 -47.16 -6.49
CA UNK B 571 12.81 -48.02 -7.56
C UNK B 571 13.26 -49.47 -7.44
N UNK B 572 14.44 -49.73 -6.87
CA UNK B 572 14.86 -51.11 -6.76
C UNK B 572 13.90 -51.74 -5.76
N UNK B 573 13.27 -52.84 -6.17
CA UNK B 573 12.32 -53.51 -5.28
C UNK B 573 12.37 -55.04 -5.28
N UNK B 574 11.94 -55.62 -6.38
CA UNK B 574 11.23 -56.90 -6.35
C UNK B 574 12.08 -58.09 -5.97
N UNK B 575 11.50 -58.97 -5.16
CA UNK B 575 12.16 -60.18 -4.70
C UNK B 575 12.39 -61.20 -5.81
N UNK B 576 11.38 -61.35 -6.68
CA UNK B 576 11.49 -62.32 -7.76
C UNK B 576 12.59 -61.92 -8.72
N UNK B 577 13.43 -62.87 -9.11
CA UNK B 577 14.52 -62.49 -9.99
C UNK B 577 14.33 -62.98 -11.42
N UNK B 578 13.90 -62.06 -12.27
CA UNK B 578 13.85 -62.29 -13.70
C UNK B 578 15.24 -61.98 -14.22
N UNK B 579 15.67 -62.66 -15.27
CA UNK B 579 16.94 -62.30 -15.87
C UNK B 579 16.75 -60.87 -16.38
N UNK B 580 15.56 -60.61 -16.91
CA UNK B 580 15.14 -59.28 -17.35
C UNK B 580 15.17 -58.27 -16.21
N UNK B 581 14.78 -58.70 -15.01
CA UNK B 581 14.77 -57.82 -13.85
C UNK B 581 16.17 -57.35 -13.51
N UNK B 582 17.09 -58.31 -13.35
CA UNK B 582 18.47 -58.00 -13.03
C UNK B 582 19.05 -57.12 -14.13
N UNK B 583 18.66 -57.41 -15.37
CA UNK B 583 19.08 -56.62 -16.51
C UNK B 583 18.63 -55.19 -16.33
N UNK B 584 17.40 -55.00 -15.86
CA UNK B 584 16.82 -53.68 -15.68
C UNK B 584 17.55 -52.90 -14.57
N UNK B 585 17.81 -53.58 -13.46
CA UNK B 585 18.46 -52.93 -12.33
C UNK B 585 19.87 -52.53 -12.73
N UNK B 586 20.56 -53.43 -13.42
CA UNK B 586 21.90 -53.17 -13.92
C UNK B 586 21.88 -52.00 -14.91
N UNK B 587 20.86 -51.98 -15.76
CA UNK B 587 20.68 -50.92 -16.75
C UNK B 587 20.59 -49.58 -16.03
N UNK B 588 19.91 -49.58 -14.89
CA UNK B 588 19.87 -48.40 -14.06
C UNK B 588 21.29 -48.10 -13.60
N UNK B 589 21.96 -49.15 -13.15
CA UNK B 589 23.28 -49.03 -12.53
C UNK B 589 24.30 -48.35 -13.44
N UNK B 590 24.28 -48.66 -14.74
CA UNK B 590 25.23 -48.09 -15.68
C UNK B 590 25.01 -46.57 -15.90
N UNK B 591 23.77 -46.24 -16.24
CA UNK B 591 23.40 -44.87 -16.52
C UNK B 591 23.72 -44.03 -15.30
N UNK B 592 23.44 -44.59 -14.12
CA UNK B 592 23.77 -43.92 -12.88
C UNK B 592 25.28 -43.79 -12.70
N UNK B 593 26.02 -44.82 -13.12
CA UNK B 593 27.47 -44.84 -12.97
C UNK B 593 28.09 -43.67 -13.72
N UNK B 594 27.49 -43.32 -14.86
CA UNK B 594 27.97 -42.17 -15.62
C UNK B 594 27.97 -40.89 -14.77
N UNK B 595 26.90 -40.74 -13.98
CA UNK B 595 26.69 -39.54 -13.17
C UNK B 595 27.72 -39.38 -12.04
N UNK B 596 28.48 -40.43 -11.77
CA UNK B 596 29.34 -40.51 -10.58
C UNK B 596 30.30 -39.33 -10.38
N UNK B 597 30.72 -38.69 -11.47
CA UNK B 597 31.74 -37.64 -11.40
C UNK B 597 31.18 -36.25 -11.08
N UNK B 598 29.88 -36.17 -10.82
CA UNK B 598 29.23 -34.89 -10.53
C UNK B 598 29.76 -34.30 -9.23
N UNK B 599 29.90 -32.99 -9.17
CA UNK B 599 30.57 -32.37 -8.05
C UNK B 599 29.67 -32.23 -6.84
N UNK B 600 28.36 -32.15 -7.07
CA UNK B 600 27.44 -31.82 -5.98
C UNK B 600 27.54 -32.87 -4.88
N UNK B 601 27.87 -32.40 -3.68
CA UNK B 601 28.09 -33.28 -2.56
C UNK B 601 26.82 -34.09 -2.30
N UNK B 602 25.68 -33.44 -2.47
CA UNK B 602 24.39 -34.09 -2.33
C UNK B 602 24.28 -35.17 -3.39
N UNK B 603 24.64 -34.81 -4.62
CA UNK B 603 24.50 -35.72 -5.74
C UNK B 603 25.40 -36.93 -5.53
N UNK B 604 26.64 -36.68 -5.12
CA UNK B 604 27.60 -37.75 -4.91
C UNK B 604 27.18 -38.65 -3.77
N UNK B 605 26.68 -38.05 -2.69
CA UNK B 605 26.24 -38.81 -1.52
C UNK B 605 25.07 -39.72 -1.89
N UNK B 606 24.07 -39.16 -2.57
CA UNK B 606 22.89 -39.92 -2.95
C UNK B 606 23.29 -41.05 -3.92
N UNK B 607 24.18 -40.76 -4.85
CA UNK B 607 24.67 -41.78 -5.77
C UNK B 607 25.31 -42.90 -4.97
N UNK B 608 26.05 -42.51 -3.94
CA UNK B 608 26.70 -43.48 -3.08
C UNK B 608 25.68 -44.35 -2.36
N UNK B 609 24.55 -43.75 -1.96
CA UNK B 609 23.49 -44.49 -1.29
C UNK B 609 22.85 -45.52 -2.22
N UNK B 610 22.53 -45.07 -3.44
CA UNK B 610 21.93 -45.96 -4.43
C UNK B 610 22.87 -47.14 -4.66
N UNK B 611 24.16 -46.82 -4.73
CA UNK B 611 25.17 -47.86 -4.85
C UNK B 611 25.12 -48.78 -3.63
N UNK B 612 24.92 -48.22 -2.45
CA UNK B 612 24.87 -48.99 -1.21
C UNK B 612 23.76 -50.03 -1.27
N UNK B 613 22.57 -49.58 -1.61
CA UNK B 613 21.42 -50.47 -1.71
C UNK B 613 21.68 -51.50 -2.80
N UNK B 614 22.29 -51.07 -3.90
CA UNK B 614 22.54 -51.97 -5.03
C UNK B 614 23.44 -53.12 -4.62
N UNK B 615 24.55 -52.80 -3.95
CA UNK B 615 25.50 -53.81 -3.49
C UNK B 615 24.86 -54.70 -2.43
N UNK B 616 24.08 -54.10 -1.55
CA UNK B 616 23.40 -54.86 -0.51
C UNK B 616 22.44 -55.86 -1.15
N UNK B 617 21.84 -55.48 -2.28
CA UNK B 617 20.94 -56.39 -2.96
C UNK B 617 21.76 -57.48 -3.65
N UNK B 618 22.74 -57.07 -4.45
CA UNK B 618 23.58 -58.07 -5.08
C UNK B 618 24.96 -58.05 -4.43
N UNK B 619 25.21 -59.02 -3.55
CA UNK B 619 26.46 -59.05 -2.81
C UNK B 619 27.57 -59.68 -3.64
N UNK B 620 27.17 -60.69 -4.41
CA UNK B 620 28.12 -61.52 -5.16
C UNK B 620 28.93 -60.75 -6.18
N UNK B 621 28.27 -60.00 -7.04
CA UNK B 621 28.95 -59.29 -8.11
C UNK B 621 29.95 -58.31 -7.53
N UNK B 622 29.54 -57.61 -6.48
CA UNK B 622 30.40 -56.65 -5.82
C UNK B 622 31.61 -57.33 -5.17
N UNK B 623 31.37 -58.46 -4.50
CA UNK B 623 32.45 -59.17 -3.83
C UNK B 623 33.50 -59.64 -4.83
N UNK B 624 33.03 -60.28 -5.90
CA UNK B 624 33.89 -60.77 -6.95
C UNK B 624 34.67 -59.61 -7.56
N UNK B 625 33.98 -58.48 -7.71
CA UNK B 625 34.58 -57.29 -8.27
C UNK B 625 35.73 -56.82 -7.40
N UNK B 626 35.53 -56.84 -6.09
CA UNK B 626 36.55 -56.43 -5.14
C UNK B 626 37.74 -57.37 -5.21
N UNK B 627 37.45 -58.66 -5.36
CA UNK B 627 38.51 -59.65 -5.49
C UNK B 627 39.35 -59.35 -6.72
N UNK B 628 38.66 -59.03 -7.83
CA UNK B 628 39.34 -58.70 -9.08
C UNK B 628 40.20 -57.44 -8.93
N UNK B 629 39.69 -56.47 -8.17
CA UNK B 629 40.42 -55.23 -7.93
C UNK B 629 41.70 -55.54 -7.16
N UNK B 630 41.58 -56.45 -6.20
CA UNK B 630 42.73 -56.90 -5.42
C UNK B 630 43.73 -57.59 -6.35
N UNK B 631 43.20 -58.33 -7.31
CA UNK B 631 44.03 -59.01 -8.31
C UNK B 631 44.77 -57.99 -9.17
N UNK B 632 44.13 -56.85 -9.41
CA UNK B 632 44.74 -55.80 -10.21
C UNK B 632 45.91 -55.19 -9.47
N UNK B 633 45.98 -55.43 -8.17
CA UNK B 633 47.10 -54.95 -7.36
C UNK B 633 48.24 -55.95 -7.38
N UNK B 634 32.28 -56.87 -14.59
CA UNK B 634 32.81 -55.67 -15.21
C UNK B 634 32.09 -54.43 -14.68
N UNK B 635 30.77 -54.39 -14.88
CA UNK B 635 29.99 -53.26 -14.41
C UNK B 635 30.11 -53.18 -12.89
N UNK B 636 30.03 -54.34 -12.25
CA UNK B 636 30.20 -54.40 -10.80
C UNK B 636 31.63 -53.97 -10.47
N UNK B 637 32.56 -54.40 -11.30
CA UNK B 637 33.96 -54.05 -11.14
C UNK B 637 34.17 -52.56 -11.27
N UNK B 638 33.60 -51.98 -12.32
CA UNK B 638 33.70 -50.55 -12.54
C UNK B 638 33.12 -49.78 -11.37
N UNK B 639 31.98 -50.24 -10.89
CA UNK B 639 31.32 -49.61 -9.75
C UNK B 639 32.22 -49.63 -8.54
N UNK B 640 32.88 -50.75 -8.30
CA UNK B 640 33.80 -50.86 -7.18
C UNK B 640 34.98 -49.91 -7.33
N UNK B 641 35.57 -49.90 -8.53
CA UNK B 641 36.72 -49.04 -8.80
C UNK B 641 36.38 -47.59 -8.55
N UNK B 642 35.22 -47.17 -9.02
CA UNK B 642 34.78 -45.80 -8.82
C UNK B 642 34.58 -45.59 -7.34
N UNK B 643 34.01 -46.58 -6.68
CA UNK B 643 33.68 -46.49 -5.25
C UNK B 643 34.93 -46.21 -4.44
N UNK B 644 36.03 -46.87 -4.80
CA UNK B 644 37.30 -46.66 -4.13
C UNK B 644 37.74 -45.21 -4.32
N UNK B 645 37.63 -44.74 -5.57
CA UNK B 645 37.96 -43.37 -5.90
C UNK B 645 37.16 -42.39 -5.05
N UNK B 646 35.90 -42.75 -4.80
CA UNK B 646 35.04 -41.95 -3.94
C UNK B 646 35.54 -41.99 -2.51
N UNK B 647 36.04 -43.15 -2.07
CA UNK B 647 36.61 -43.29 -0.74
C UNK B 647 37.78 -42.33 -0.59
N UNK B 648 38.51 -42.14 -1.67
CA UNK B 648 39.61 -41.19 -1.67
C UNK B 648 39.14 -39.74 -1.80
N UNK B 649 38.05 -39.53 -2.55
CA UNK B 649 37.54 -38.19 -2.83
C UNK B 649 37.19 -37.45 -1.54
N UNK B 650 37.63 -36.20 -1.42
CA UNK B 650 37.55 -35.52 -0.13
C UNK B 650 36.40 -34.55 0.01
N UNK B 651 35.38 -34.98 0.73
CA UNK B 651 34.40 -34.15 1.41
C UNK B 651 34.04 -34.98 2.63
N UNK B 652 33.98 -34.38 3.81
CA UNK B 652 33.88 -35.15 5.05
C UNK B 652 32.79 -36.22 5.00
N UNK B 653 31.60 -35.85 4.53
CA UNK B 653 30.49 -36.78 4.44
C UNK B 653 30.76 -37.85 3.39
N UNK B 654 31.27 -37.43 2.23
CA UNK B 654 31.55 -38.35 1.13
C UNK B 654 32.58 -39.38 1.58
N UNK B 655 33.68 -38.87 2.14
CA UNK B 655 34.77 -39.71 2.61
C UNK B 655 34.29 -40.70 3.67
N UNK B 656 33.53 -40.22 4.65
CA UNK B 656 33.07 -41.08 5.72
C UNK B 656 32.14 -42.19 5.20
N UNK B 657 31.14 -41.81 4.40
CA UNK B 657 30.19 -42.79 3.88
C UNK B 657 30.90 -43.82 3.02
N UNK B 658 31.77 -43.34 2.12
CA UNK B 658 32.47 -44.22 1.21
C UNK B 658 33.40 -45.17 1.95
N UNK B 659 34.10 -44.65 2.95
CA UNK B 659 34.99 -45.46 3.77
C UNK B 659 34.19 -46.53 4.48
N UNK B 660 33.00 -46.18 4.94
CA UNK B 660 32.13 -47.15 5.60
C UNK B 660 31.78 -48.25 4.63
N UNK B 661 31.46 -47.88 3.40
CA UNK B 661 31.07 -48.88 2.40
C UNK B 661 32.22 -49.82 2.05
N UNK B 662 33.39 -49.25 1.76
CA UNK B 662 34.56 -50.04 1.38
C UNK B 662 34.97 -50.96 2.52
N UNK B 663 34.98 -50.43 3.74
CA UNK B 663 35.29 -51.24 4.91
C UNK B 663 34.31 -52.41 5.04
N UNK B 664 33.03 -52.14 4.78
CA UNK B 664 32.01 -53.19 4.82
C UNK B 664 32.34 -54.28 3.82
N UNK B 665 32.59 -53.88 2.58
CA UNK B 665 32.85 -54.84 1.52
C UNK B 665 34.12 -55.64 1.81
N UNK B 666 35.11 -54.98 2.40
CA UNK B 666 36.35 -55.64 2.79
C UNK B 666 36.11 -56.71 3.85
N UNK B 667 35.39 -56.33 4.91
CA UNK B 667 35.05 -57.28 5.97
C UNK B 667 34.31 -58.48 5.39
N UNK B 668 33.39 -58.21 4.47
CA UNK B 668 32.64 -59.27 3.82
C UNK B 668 33.57 -60.19 3.05
N UNK B 669 34.54 -59.59 2.35
CA UNK B 669 35.50 -60.34 1.56
C UNK B 669 36.31 -61.27 2.45
N UNK B 670 36.70 -60.76 3.62
CA UNK B 670 37.43 -61.56 4.60
C UNK B 670 36.58 -62.71 5.11
N UNK B 671 35.30 -62.44 5.38
CA UNK B 671 34.39 -63.47 5.88
C UNK B 671 34.10 -64.58 4.86
N UNK B 672 34.16 -64.24 3.58
CA UNK B 672 33.87 -65.19 2.51
C UNK B 672 34.85 -66.36 2.44
N UNK B 673 34.40 -67.45 1.81
CA UNK B 673 35.14 -68.70 1.71
C UNK B 673 36.51 -68.51 1.02
N UNK B 674 36.65 -67.37 0.37
CA UNK B 674 37.86 -67.01 -0.38
C UNK B 674 38.89 -66.37 0.54
N UNK B 675 38.65 -66.49 1.86
CA UNK B 675 39.46 -65.87 2.90
C UNK B 675 40.94 -66.26 2.86
N UNK B 676 41.29 -67.28 2.09
CA UNK B 676 42.69 -67.63 1.89
C UNK B 676 43.44 -66.42 1.33
N UNK B 677 42.72 -65.61 0.55
CA UNK B 677 43.27 -64.42 -0.09
C UNK B 677 43.51 -63.31 0.93
N UNK B 678 43.02 -63.47 2.16
CA UNK B 678 43.37 -62.56 3.24
C UNK B 678 44.85 -62.73 3.54
N UNK B 679 45.36 -63.95 3.40
CA UNK B 679 46.79 -64.16 3.49
C UNK B 679 47.42 -63.34 2.37
N UNK B 680 46.83 -63.43 1.17
CA UNK B 680 47.28 -62.63 0.04
C UNK B 680 47.11 -61.16 0.35
N UNK B 681 46.05 -60.83 1.10
CA UNK B 681 45.83 -59.45 1.51
C UNK B 681 47.01 -59.02 2.35
N UNK B 682 47.44 -59.89 3.26
CA UNK B 682 48.63 -59.62 4.04
C UNK B 682 49.79 -59.45 3.07
N UNK B 683 49.90 -60.38 2.12
CA UNK B 683 50.92 -60.30 1.07
C UNK B 683 50.71 -59.01 0.29
N UNK B 684 49.45 -58.67 0.04
CA UNK B 684 49.12 -57.41 -0.64
C UNK B 684 49.62 -56.24 0.20
N UNK B 685 49.37 -56.31 1.51
CA UNK B 685 49.84 -55.29 2.44
C UNK B 685 51.37 -55.18 2.41
N UNK B 686 52.02 -56.27 2.03
CA UNK B 686 53.47 -56.28 1.85
C UNK B 686 53.85 -56.31 0.37
N UNK B 687 29.74 -52.14 10.66
CA UNK B 687 29.41 -51.41 9.43
C UNK B 687 28.00 -51.76 8.96
N UNK B 688 27.05 -50.87 9.22
CA UNK B 688 25.68 -51.07 8.77
C UNK B 688 25.54 -50.64 7.32
N UNK B 689 25.09 -51.57 6.48
CA UNK B 689 25.14 -51.37 5.04
C UNK B 689 24.10 -50.36 4.58
N UNK B 690 22.88 -50.52 5.05
CA UNK B 690 21.82 -49.57 4.74
C UNK B 690 22.17 -48.17 5.28
N UNK B 691 22.16 -47.19 4.40
CA UNK B 691 22.52 -45.82 4.75
C UNK B 691 21.29 -44.91 4.72
N UNK B 692 21.17 -44.02 5.70
CA UNK B 692 20.00 -43.15 5.79
C UNK B 692 20.07 -42.09 4.70
N UNK B 693 18.98 -41.93 3.96
CA UNK B 693 18.98 -41.06 2.79
C UNK B 693 18.97 -39.60 3.22
N UNK B 694 17.88 -39.21 3.89
CA UNK B 694 17.76 -37.88 4.48
C UNK B 694 17.86 -36.78 3.43
N UNK B 695 17.60 -37.14 2.18
CA UNK B 695 17.50 -36.14 1.12
C UNK B 695 16.07 -35.62 1.23
N UNK B 696 15.18 -36.51 1.63
CA UNK B 696 13.76 -36.20 1.81
C UNK B 696 13.54 -35.10 2.83
N UNK B 697 14.20 -35.19 3.98
CA UNK B 697 14.04 -34.18 5.01
C UNK B 697 14.55 -32.84 4.49
N UNK B 698 15.72 -32.90 3.82
CA UNK B 698 16.39 -31.69 3.36
C UNK B 698 15.54 -30.99 2.30
N UNK B 699 14.87 -31.76 1.46
CA UNK B 699 13.97 -31.18 0.48
C UNK B 699 12.74 -30.62 1.18
N UNK B 700 12.19 -31.38 2.11
CA UNK B 700 10.97 -31.00 2.81
C UNK B 700 11.13 -29.67 3.54
N UNK B 701 12.34 -29.38 3.99
CA UNK B 701 12.59 -28.14 4.72
C UNK B 701 12.18 -26.92 3.89
N UNK B 702 12.39 -27.00 2.57
CA UNK B 702 12.14 -25.87 1.68
C UNK B 702 10.72 -25.36 1.79
N UNK B 703 9.76 -26.28 1.83
CA UNK B 703 8.36 -25.90 1.95
C UNK B 703 8.04 -25.46 3.37
N UNK B 704 8.80 -25.97 4.34
CA UNK B 704 8.59 -25.58 5.73
C UNK B 704 9.15 -24.19 6.01
N UNK B 705 10.21 -23.82 5.32
CA UNK B 705 10.77 -22.47 5.43
C UNK B 705 9.90 -21.48 4.66
N UNK B 706 10.01 -20.19 4.97
CA UNK B 706 9.23 -19.19 4.26
C UNK B 706 9.69 -19.09 2.81
N UNK B 707 8.77 -19.26 1.88
CA UNK B 707 9.10 -19.26 0.46
C UNK B 707 8.90 -17.89 -0.16
N UNK B 708 8.22 -17.01 0.56
CA UNK B 708 7.84 -15.70 0.05
C UNK B 708 9.05 -14.89 -0.40
N UNK B 709 40.80 6.63 -15.26
CA UNK B 709 39.67 6.55 -14.34
C UNK B 709 40.08 5.93 -13.00
N UNK B 710 40.45 6.78 -12.04
CA UNK B 710 40.56 8.22 -12.24
C UNK B 710 41.86 8.58 -12.96
N UNK B 711 41.88 9.76 -13.57
CA UNK B 711 43.10 10.27 -14.22
C UNK B 711 44.24 10.37 -13.21
N UNK B 712 43.89 10.27 -11.93
CA UNK B 712 44.87 10.19 -10.85
C UNK B 712 45.75 8.94 -10.97
N UNK B 713 45.32 8.01 -11.82
CA UNK B 713 46.16 6.87 -12.16
C UNK B 713 47.47 7.38 -12.75
N UNK B 714 47.38 8.45 -13.52
CA UNK B 714 48.56 9.07 -14.11
C UNK B 714 49.47 9.62 -13.02
N UNK B 715 48.88 10.07 -11.90
CA UNK B 715 49.68 10.54 -10.78
C UNK B 715 50.48 9.39 -10.19
N UNK B 716 50.00 8.17 -10.39
CA UNK B 716 50.71 6.99 -9.92
C UNK B 716 51.98 6.76 -10.73
N UNK B 717 52.14 7.50 -11.83
CA UNK B 717 53.39 7.45 -12.57
C UNK B 717 54.47 8.21 -11.81
N UNK B 718 54.04 9.19 -11.02
CA UNK B 718 54.95 9.98 -10.22
C UNK B 718 55.41 9.19 -9.00
N UNK B 719 54.44 8.83 -8.16
CA UNK B 719 54.68 8.14 -6.90
C UNK B 719 55.54 6.87 -7.00
N UNK B 720 56.56 6.79 -6.14
CA UNK B 720 57.39 5.60 -5.95
C UNK B 720 56.69 4.51 -5.15
N UNK B 721 57.24 3.30 -5.19
CA UNK B 721 56.66 2.14 -4.50
C UNK B 721 57.02 2.09 -3.01
N UNK B 722 57.70 3.14 -2.53
CA UNK B 722 58.32 3.19 -1.21
C UNK B 722 57.51 2.71 0.01
N UNK B 723 56.46 3.45 0.37
CA UNK B 723 55.89 3.40 1.74
C UNK B 723 55.47 2.01 2.23
N UNK B 724 55.55 1.82 3.55
CA UNK B 724 55.18 0.56 4.19
C UNK B 724 53.83 0.66 4.87
N UNK B 725 52.85 -0.09 4.39
CA UNK B 725 51.49 -0.03 4.92
C UNK B 725 51.36 -0.72 6.28
N UNK B 726 51.82 -1.95 6.36
CA UNK B 726 51.74 -2.73 7.60
C UNK B 726 52.63 -3.97 7.54
N UNK B 727 52.56 -4.78 8.59
CA UNK B 727 53.29 -6.04 8.66
C UNK B 727 52.41 -7.12 9.29
N UNK B 728 52.81 -8.38 9.14
CA UNK B 728 52.04 -9.50 9.67
C UNK B 728 52.92 -10.71 9.92
N UNK B 729 52.45 -11.60 10.80
CA UNK B 729 53.21 -12.80 11.15
C UNK B 729 52.44 -14.06 10.76
N UNK B 730 52.97 -14.79 9.79
CA UNK B 730 52.35 -16.03 9.33
C UNK B 730 53.15 -17.24 9.81
N UNK B 731 52.46 -18.35 10.06
CA UNK B 731 53.08 -19.57 10.57
C UNK B 731 54.24 -20.03 9.68
N UNK B 732 54.04 -19.97 8.36
CA UNK B 732 55.08 -20.37 7.44
C UNK B 732 55.06 -19.47 6.20
N UNK B 733 56.13 -19.53 5.42
CA UNK B 733 56.24 -18.73 4.20
C UNK B 733 55.05 -18.98 3.30
N UNK B 734 54.39 -17.90 2.88
CA UNK B 734 53.16 -18.02 2.12
C UNK B 734 53.39 -18.57 0.71
N UNK B 735 52.68 -19.63 0.38
CA UNK B 735 52.78 -20.23 -0.95
C UNK B 735 51.99 -19.39 -1.96
N UNK B 736 50.87 -18.85 -1.50
CA UNK B 736 50.09 -17.92 -2.29
C UNK B 736 49.21 -17.06 -1.37
N UNK B 737 48.75 -15.92 -1.89
CA UNK B 737 47.94 -15.00 -1.10
C UNK B 737 47.03 -14.15 -2.00
N UNK B 738 45.95 -13.63 -1.43
CA UNK B 738 45.05 -12.74 -2.17
C UNK B 738 44.30 -11.79 -1.24
N UNK B 739 43.79 -10.69 -1.79
CA UNK B 739 43.11 -9.68 -1.00
C UNK B 739 41.68 -9.47 -1.48
N UNK B 740 40.83 -8.92 -0.62
CA UNK B 740 39.42 -8.73 -0.94
C UNK B 740 39.21 -7.60 -1.94
N UNK B 741 38.09 -7.64 -2.64
CA UNK B 741 37.79 -6.68 -3.70
C UNK B 741 37.07 -5.44 -3.18
N UNK B 742 36.63 -5.49 -1.93
CA UNK B 742 35.93 -4.36 -1.32
C UNK B 742 36.51 -4.03 0.04
N UNK B 743 36.34 -4.94 1.00
CA UNK B 743 36.85 -4.75 2.34
C UNK B 743 38.37 -4.91 2.36
N UNK B 744 39.01 -4.35 3.37
CA UNK B 744 40.46 -4.48 3.46
C UNK B 744 40.75 -5.72 4.27
N UNK B 745 41.28 -6.74 3.59
CA UNK B 745 41.56 -8.03 4.20
C UNK B 745 42.56 -8.78 3.34
N UNK B 746 43.21 -9.77 3.92
CA UNK B 746 44.15 -10.58 3.16
C UNK B 746 44.15 -12.01 3.67
N UNK B 747 44.30 -12.95 2.73
CA UNK B 747 44.33 -14.37 3.05
C UNK B 747 45.55 -15.02 2.41
N UNK B 748 46.26 -15.82 3.18
CA UNK B 748 47.47 -16.47 2.69
C UNK B 748 47.55 -17.92 3.10
N UNK B 749 48.26 -18.70 2.28
CA UNK B 749 48.39 -20.12 2.50
C UNK B 749 49.86 -20.54 2.51
N UNK B 750 50.20 -21.46 3.38
CA UNK B 750 51.59 -21.87 3.56
C UNK B 750 51.89 -23.21 2.92
N UNK B 751 53.11 -23.70 3.10
CA UNK B 751 53.48 -25.04 2.70
C UNK B 751 52.61 -26.02 3.45
N UNK B 752 52.42 -27.20 2.87
CA UNK B 752 51.44 -28.18 3.37
C UNK B 752 50.10 -27.47 3.50
N UNK B 753 49.37 -27.73 4.58
CA UNK B 753 48.11 -27.04 4.76
C UNK B 753 48.16 -26.10 5.95
N UNK B 754 48.27 -24.81 5.65
CA UNK B 754 48.03 -23.74 6.60
C UNK B 754 47.35 -22.60 5.87
N UNK B 755 46.16 -22.20 6.30
CA UNK B 755 45.45 -21.14 5.62
C UNK B 755 44.90 -20.12 6.62
N UNK B 756 45.34 -18.87 6.51
CA UNK B 756 44.92 -17.85 7.48
C UNK B 756 44.47 -16.56 6.80
N UNK B 757 43.65 -15.78 7.50
CA UNK B 757 43.14 -14.52 6.97
C UNK B 757 43.00 -13.44 8.05
N UNK B 758 43.40 -12.22 7.72
CA UNK B 758 43.30 -11.11 8.67
C UNK B 758 43.12 -9.78 7.93
N UNK B 759 42.49 -8.82 8.59
CA UNK B 759 42.15 -7.55 7.95
C UNK B 759 43.39 -6.72 7.65
N UNK B 760 43.40 -6.10 6.46
CA UNK B 760 44.51 -5.27 6.04
C UNK B 760 44.53 -3.94 6.80
N UNK B 761 43.37 -3.57 7.35
CA UNK B 761 43.25 -2.35 8.13
C UNK B 761 43.90 -2.51 9.50
N UNK B 762 43.53 -3.59 10.19
CA UNK B 762 44.10 -3.92 11.48
C UNK B 762 44.12 -5.43 11.63
N UNK B 763 45.02 -5.97 12.45
CA UNK B 763 45.16 -7.42 12.50
C UNK B 763 44.26 -8.01 13.59
N UNK B 764 43.19 -8.65 13.15
CA UNK B 764 42.31 -9.41 14.04
C UNK B 764 42.63 -10.90 14.04
N UNK B 765 43.49 -11.33 13.12
CA UNK B 765 43.72 -12.75 12.87
C UNK B 765 42.39 -13.48 12.68
N UNK B 766 41.61 -12.99 11.72
CA UNK B 766 40.19 -13.33 11.58
C UNK B 766 39.86 -14.82 11.68
N UNK B 767 40.55 -15.65 10.91
CA UNK B 767 40.27 -17.08 10.93
C UNK B 767 41.47 -17.93 10.55
N UNK B 768 41.52 -19.15 11.06
CA UNK B 768 42.58 -20.10 10.71
C UNK B 768 41.96 -21.41 10.21
N UNK B 769 42.45 -21.91 9.07
CA UNK B 769 41.86 -23.10 8.46
C UNK B 769 42.88 -23.95 7.70
N UNK B 770 42.51 -25.20 7.41
CA UNK B 770 43.32 -26.09 6.59
C UNK B 770 42.64 -26.33 5.24
N UNK B 771 43.44 -26.30 4.17
CA UNK B 771 42.90 -26.30 2.82
C UNK B 771 42.58 -27.71 2.36
N UNK B 772 42.75 -28.66 3.28
CA UNK B 772 42.46 -30.08 3.08
C UNK B 772 43.55 -30.77 2.25
N UNK B 773 44.52 -30.00 1.80
CA UNK B 773 45.65 -30.54 1.04
C UNK B 773 46.30 -31.67 1.82
N UNK B 774 46.44 -32.82 1.17
CA UNK B 774 47.04 -33.99 1.80
C UNK B 774 48.53 -33.76 2.03
N UNK B 775 49.13 -34.59 2.89
CA UNK B 775 50.56 -34.52 3.15
C UNK B 775 51.33 -34.53 1.82
N UNK B 776 52.37 -33.71 1.77
CA UNK B 776 53.23 -33.52 0.61
C UNK B 776 52.55 -32.69 -0.49
N UNK B 777 51.29 -32.34 -0.29
CA UNK B 777 50.59 -31.46 -1.22
C UNK B 777 50.50 -30.05 -0.65
N UNK B 778 50.59 -29.04 -1.51
CA UNK B 778 50.56 -27.64 -1.07
C UNK B 778 49.46 -26.86 -1.79
N UNK B 779 49.07 -25.72 -1.23
CA UNK B 779 48.01 -24.90 -1.81
C UNK B 779 48.48 -24.23 -3.10
N UNK B 780 47.74 -24.46 -4.19
CA UNK B 780 48.12 -23.96 -5.51
C UNK B 780 47.81 -22.48 -5.66
N UNK B 781 46.62 -22.09 -5.23
CA UNK B 781 46.15 -20.71 -5.35
C UNK B 781 44.83 -20.54 -4.63
N UNK B 782 44.48 -19.30 -4.34
CA UNK B 782 43.27 -19.00 -3.59
C UNK B 782 42.53 -17.85 -4.26
N UNK B 783 41.21 -17.95 -4.34
CA UNK B 783 40.42 -16.90 -4.94
C UNK B 783 39.20 -16.58 -4.07
N UNK B 784 39.11 -15.35 -3.58
CA UNK B 784 37.94 -14.93 -2.83
C UNK B 784 36.76 -14.81 -3.81
N UNK B 785 35.68 -15.54 -3.53
CA UNK B 785 34.63 -15.77 -4.51
C UNK B 785 33.31 -15.09 -4.17
N UNK B 786 32.58 -14.73 -5.23
CA UNK B 786 31.28 -14.06 -5.15
C UNK B 786 31.36 -12.82 -4.26
N UNK B 787 32.51 -12.15 -4.31
CA UNK B 787 32.79 -11.01 -3.44
C UNK B 787 31.76 -9.88 -3.58
N UNK B 788 31.22 -9.73 -4.78
CA UNK B 788 30.26 -8.65 -5.06
C UNK B 788 29.00 -8.80 -4.21
N UNK B 789 28.73 -10.01 -3.74
CA UNK B 789 27.56 -10.27 -2.93
C UNK B 789 27.95 -10.84 -1.56
N UNK B 790 28.35 -12.11 -1.55
CA UNK B 790 28.72 -12.80 -0.31
C UNK B 790 30.09 -13.48 -0.44
N UNK B 791 30.91 -13.30 0.58
CA UNK B 791 32.27 -13.84 0.58
C UNK B 791 32.29 -15.35 0.44
N UNK B 792 33.29 -15.86 -0.26
CA UNK B 792 33.54 -17.29 -0.31
C UNK B 792 35.03 -17.51 -0.45
N UNK B 793 35.51 -18.70 -0.08
CA UNK B 793 36.93 -18.99 -0.25
C UNK B 793 37.13 -20.13 -1.23
N UNK B 794 37.70 -19.83 -2.39
CA UNK B 794 38.03 -20.89 -3.34
C UNK B 794 39.47 -21.33 -3.13
N UNK B 795 39.63 -22.56 -2.65
CA UNK B 795 40.95 -23.13 -2.38
C UNK B 795 41.29 -24.14 -3.47
N UNK B 796 42.44 -23.92 -4.11
CA UNK B 796 42.88 -24.79 -5.19
C UNK B 796 44.04 -25.66 -4.75
N UNK B 797 43.78 -26.96 -4.61
CA UNK B 797 44.80 -27.92 -4.24
C UNK B 797 45.65 -28.31 -5.45
N UNK B 798 46.88 -28.75 -5.20
CA UNK B 798 47.74 -29.27 -6.25
C UNK B 798 47.27 -30.67 -6.63
N UNK B 799 46.36 -31.20 -5.82
CA UNK B 799 45.71 -32.47 -6.09
C UNK B 799 44.46 -32.21 -6.91
N UNK B 800 44.30 -30.95 -7.34
CA UNK B 800 43.24 -30.49 -8.22
C UNK B 800 41.92 -30.32 -7.50
N UNK B 801 41.89 -30.64 -6.21
CA UNK B 801 40.69 -30.38 -5.42
C UNK B 801 40.39 -28.89 -5.39
N UNK B 802 39.19 -28.52 -5.83
CA UNK B 802 38.72 -27.16 -5.74
C UNK B 802 37.67 -27.09 -4.65
N UNK B 803 37.98 -26.43 -3.54
CA UNK B 803 37.07 -26.41 -2.41
C UNK B 803 36.51 -25.02 -2.16
N UNK B 804 35.33 -24.96 -1.59
CA UNK B 804 34.73 -23.69 -1.22
C UNK B 804 34.52 -23.63 0.30
N UNK B 805 35.07 -22.61 0.94
CA UNK B 805 34.90 -22.43 2.37
C UNK B 805 33.91 -21.28 2.61
N UNK B 806 33.01 -21.51 3.56
CA UNK B 806 31.81 -20.69 3.75
C UNK B 806 31.97 -19.39 4.54
N UNK B 807 32.73 -19.44 5.64
CA UNK B 807 32.86 -18.25 6.48
C UNK B 807 34.31 -17.95 6.85
N UNK B 808 34.81 -16.80 6.41
CA UNK B 808 36.12 -16.33 6.80
C UNK B 808 35.99 -15.35 7.96
N UNK B 809 34.76 -15.10 8.38
CA UNK B 809 34.49 -14.07 9.37
C UNK B 809 34.96 -14.48 10.75
N UNK B 810 34.30 -15.48 11.32
CA UNK B 810 34.67 -15.99 12.63
C UNK B 810 35.21 -17.41 12.50
N UNK B 811 36.21 -17.74 13.31
CA UNK B 811 36.82 -19.06 13.28
C UNK B 811 35.78 -20.13 13.63
N UNK B 812 34.84 -19.75 14.48
CA UNK B 812 33.79 -20.68 14.90
C UNK B 812 32.76 -20.88 13.78
N UNK B 813 32.62 -19.87 12.93
CA UNK B 813 31.61 -19.89 11.88
C UNK B 813 32.13 -20.50 10.59
N UNK B 814 33.44 -20.73 10.50
CA UNK B 814 34.05 -21.29 9.30
C UNK B 814 33.45 -22.64 8.96
N UNK B 815 33.19 -22.88 7.68
CA UNK B 815 32.62 -24.14 7.23
C UNK B 815 32.99 -24.47 5.79
N UNK B 816 32.91 -25.75 5.43
CA UNK B 816 33.26 -26.21 4.09
C UNK B 816 32.03 -26.27 3.20
N UNK B 817 31.97 -25.41 2.20
CA UNK B 817 30.79 -25.30 1.34
C UNK B 817 30.66 -26.47 0.37
N UNK B 818 31.72 -26.74 -0.38
CA UNK B 818 31.68 -27.82 -1.37
C UNK B 818 33.06 -28.29 -1.75
N UNK B 819 33.13 -29.47 -2.37
CA UNK B 819 34.39 -30.04 -2.80
C UNK B 819 34.22 -30.81 -4.11
N UNK B 820 35.22 -30.73 -4.97
CA UNK B 820 35.18 -31.37 -6.27
C UNK B 820 36.60 -31.75 -6.71
N UNK B 821 36.72 -32.86 -7.42
CA UNK B 821 38.01 -33.21 -8.00
C UNK B 821 38.03 -32.71 -9.44
N UNK B 822 38.96 -31.81 -9.74
CA UNK B 822 39.03 -31.21 -11.07
C UNK B 822 39.73 -32.12 -12.08
N UNK B 823 40.74 -32.86 -11.63
CA UNK B 823 41.47 -33.72 -12.54
C UNK B 823 41.23 -35.20 -12.25
N UNK B 824 40.89 -35.94 -13.29
CA UNK B 824 40.79 -37.39 -13.19
C UNK B 824 41.96 -38.01 -13.91
N UNK B 825 42.89 -38.60 -13.16
CA UNK B 825 44.09 -39.17 -13.75
C UNK B 825 44.47 -40.49 -13.09
N UNK B 826 45.37 -41.23 -13.72
CA UNK B 826 45.85 -42.50 -13.19
C UNK B 826 47.16 -42.33 -12.44
N UNK B 827 47.66 -28.38 -10.08
CA UNK B 827 46.55 -27.77 -10.78
C UNK B 827 46.56 -26.25 -10.65
N UNK B 828 45.81 -25.59 -11.52
CA UNK B 828 45.64 -24.13 -11.46
C UNK B 828 44.18 -23.76 -11.63
N UNK B 829 43.67 -22.97 -10.70
CA UNK B 829 42.26 -22.57 -10.72
C UNK B 829 42.11 -21.12 -11.11
N UNK B 830 41.64 -20.89 -12.33
CA UNK B 830 41.31 -19.56 -12.80
C UNK B 830 39.81 -19.38 -12.71
N UNK B 831 39.39 -18.38 -11.94
CA UNK B 831 37.98 -18.25 -11.61
C UNK B 831 37.33 -17.11 -12.36
N UNK B 832 36.04 -17.28 -12.64
CA UNK B 832 35.24 -16.20 -13.17
C UNK B 832 33.89 -16.21 -12.46
N UNK B 833 33.56 -15.10 -11.81
CA UNK B 833 32.24 -14.97 -11.21
C UNK B 833 31.25 -14.62 -12.29
N UNK B 834 31.78 -14.13 -13.42
CA UNK B 834 30.94 -13.72 -14.55
C UNK B 834 30.06 -14.85 -15.02
N UNK B 835 30.68 -15.87 -15.61
CA UNK B 835 29.94 -16.98 -16.20
C UNK B 835 29.46 -17.95 -15.13
N UNK B 836 29.85 -17.70 -13.89
CA UNK B 836 29.68 -18.68 -12.81
C UNK B 836 30.35 -19.98 -13.23
N UNK B 837 31.51 -19.84 -13.88
CA UNK B 837 32.28 -20.96 -14.36
C UNK B 837 33.66 -20.97 -13.71
N UNK B 838 34.22 -22.15 -13.47
CA UNK B 838 35.56 -22.26 -12.88
C UNK B 838 36.47 -23.08 -13.78
N UNK B 839 37.56 -22.48 -14.25
CA UNK B 839 38.46 -23.15 -15.18
C UNK B 839 39.65 -23.77 -14.44
N UNK B 840 39.80 -25.08 -14.57
CA UNK B 840 40.89 -25.79 -13.93
C UNK B 840 41.85 -26.32 -14.97
N UNK B 841 43.14 -26.25 -14.67
CA UNK B 841 44.16 -26.69 -15.64
C UNK B 841 45.24 -27.53 -14.97
N UNK B 842 45.84 -28.43 -15.75
CA UNK B 842 46.85 -29.34 -15.22
C UNK B 842 47.68 -29.99 -16.33
N UNK B 843 48.50 -30.97 -15.93
CA UNK B 843 49.34 -31.72 -16.85
C UNK B 843 48.54 -32.73 -17.66
N UNK B 844 47.25 -32.87 -17.35
CA UNK B 844 46.38 -33.85 -17.98
C UNK B 844 46.18 -33.59 -19.47
N UNK B 845 46.74 -32.48 -19.94
CA UNK B 845 46.70 -32.08 -21.35
C UNK B 845 45.29 -31.73 -21.81
N UNK B 846 44.48 -31.25 -20.87
CA UNK B 846 43.18 -30.71 -21.21
C UNK B 846 42.83 -29.58 -20.24
N UNK B 847 42.24 -28.52 -20.76
CA UNK B 847 41.75 -27.44 -19.90
C UNK B 847 40.25 -27.63 -19.71
N UNK B 848 39.84 -27.82 -18.47
CA UNK B 848 38.44 -28.14 -18.16
C UNK B 848 37.70 -26.94 -17.58
N UNK B 849 36.56 -26.62 -18.17
CA UNK B 849 35.71 -25.55 -17.65
C UNK B 849 34.53 -26.17 -16.93
N UNK B 850 34.54 -26.06 -15.60
CA UNK B 850 33.49 -26.67 -14.79
C UNK B 850 32.52 -25.59 -14.32
N UNK B 851 31.29 -25.66 -14.81
CA UNK B 851 30.30 -24.65 -14.48
C UNK B 851 29.84 -24.85 -13.05
N UNK B 852 30.04 -23.84 -12.22
CA UNK B 852 29.77 -23.97 -10.80
C UNK B 852 28.29 -24.17 -10.57
N UNK B 853 27.48 -23.62 -11.47
CA UNK B 853 26.04 -23.69 -11.34
C UNK B 853 25.58 -25.14 -11.23
N UNK B 854 25.73 -25.87 -12.33
CA UNK B 854 25.27 -27.25 -12.38
C UNK B 854 26.29 -28.22 -11.80
N UNK B 855 27.52 -27.73 -11.61
CA UNK B 855 28.63 -28.57 -11.16
C UNK B 855 28.81 -29.77 -12.08
N UNK B 856 28.45 -29.59 -13.35
CA UNK B 856 28.44 -30.68 -14.32
C UNK B 856 29.66 -30.75 -15.26
N UNK B 857 30.58 -29.79 -15.13
CA UNK B 857 31.76 -29.74 -15.99
C UNK B 857 31.40 -29.66 -17.48
N UNK B 858 30.61 -28.66 -17.83
CA UNK B 858 30.04 -28.54 -19.18
C UNK B 858 31.10 -28.58 -20.28
N UNK B 859 31.84 -27.49 -20.43
CA UNK B 859 32.79 -27.39 -21.51
C UNK B 859 34.10 -28.10 -21.15
N UNK B 860 34.58 -28.94 -22.06
CA UNK B 860 35.85 -29.62 -21.89
C UNK B 860 36.72 -29.42 -23.13
N UNK B 861 37.85 -28.72 -22.97
CA UNK B 861 38.70 -28.39 -24.10
C UNK B 861 40.08 -29.02 -23.98
N UNK B 862 40.75 -29.19 -25.13
CA UNK B 862 42.07 -29.81 -25.15
C UNK B 862 43.13 -28.82 -25.60
N UNK B 863 44.37 -29.06 -25.20
CA UNK B 863 45.47 -28.18 -25.56
C UNK B 863 46.40 -28.84 -26.57
N UNK B 864 46.91 -28.04 -27.52
CA UNK B 864 47.79 -28.55 -28.56
C UNK B 864 49.11 -29.05 -27.98
N UNK B 865 49.75 -28.20 -27.19
CA UNK B 865 51.02 -28.56 -26.56
C UNK B 865 50.80 -29.64 -25.51
N UNK B 866 51.54 -30.73 -25.64
CA UNK B 866 51.45 -31.82 -24.67
C UNK B 866 52.16 -31.43 -23.38
N UNK B 867 53.10 -30.49 -23.49
CA UNK B 867 53.79 -29.97 -22.31
C UNK B 867 52.79 -29.36 -21.35
N UNK B 868 53.06 -29.50 -20.06
CA UNK B 868 52.12 -29.10 -19.01
C UNK B 868 51.71 -27.64 -19.10
N UNK B 869 50.44 -27.36 -18.81
CA UNK B 869 49.96 -26.00 -18.76
C UNK B 869 50.63 -25.26 -17.61
N UNK B 870 51.24 -24.12 -17.90
CA UNK B 870 52.02 -23.40 -16.90
C UNK B 870 51.11 -22.63 -15.94
N UNK B 871 50.05 -22.06 -16.49
CA UNK B 871 49.15 -21.19 -15.74
C UNK B 871 47.97 -20.79 -16.61
N UNK B 872 47.01 -20.11 -16.01
CA UNK B 872 45.82 -19.69 -16.74
C UNK B 872 45.30 -18.34 -16.23
N UNK B 873 44.67 -17.60 -17.14
CA UNK B 873 44.03 -16.33 -16.81
C UNK B 873 42.96 -16.05 -17.85
N UNK B 874 42.00 -15.20 -17.53
CA UNK B 874 40.94 -14.90 -18.49
C UNK B 874 40.39 -13.50 -18.32
N UNK B 875 39.89 -12.93 -19.41
CA UNK B 875 39.20 -11.65 -19.33
C UNK B 875 37.79 -11.91 -18.84
N UNK B 876 37.46 -11.33 -17.70
CA UNK B 876 36.21 -11.63 -17.04
C UNK B 876 35.02 -11.07 -17.82
N UNK B 877 35.24 -9.94 -18.50
CA UNK B 877 34.17 -9.30 -19.24
C UNK B 877 33.72 -10.15 -20.42
N UNK B 878 34.68 -10.82 -21.06
CA UNK B 878 34.39 -11.61 -22.26
C UNK B 878 33.70 -12.93 -21.91
N UNK B 879 34.41 -13.76 -21.14
CA UNK B 879 33.96 -15.07 -20.68
C UNK B 879 33.94 -16.09 -21.81
N UNK B 880 34.17 -15.63 -23.03
CA UNK B 880 34.33 -16.54 -24.15
C UNK B 880 35.82 -16.78 -24.42
N UNK B 881 36.68 -16.15 -23.64
CA UNK B 881 38.12 -16.21 -23.89
C UNK B 881 38.97 -16.41 -22.64
N UNK B 882 39.76 -17.47 -22.64
CA UNK B 882 40.69 -17.75 -21.54
C UNK B 882 42.10 -18.02 -22.07
N UNK B 883 43.03 -17.11 -21.77
CA UNK B 883 44.43 -17.26 -22.14
C UNK B 883 45.12 -18.24 -21.20
N UNK B 884 45.94 -19.11 -21.75
CA UNK B 884 46.66 -20.08 -20.92
C UNK B 884 48.08 -20.33 -21.41
N UNK B 885 48.99 -20.41 -20.44
CA UNK B 885 50.40 -20.68 -20.70
C UNK B 885 50.65 -22.16 -20.95
N UNK B 886 51.91 -22.54 -21.07
CA UNK B 886 52.30 -23.94 -21.19
C UNK B 886 53.75 -24.14 -20.74
N UNK B 887 54.12 -25.39 -20.49
CA UNK B 887 55.50 -25.74 -20.12
C UNK B 887 56.45 -25.51 -21.30
N UNK B 888 55.91 -25.69 -22.51
CA UNK B 888 56.66 -25.49 -23.74
C UNK B 888 56.91 -23.99 -23.96
N UNK B 889 56.30 -23.19 -23.08
CA UNK B 889 56.42 -21.72 -23.03
C UNK B 889 55.45 -21.02 -23.98
N UNK B 890 54.70 -21.79 -24.75
CA UNK B 890 53.74 -21.21 -25.67
C UNK B 890 52.57 -20.58 -24.92
N UNK B 891 52.07 -19.47 -25.43
CA UNK B 891 50.90 -18.82 -24.89
C UNK B 891 49.74 -19.03 -25.84
N UNK B 892 48.78 -19.85 -25.44
CA UNK B 892 47.65 -20.14 -26.31
C UNK B 892 46.32 -19.58 -25.78
N UNK B 893 45.57 -18.94 -26.67
CA UNK B 893 44.30 -18.34 -26.29
C UNK B 893 43.19 -19.36 -26.56
N UNK B 894 42.29 -19.53 -25.59
CA UNK B 894 41.18 -20.47 -25.74
C UNK B 894 39.82 -19.79 -25.90
N UNK B 895 39.13 -20.06 -27.00
CA UNK B 895 37.79 -19.52 -27.19
C UNK B 895 36.78 -20.43 -26.51
N UNK B 896 36.09 -19.92 -25.50
CA UNK B 896 35.20 -20.75 -24.67
C UNK B 896 33.92 -21.14 -25.40
N UNK B 897 33.58 -20.37 -26.43
CA UNK B 897 32.35 -20.63 -27.17
C UNK B 897 32.64 -21.43 -28.43
N UNK B 898 33.90 -21.78 -28.63
CA UNK B 898 34.33 -22.46 -29.84
C UNK B 898 34.38 -23.98 -29.65
N UNK B 899 33.99 -24.70 -30.69
CA UNK B 899 34.04 -26.15 -30.72
C UNK B 899 35.44 -26.65 -30.37
N UNK B 900 35.48 -27.67 -29.51
CA UNK B 900 36.72 -28.21 -28.97
C UNK B 900 37.81 -28.45 -30.02
N UNK B 901 37.42 -28.90 -31.21
CA UNK B 901 38.39 -29.15 -32.28
C UNK B 901 39.08 -27.85 -32.69
N UNK B 902 38.29 -26.81 -32.91
CA UNK B 902 38.80 -25.53 -33.37
C UNK B 902 39.09 -24.57 -32.22
N UNK B 903 39.00 -25.09 -31.00
CA UNK B 903 39.18 -24.29 -29.78
C UNK B 903 40.41 -23.39 -29.75
N UNK B 904 41.53 -23.84 -30.33
CA UNK B 904 42.76 -23.05 -30.28
C UNK B 904 42.62 -21.79 -31.13
N UNK B 905 42.84 -20.64 -30.50
CA UNK B 905 42.71 -19.38 -31.22
C UNK B 905 44.04 -18.92 -31.78
N UNK B 906 45.01 -18.70 -30.90
CA UNK B 906 46.32 -18.24 -31.31
C UNK B 906 47.38 -18.72 -30.33
N UNK B 907 48.59 -18.94 -30.84
CA UNK B 907 49.71 -19.38 -30.02
C UNK B 907 50.92 -18.47 -30.23
N UNK B 908 51.64 -18.18 -29.15
CA UNK B 908 52.85 -17.38 -29.25
C UNK B 908 54.01 -18.17 -28.65
N UNK B 909 55.12 -18.27 -29.37
CA UNK B 909 56.27 -19.04 -28.91
C UNK B 909 57.49 -18.17 -28.58
N UNK B 910 57.98 -18.31 -27.35
CA UNK B 910 59.18 -17.60 -26.93
C UNK B 910 60.38 -18.36 -27.47
N UNK B 911 61.35 -17.62 -28.01
CA UNK B 911 62.52 -18.25 -28.61
C UNK B 911 63.31 -19.02 -27.54
N UNK B 912 64.00 -20.06 -28.00
CA UNK B 912 64.79 -20.95 -27.14
C UNK B 912 63.92 -21.85 -26.26
N UNK B 913 62.61 -21.67 -26.37
CA UNK B 913 61.63 -22.42 -25.58
C UNK B 913 61.87 -22.25 -24.09
N UNK B 914 61.94 -20.99 -23.66
CA UNK B 914 62.13 -20.67 -22.26
C UNK B 914 60.77 -20.66 -21.57
N UNK B 915 60.61 -21.59 -20.62
CA UNK B 915 59.35 -21.79 -19.89
C UNK B 915 58.80 -20.50 -19.30
N UNK B 916 57.48 -20.42 -19.17
CA UNK B 916 56.84 -19.20 -18.69
C UNK B 916 56.14 -19.36 -17.34
N UNK B 917 56.45 -18.43 -16.45
CA UNK B 917 55.86 -18.33 -15.12
C UNK B 917 54.49 -17.68 -15.25
N UNK B 918 53.63 -17.94 -14.27
CA UNK B 918 52.22 -17.55 -14.34
C UNK B 918 51.99 -16.11 -14.77
N UNK B 919 51.06 -15.96 -15.70
CA UNK B 919 50.74 -14.66 -16.27
C UNK B 919 49.28 -14.30 -16.01
N UNK B 920 49.03 -13.24 -15.25
CA UNK B 920 47.65 -12.80 -14.99
C UNK B 920 47.19 -11.71 -15.95
N UNK B 921 46.30 -12.07 -16.87
CA UNK B 921 45.71 -11.10 -17.80
C UNK B 921 44.45 -10.46 -17.24
N UNK B 922 44.28 -9.17 -17.50
CA UNK B 922 43.10 -8.47 -16.99
C UNK B 922 42.60 -7.44 -17.99
N UNK B 923 41.31 -7.51 -18.31
CA UNK B 923 40.66 -6.55 -19.21
C UNK B 923 39.68 -5.71 -18.43
N UNK B 924 39.90 -4.40 -18.33
CA UNK B 924 40.95 -3.65 -19.04
C UNK B 924 41.28 -2.40 -18.21
N UNK B 925 42.52 -1.87 -18.20
CA UNK B 925 43.71 -2.24 -18.98
C UNK B 925 43.49 -2.19 -20.49
N UNK B 926 43.76 -3.30 -21.17
CA UNK B 926 43.67 -3.34 -22.63
C UNK B 926 42.85 -4.49 -23.23
N UNK B 927 43.17 -5.76 -22.96
CA UNK B 927 43.72 -6.26 -21.70
C UNK B 927 45.21 -6.11 -21.50
N UNK B 928 46.00 -6.29 -22.55
CA UNK B 928 47.45 -6.28 -22.45
C UNK B 928 47.88 -7.31 -21.42
N UNK B 929 47.84 -8.58 -21.82
CA UNK B 929 48.20 -9.65 -20.91
C UNK B 929 49.69 -9.60 -20.60
N UNK B 930 50.03 -9.52 -19.32
CA UNK B 930 51.42 -9.47 -18.90
C UNK B 930 51.97 -10.88 -18.98
N UNK B 931 52.99 -11.10 -19.80
CA UNK B 931 53.58 -12.42 -19.91
C UNK B 931 54.88 -12.48 -19.12
N UNK B 932 54.93 -13.42 -18.18
CA UNK B 932 56.10 -13.59 -17.33
C UNK B 932 56.76 -14.92 -17.66
N UNK B 933 58.08 -14.97 -17.54
CA UNK B 933 58.81 -16.20 -17.82
C UNK B 933 59.85 -16.52 -16.77
N UNK B 934 60.11 -17.81 -16.59
CA UNK B 934 61.08 -18.29 -15.62
C UNK B 934 62.43 -17.73 -16.00
N UNK B 935 62.62 -17.54 -17.30
CA UNK B 935 63.87 -17.05 -17.87
C UNK B 935 64.10 -15.57 -17.52
N UNK B 936 63.19 -15.02 -16.71
CA UNK B 936 63.17 -13.61 -16.29
C UNK B 936 62.64 -12.70 -17.38
N UNK B 937 62.58 -13.20 -18.60
CA UNK B 937 62.04 -12.42 -19.70
C UNK B 937 60.57 -12.09 -19.42
N UNK B 938 60.20 -10.84 -19.66
CA UNK B 938 58.82 -10.40 -19.50
C UNK B 938 58.37 -9.66 -20.76
N UNK B 939 57.20 -9.99 -21.28
CA UNK B 939 56.76 -9.35 -22.52
C UNK B 939 55.27 -9.06 -22.49
N UNK B 940 54.85 -7.99 -23.17
CA UNK B 940 53.43 -7.68 -23.20
C UNK B 940 52.79 -8.19 -24.48
N UNK B 941 51.75 -9.00 -24.33
CA UNK B 941 51.12 -9.64 -25.47
C UNK B 941 49.86 -8.87 -25.89
N UNK B 942 49.64 -8.78 -27.20
CA UNK B 942 48.43 -8.18 -27.72
C UNK B 942 47.43 -9.27 -28.08
N UNK B 943 46.16 -9.06 -27.72
CA UNK B 943 45.13 -10.06 -27.94
C UNK B 943 44.90 -10.32 -29.43
N UNK B 944 44.72 -9.27 -30.20
CA UNK B 944 44.46 -9.40 -31.63
C UNK B 944 45.74 -9.67 -32.43
N UNK B 945 46.85 -9.06 -32.02
CA UNK B 945 48.09 -9.13 -32.79
C UNK B 945 48.90 -10.40 -32.51
N UNK B 946 49.59 -10.87 -33.53
CA UNK B 946 50.37 -12.10 -33.47
C UNK B 946 51.76 -11.80 -32.92
N UNK B 947 52.09 -10.51 -32.86
CA UNK B 947 53.39 -10.06 -32.37
C UNK B 947 53.23 -9.33 -31.04
N UNK B 948 54.17 -9.54 -30.11
CA UNK B 948 54.05 -8.94 -28.79
C UNK B 948 54.64 -7.54 -28.83
N UNK B 949 54.10 -6.65 -28.01
CA UNK B 949 54.55 -5.26 -28.00
C UNK B 949 55.92 -5.06 -27.36
N UNK B 950 55.97 -5.18 -26.04
CA UNK B 950 57.20 -4.88 -25.32
C UNK B 950 57.91 -6.14 -24.90
N UNK B 951 59.23 -6.06 -24.84
CA UNK B 951 60.04 -7.15 -24.33
C UNK B 951 61.12 -6.54 -23.44
N UNK B 952 61.18 -7.00 -22.18
CA UNK B 952 62.15 -6.48 -21.21
C UNK B 952 62.44 -7.48 -20.09
N UNK B 953 63.65 -7.44 -19.54
CA UNK B 953 63.98 -8.31 -18.41
C UNK B 953 64.44 -7.44 -17.24
N UNK B 954 63.80 -7.65 -16.09
CA UNK B 954 64.06 -6.81 -14.93
C UNK B 954 65.32 -7.18 -14.15
N UNK B 955 65.47 -8.46 -13.82
CA UNK B 955 66.61 -8.86 -13.00
C UNK B 955 67.08 -10.24 -13.38
N UNK B 956 68.36 -10.49 -13.14
CA UNK B 956 68.93 -11.77 -13.45
C UNK B 956 69.01 -12.57 -12.16
N UNK B 957 68.13 -13.55 -12.05
CA UNK B 957 67.96 -14.39 -10.87
C UNK B 957 66.77 -15.30 -11.13
N UNK B 958 66.61 -16.34 -10.33
CA UNK B 958 65.43 -17.17 -10.44
C UNK B 958 64.22 -16.34 -10.03
N UNK B 959 63.21 -16.28 -10.89
CA UNK B 959 62.01 -15.53 -10.55
C UNK B 959 60.89 -16.50 -10.27
N UNK B 960 60.54 -16.62 -9.00
CA UNK B 960 59.53 -17.56 -8.58
C UNK B 960 58.18 -16.88 -8.41
N UNK B 961 58.13 -15.57 -8.60
CA UNK B 961 56.85 -14.88 -8.43
C UNK B 961 56.67 -13.72 -9.42
N UNK B 962 55.48 -13.63 -10.00
CA UNK B 962 55.13 -12.45 -10.78
C UNK B 962 53.69 -12.04 -10.46
N UNK B 963 53.52 -10.77 -10.11
CA UNK B 963 52.21 -10.24 -9.77
C UNK B 963 51.77 -9.17 -10.75
N UNK B 964 50.50 -9.21 -11.12
CA UNK B 964 49.93 -8.25 -12.04
C UNK B 964 48.89 -7.45 -11.28
N UNK B 965 48.68 -6.20 -11.68
CA UNK B 965 47.70 -5.35 -10.99
C UNK B 965 46.56 -5.08 -11.95
N UNK B 966 45.34 -5.28 -11.45
CA UNK B 966 44.16 -5.25 -12.32
C UNK B 966 43.63 -3.84 -12.61
N UNK B 967 43.81 -2.91 -11.68
CA UNK B 967 43.29 -1.56 -11.91
C UNK B 967 44.34 -0.70 -12.59
N UNK B 968 45.34 -0.27 -11.83
CA UNK B 968 46.43 0.51 -12.38
C UNK B 968 47.33 -0.39 -13.22
N UNK B 969 48.09 0.20 -14.13
CA UNK B 969 49.05 -0.58 -14.90
C UNK B 969 50.42 -0.60 -14.22
N UNK B 970 50.77 -1.75 -13.64
CA UNK B 970 52.10 -1.93 -13.07
C UNK B 970 52.46 -3.41 -13.07
N UNK B 971 53.73 -3.71 -13.32
CA UNK B 971 54.19 -5.09 -13.27
C UNK B 971 54.91 -5.30 -11.95
N UNK B 972 54.79 -6.50 -11.41
CA UNK B 972 55.50 -6.83 -10.18
C UNK B 972 56.32 -8.10 -10.37
N UNK B 973 57.62 -8.02 -10.12
CA UNK B 973 58.47 -9.18 -10.29
C UNK B 973 59.21 -9.52 -9.00
N UNK B 974 59.03 -10.75 -8.52
CA UNK B 974 59.72 -11.23 -7.33
C UNK B 974 60.67 -12.39 -7.64
N UNK B 975 61.96 -12.07 -7.55
CA UNK B 975 63.09 -12.98 -7.75
C UNK B 975 63.38 -13.84 -6.53
N UNK B 976 64.12 -14.93 -6.72
CA UNK B 976 64.57 -15.77 -5.62
C UNK B 976 65.65 -15.00 -4.86
N UNK B 977 65.95 -13.82 -5.39
CA UNK B 977 66.80 -12.82 -4.77
C UNK B 977 65.88 -11.94 -3.94
N UNK B 978 66.32 -11.53 -2.76
CA UNK B 978 65.46 -10.78 -1.83
C UNK B 978 64.91 -9.49 -2.43
N UNK B 979 65.69 -8.80 -3.27
CA UNK B 979 65.22 -7.55 -3.87
C UNK B 979 64.11 -7.83 -4.90
N UNK B 980 62.94 -7.24 -4.70
CA UNK B 980 61.81 -7.49 -5.61
C UNK B 980 61.38 -6.20 -6.32
N UNK B 981 61.39 -6.22 -7.65
CA UNK B 981 61.15 -5.01 -8.44
C UNK B 981 59.68 -4.81 -8.84
N UNK B 982 59.06 -3.75 -8.33
CA UNK B 982 57.74 -3.39 -8.84
C UNK B 982 57.92 -2.26 -9.83
N UNK B 983 57.81 -2.60 -11.12
CA UNK B 983 57.99 -1.64 -12.19
C UNK B 983 56.70 -1.24 -12.87
N UNK B 984 56.59 0.03 -13.25
CA UNK B 984 55.44 0.49 -14.02
C UNK B 984 55.45 -0.25 -15.36
N UNK B 985 54.26 -0.49 -15.91
CA UNK B 985 54.13 -1.25 -17.14
C UNK B 985 54.90 -0.60 -18.28
N UNK B 986 55.61 -1.42 -19.06
CA UNK B 986 56.40 -0.99 -20.21
C UNK B 986 57.35 0.13 -19.81
N UNK B 987 57.69 0.16 -18.53
CA UNK B 987 58.46 1.24 -17.95
C UNK B 987 59.69 0.71 -17.25
N UNK B 988 60.32 1.59 -16.49
CA UNK B 988 61.55 1.27 -15.79
C UNK B 988 61.19 0.79 -14.40
N UNK B 989 62.22 0.49 -13.61
CA UNK B 989 62.09 -0.18 -12.32
C UNK B 989 61.03 0.38 -11.37
N UNK B 990 60.72 1.67 -11.48
CA UNK B 990 59.75 2.30 -10.57
C UNK B 990 60.16 1.95 -9.15
N UNK B 991 61.29 2.50 -8.74
CA UNK B 991 61.93 2.18 -7.47
C UNK B 991 62.19 0.68 -7.38
N UNK B 992 62.03 0.13 -6.18
CA UNK B 992 62.33 -1.26 -5.87
C UNK B 992 62.12 -1.45 -4.39
N UNK B 993 62.29 -2.67 -3.90
CA UNK B 993 62.06 -2.90 -2.47
C UNK B 993 63.02 -3.90 -1.86
N UNK B 994 63.39 -3.63 -0.61
CA UNK B 994 64.19 -4.54 0.19
C UNK B 994 63.38 -4.98 1.41
N UNK B 995 63.24 -6.29 1.60
CA UNK B 995 62.46 -6.84 2.70
C UNK B 995 62.78 -8.32 2.90
N UNK B 996 66.14 -15.64 1.58
CA UNK B 996 66.70 -14.68 0.62
C UNK B 996 65.86 -14.66 -0.65
N UNK B 997 64.80 -15.46 -0.66
CA UNK B 997 63.91 -15.53 -1.81
C UNK B 997 62.53 -14.99 -1.50
N UNK B 998 61.99 -14.16 -2.40
CA UNK B 998 60.65 -13.66 -2.22
C UNK B 998 59.66 -14.74 -2.62
N UNK B 999 58.87 -15.21 -1.66
CA UNK B 999 57.95 -16.30 -1.92
C UNK B 999 56.71 -15.89 -2.72
N UNK B 1000 56.03 -14.84 -2.29
CA UNK B 1000 54.81 -14.41 -2.95
C UNK B 1000 54.67 -12.90 -3.04
N UNK B 1001 54.53 -12.38 -4.26
CA UNK B 1001 54.20 -10.97 -4.43
C UNK B 1001 52.70 -10.89 -4.69
N UNK B 1002 52.03 -9.87 -4.15
CA UNK B 1002 50.60 -9.80 -4.44
C UNK B 1002 50.04 -8.39 -4.62
N UNK B 1003 49.30 -8.21 -5.69
CA UNK B 1003 48.68 -6.93 -5.98
C UNK B 1003 47.24 -6.89 -5.43
N UNK B 1004 46.89 -5.83 -4.74
CA UNK B 1004 45.51 -5.60 -4.34
C UNK B 1004 44.75 -5.05 -5.54
N UNK B 1005 43.43 -5.24 -5.59
CA UNK B 1005 42.68 -4.82 -6.76
C UNK B 1005 42.08 -3.42 -6.67
N UNK B 1006 41.12 -3.23 -5.78
CA UNK B 1006 40.42 -1.95 -5.72
C UNK B 1006 41.35 -0.80 -5.30
N UNK B 1007 42.06 -1.00 -4.19
CA UNK B 1007 43.01 -0.01 -3.68
C UNK B 1007 44.40 -0.59 -3.86
N UNK B 1008 45.38 0.26 -4.22
CA UNK B 1008 46.72 -0.25 -4.47
C UNK B 1008 47.52 -0.62 -3.22
N UNK B 1009 47.97 -1.87 -3.19
CA UNK B 1009 48.83 -2.38 -2.12
C UNK B 1009 49.66 -3.56 -2.61
N UNK B 1010 50.91 -3.63 -2.19
CA UNK B 1010 51.78 -4.73 -2.57
C UNK B 1010 52.09 -5.60 -1.35
N UNK B 1011 51.82 -6.89 -1.46
CA UNK B 1011 52.22 -7.82 -0.42
C UNK B 1011 53.54 -8.50 -0.77
N UNK B 1012 54.42 -8.59 0.23
CA UNK B 1012 55.69 -9.28 0.14
C UNK B 1012 55.75 -10.51 1.04
N UNK B 1013 56.62 -11.46 0.69
CA UNK B 1013 56.84 -12.67 1.48
C UNK B 1013 58.31 -13.11 1.41
N UNK B 1014 58.80 -13.67 2.51
CA UNK B 1014 60.18 -14.15 2.58
C UNK B 1014 60.26 -15.65 2.80
N UNK B 1015 61.21 -16.29 2.11
CA UNK B 1015 61.36 -17.74 2.18
C UNK B 1015 62.31 -18.19 3.30
N UNK B 1016 63.05 -17.26 3.88
CA UNK B 1016 63.97 -17.61 4.96
C UNK B 1016 63.25 -17.61 6.32
N UNK B 1017 62.44 -16.59 6.53
CA UNK B 1017 61.63 -16.45 7.73
C UNK B 1017 60.23 -16.11 7.29
N UNK B 1018 59.22 -16.41 8.10
CA UNK B 1018 57.87 -16.16 7.64
C UNK B 1018 57.30 -14.88 8.24
N UNK B 1019 57.14 -13.88 7.37
CA UNK B 1019 56.50 -12.63 7.72
C UNK B 1019 55.78 -12.08 6.48
N UNK B 1020 54.53 -11.67 6.64
CA UNK B 1020 53.80 -11.08 5.53
C UNK B 1020 54.03 -9.57 5.53
N UNK B 1021 54.28 -8.98 4.37
CA UNK B 1021 54.57 -7.56 4.35
C UNK B 1021 53.60 -6.75 3.52
N UNK B 1022 53.18 -5.62 4.06
CA UNK B 1022 52.20 -4.75 3.42
C UNK B 1022 52.86 -3.42 3.08
N UNK B 1023 53.03 -3.12 1.80
CA UNK B 1023 53.63 -1.84 1.43
C UNK B 1023 52.79 -1.09 0.39
N UNK B 1024 52.71 0.24 0.58
CA UNK B 1024 51.96 1.11 -0.32
C UNK B 1024 52.86 2.08 -1.07
N UNK B 1025 52.47 2.47 -2.28
CA UNK B 1025 53.29 3.37 -3.08
C UNK B 1025 53.28 4.80 -2.51
N UNK B 1026 54.46 5.40 -2.39
CA UNK B 1026 54.62 6.74 -1.82
C UNK B 1026 55.09 7.71 -2.89
N UNK B 1027 55.22 8.99 -2.57
CA UNK B 1027 55.61 9.95 -3.61
C UNK B 1027 57.09 10.28 -3.57
N UNK B 1028 57.79 9.85 -4.62
CA UNK B 1028 59.20 10.16 -4.84
C UNK B 1028 59.40 10.34 -6.34
N UNK B 1029 60.61 10.72 -6.76
CA UNK B 1029 60.90 10.88 -8.18
C UNK B 1029 61.72 9.71 -8.72
#